data_4FZP
# 
_entry.id   4FZP 
# 
_audit_conform.dict_name       mmcif_pdbx.dic 
_audit_conform.dict_version    5.387 
_audit_conform.dict_location   http://mmcif.pdb.org/dictionaries/ascii/mmcif_pdbx.dic 
# 
loop_
_database_2.database_id 
_database_2.database_code 
_database_2.pdbx_database_accession 
_database_2.pdbx_DOI 
PDB   4FZP         pdb_00004fzp 10.2210/pdb4fzp/pdb 
RCSB  RCSB073554   ?            ?                   
WWPDB D_1000073554 ?            ?                   
# 
loop_
_pdbx_audit_revision_history.ordinal 
_pdbx_audit_revision_history.data_content_type 
_pdbx_audit_revision_history.major_revision 
_pdbx_audit_revision_history.minor_revision 
_pdbx_audit_revision_history.revision_date 
1 'Structure model' 1 0 2013-12-11 
2 'Structure model' 1 1 2014-05-21 
3 'Structure model' 1 2 2024-02-28 
# 
_pdbx_audit_revision_details.ordinal             1 
_pdbx_audit_revision_details.revision_ordinal    1 
_pdbx_audit_revision_details.data_content_type   'Structure model' 
_pdbx_audit_revision_details.provider            repository 
_pdbx_audit_revision_details.type                'Initial release' 
_pdbx_audit_revision_details.description         ? 
_pdbx_audit_revision_details.details             ? 
# 
loop_
_pdbx_audit_revision_group.ordinal 
_pdbx_audit_revision_group.revision_ordinal 
_pdbx_audit_revision_group.data_content_type 
_pdbx_audit_revision_group.group 
1 2 'Structure model' 'Database references'  
2 3 'Structure model' 'Data collection'      
3 3 'Structure model' 'Database references'  
4 3 'Structure model' 'Derived calculations' 
# 
loop_
_pdbx_audit_revision_category.ordinal 
_pdbx_audit_revision_category.revision_ordinal 
_pdbx_audit_revision_category.data_content_type 
_pdbx_audit_revision_category.category 
1 3 'Structure model' chem_comp_atom         
2 3 'Structure model' chem_comp_bond         
3 3 'Structure model' database_2             
4 3 'Structure model' pdbx_struct_conn_angle 
5 3 'Structure model' struct_conn            
6 3 'Structure model' struct_ref_seq_dif     
7 3 'Structure model' struct_site            
# 
loop_
_pdbx_audit_revision_item.ordinal 
_pdbx_audit_revision_item.revision_ordinal 
_pdbx_audit_revision_item.data_content_type 
_pdbx_audit_revision_item.item 
1  3 'Structure model' '_database_2.pdbx_DOI'                        
2  3 'Structure model' '_database_2.pdbx_database_accession'         
3  3 'Structure model' '_pdbx_struct_conn_angle.ptnr1_auth_asym_id'  
4  3 'Structure model' '_pdbx_struct_conn_angle.ptnr1_auth_comp_id'  
5  3 'Structure model' '_pdbx_struct_conn_angle.ptnr1_auth_seq_id'   
6  3 'Structure model' '_pdbx_struct_conn_angle.ptnr1_label_asym_id' 
7  3 'Structure model' '_pdbx_struct_conn_angle.ptnr1_label_atom_id' 
8  3 'Structure model' '_pdbx_struct_conn_angle.ptnr1_label_comp_id' 
9  3 'Structure model' '_pdbx_struct_conn_angle.ptnr1_label_seq_id'  
10 3 'Structure model' '_pdbx_struct_conn_angle.ptnr2_auth_asym_id'  
11 3 'Structure model' '_pdbx_struct_conn_angle.ptnr2_label_asym_id' 
12 3 'Structure model' '_pdbx_struct_conn_angle.ptnr3_auth_asym_id'  
13 3 'Structure model' '_pdbx_struct_conn_angle.ptnr3_auth_comp_id'  
14 3 'Structure model' '_pdbx_struct_conn_angle.ptnr3_auth_seq_id'   
15 3 'Structure model' '_pdbx_struct_conn_angle.ptnr3_label_asym_id' 
16 3 'Structure model' '_pdbx_struct_conn_angle.ptnr3_label_atom_id' 
17 3 'Structure model' '_pdbx_struct_conn_angle.ptnr3_label_comp_id' 
18 3 'Structure model' '_pdbx_struct_conn_angle.ptnr3_label_seq_id'  
19 3 'Structure model' '_pdbx_struct_conn_angle.value'               
20 3 'Structure model' '_struct_conn.pdbx_dist_value'                
21 3 'Structure model' '_struct_conn.ptnr1_auth_asym_id'             
22 3 'Structure model' '_struct_conn.ptnr1_auth_comp_id'             
23 3 'Structure model' '_struct_conn.ptnr1_auth_seq_id'              
24 3 'Structure model' '_struct_conn.ptnr1_label_asym_id'            
25 3 'Structure model' '_struct_conn.ptnr1_label_atom_id'            
26 3 'Structure model' '_struct_conn.ptnr1_label_comp_id'            
27 3 'Structure model' '_struct_conn.ptnr1_label_seq_id'             
28 3 'Structure model' '_struct_conn.ptnr2_auth_asym_id'             
29 3 'Structure model' '_struct_conn.ptnr2_auth_comp_id'             
30 3 'Structure model' '_struct_conn.ptnr2_auth_seq_id'              
31 3 'Structure model' '_struct_conn.ptnr2_label_asym_id'            
32 3 'Structure model' '_struct_conn.ptnr2_label_atom_id'            
33 3 'Structure model' '_struct_conn.ptnr2_label_comp_id'            
34 3 'Structure model' '_struct_ref_seq_dif.details'                 
35 3 'Structure model' '_struct_site.pdbx_auth_asym_id'              
36 3 'Structure model' '_struct_site.pdbx_auth_comp_id'              
37 3 'Structure model' '_struct_site.pdbx_auth_seq_id'               
# 
_pdbx_database_status.entry_id                        4FZP 
_pdbx_database_status.status_code                     REL 
_pdbx_database_status.deposit_site                    RCSB 
_pdbx_database_status.process_site                    RCSB 
_pdbx_database_status.recvd_initial_deposition_date   2012-07-06 
_pdbx_database_status.status_code_sf                  REL 
_pdbx_database_status.status_code_mr                  ? 
_pdbx_database_status.SG_entry                        ? 
_pdbx_database_status.status_code_cs                  ? 
_pdbx_database_status.methods_development_category    ? 
_pdbx_database_status.pdb_format_compatible           Y 
_pdbx_database_status.status_code_nmr_data            ? 
# 
_pdbx_database_related.db_name        PDB 
_pdbx_database_related.db_id          4FZO 
_pdbx_database_related.details        'uranyl binding protein apo-form' 
_pdbx_database_related.content_type   unspecified 
# 
loop_
_audit_author.name 
_audit_author.pdbx_ordinal 
'Zhou, L.'  1 
'Zhang, L.' 2 
'He, C.'    3 
# 
_citation.id                        primary 
_citation.title                     'A protein engineered to bind uranyl selectively and with femtomolar affinity.' 
_citation.journal_abbrev            'Nat Chem' 
_citation.journal_volume            6 
_citation.page_first                236 
_citation.page_last                 241 
_citation.year                      2014 
_citation.journal_id_ASTM           ? 
_citation.country                   UK 
_citation.journal_id_ISSN           1755-4330 
_citation.journal_id_CSD            0353 
_citation.book_publisher            ? 
_citation.pdbx_database_id_PubMed   24557139 
_citation.pdbx_database_id_DOI      10.1038/nchem.1856 
# 
loop_
_citation_author.citation_id 
_citation_author.name 
_citation_author.ordinal 
_citation_author.identifier_ORCID 
primary 'Zhou, L.'      1  ? 
primary 'Bosscher, M.'  2  ? 
primary 'Zhang, C.'     3  ? 
primary 'Ozcubukcu, S.' 4  ? 
primary 'Zhang, L.'     5  ? 
primary 'Zhang, W.'     6  ? 
primary 'Li, C.J.'      7  ? 
primary 'Liu, J.'       8  ? 
primary 'Jensen, M.P.'  9  ? 
primary 'Lai, L.'       10 ? 
primary 'He, C.'        11 ? 
# 
loop_
_entity.id 
_entity.type 
_entity.src_method 
_entity.pdbx_description 
_entity.formula_weight 
_entity.pdbx_number_of_molecules 
_entity.pdbx_ec 
_entity.pdbx_mutation 
_entity.pdbx_fragment 
_entity.details 
1 polymer     man 'uranyl binding protein' 9542.686 2   ? ? ? ? 
2 non-polymer syn 'URANYL (VI) ION'        270.028  2   ? ? ? ? 
3 water       nat water                    18.015   119 ? ? ? ? 
# 
_entity_poly.entity_id                      1 
_entity_poly.type                           'polypeptide(L)' 
_entity_poly.nstd_linkage                   no 
_entity_poly.nstd_monomer                   no 
_entity_poly.pdbx_seq_one_letter_code       
;SNALDCRERIEKDLEDLEKELMEMKSIKLSDDEEAVVERALNYRDDSVYYLEKGDHITSFGCITYAEGLTDSLRMLHRII
EG
;
_entity_poly.pdbx_seq_one_letter_code_can   
;SNALDCRERIEKDLEDLEKELMEMKSIKLSDDEEAVVERALNYRDDSVYYLEKGDHITSFGCITYAEGLTDSLRMLHRII
EG
;
_entity_poly.pdbx_strand_id                 A,B 
_entity_poly.pdbx_target_identifier         ? 
# 
loop_
_pdbx_entity_nonpoly.entity_id 
_pdbx_entity_nonpoly.name 
_pdbx_entity_nonpoly.comp_id 
2 'URANYL (VI) ION' IUM 
3 water             HOH 
# 
loop_
_entity_poly_seq.entity_id 
_entity_poly_seq.num 
_entity_poly_seq.mon_id 
_entity_poly_seq.hetero 
1 1  SER n 
1 2  ASN n 
1 3  ALA n 
1 4  LEU n 
1 5  ASP n 
1 6  CYS n 
1 7  ARG n 
1 8  GLU n 
1 9  ARG n 
1 10 ILE n 
1 11 GLU n 
1 12 LYS n 
1 13 ASP n 
1 14 LEU n 
1 15 GLU n 
1 16 ASP n 
1 17 LEU n 
1 18 GLU n 
1 19 LYS n 
1 20 GLU n 
1 21 LEU n 
1 22 MET n 
1 23 GLU n 
1 24 MET n 
1 25 LYS n 
1 26 SER n 
1 27 ILE n 
1 28 LYS n 
1 29 LEU n 
1 30 SER n 
1 31 ASP n 
1 32 ASP n 
1 33 GLU n 
1 34 GLU n 
1 35 ALA n 
1 36 VAL n 
1 37 VAL n 
1 38 GLU n 
1 39 ARG n 
1 40 ALA n 
1 41 LEU n 
1 42 ASN n 
1 43 TYR n 
1 44 ARG n 
1 45 ASP n 
1 46 ASP n 
1 47 SER n 
1 48 VAL n 
1 49 TYR n 
1 50 TYR n 
1 51 LEU n 
1 52 GLU n 
1 53 LYS n 
1 54 GLY n 
1 55 ASP n 
1 56 HIS n 
1 57 ILE n 
1 58 THR n 
1 59 SER n 
1 60 PHE n 
1 61 GLY n 
1 62 CYS n 
1 63 ILE n 
1 64 THR n 
1 65 TYR n 
1 66 ALA n 
1 67 GLU n 
1 68 GLY n 
1 69 LEU n 
1 70 THR n 
1 71 ASP n 
1 72 SER n 
1 73 LEU n 
1 74 ARG n 
1 75 MET n 
1 76 LEU n 
1 77 HIS n 
1 78 ARG n 
1 79 ILE n 
1 80 ILE n 
1 81 GLU n 
1 82 GLY n 
# 
_entity_src_gen.entity_id                          1 
_entity_src_gen.pdbx_src_id                        1 
_entity_src_gen.pdbx_alt_source_flag               sample 
_entity_src_gen.pdbx_seq_type                      ? 
_entity_src_gen.pdbx_beg_seq_num                   ? 
_entity_src_gen.pdbx_end_seq_num                   ? 
_entity_src_gen.gene_src_common_name               ? 
_entity_src_gen.gene_src_genus                     ? 
_entity_src_gen.pdbx_gene_src_gene                 MTH_1690 
_entity_src_gen.gene_src_species                   ? 
_entity_src_gen.gene_src_strain                    'ATCC 29096 / DSM 1053 / JCM 10044 / NBRC 100330 / Delta H' 
_entity_src_gen.gene_src_tissue                    ? 
_entity_src_gen.gene_src_tissue_fraction           ? 
_entity_src_gen.gene_src_details                   ? 
_entity_src_gen.pdbx_gene_src_fragment             ? 
_entity_src_gen.pdbx_gene_src_scientific_name      'Methanothermobacter thermautotrophicus' 
_entity_src_gen.pdbx_gene_src_ncbi_taxonomy_id     187420 
_entity_src_gen.pdbx_gene_src_variant              ? 
_entity_src_gen.pdbx_gene_src_cell_line            ? 
_entity_src_gen.pdbx_gene_src_atcc                 ? 
_entity_src_gen.pdbx_gene_src_organ                ? 
_entity_src_gen.pdbx_gene_src_organelle            ? 
_entity_src_gen.pdbx_gene_src_cell                 ? 
_entity_src_gen.pdbx_gene_src_cellular_location    ? 
_entity_src_gen.host_org_common_name               ? 
_entity_src_gen.pdbx_host_org_scientific_name      'Escherichia coli' 
_entity_src_gen.pdbx_host_org_ncbi_taxonomy_id     562 
_entity_src_gen.host_org_genus                     ? 
_entity_src_gen.pdbx_host_org_gene                 ? 
_entity_src_gen.pdbx_host_org_organ                ? 
_entity_src_gen.host_org_species                   ? 
_entity_src_gen.pdbx_host_org_tissue               ? 
_entity_src_gen.pdbx_host_org_tissue_fraction      ? 
_entity_src_gen.pdbx_host_org_strain               ? 
_entity_src_gen.pdbx_host_org_variant              ? 
_entity_src_gen.pdbx_host_org_cell_line            ? 
_entity_src_gen.pdbx_host_org_atcc                 ? 
_entity_src_gen.pdbx_host_org_culture_collection   ? 
_entity_src_gen.pdbx_host_org_cell                 ? 
_entity_src_gen.pdbx_host_org_organelle            ? 
_entity_src_gen.pdbx_host_org_cellular_location    ? 
_entity_src_gen.pdbx_host_org_vector_type          plasmid 
_entity_src_gen.pdbx_host_org_vector               ? 
_entity_src_gen.host_org_details                   ? 
_entity_src_gen.expression_system_id               ? 
_entity_src_gen.plasmid_name                       pMCSG19 
_entity_src_gen.plasmid_details                    ? 
_entity_src_gen.pdbx_description                   ? 
# 
loop_
_chem_comp.id 
_chem_comp.type 
_chem_comp.mon_nstd_flag 
_chem_comp.name 
_chem_comp.pdbx_synonyms 
_chem_comp.formula 
_chem_comp.formula_weight 
ALA 'L-peptide linking' y ALANINE           ? 'C3 H7 N O2'     89.093  
ARG 'L-peptide linking' y ARGININE          ? 'C6 H15 N4 O2 1' 175.209 
ASN 'L-peptide linking' y ASPARAGINE        ? 'C4 H8 N2 O3'    132.118 
ASP 'L-peptide linking' y 'ASPARTIC ACID'   ? 'C4 H7 N O4'     133.103 
CYS 'L-peptide linking' y CYSTEINE          ? 'C3 H7 N O2 S'   121.158 
GLU 'L-peptide linking' y 'GLUTAMIC ACID'   ? 'C5 H9 N O4'     147.129 
GLY 'peptide linking'   y GLYCINE           ? 'C2 H5 N O2'     75.067  
HIS 'L-peptide linking' y HISTIDINE         ? 'C6 H10 N3 O2 1' 156.162 
HOH non-polymer         . WATER             ? 'H2 O'           18.015  
ILE 'L-peptide linking' y ISOLEUCINE        ? 'C6 H13 N O2'    131.173 
IUM non-polymer         . 'URANYL (VI) ION' ? 'O2 U 2'         270.028 
LEU 'L-peptide linking' y LEUCINE           ? 'C6 H13 N O2'    131.173 
LYS 'L-peptide linking' y LYSINE            ? 'C6 H15 N2 O2 1' 147.195 
MET 'L-peptide linking' y METHIONINE        ? 'C5 H11 N O2 S'  149.211 
PHE 'L-peptide linking' y PHENYLALANINE     ? 'C9 H11 N O2'    165.189 
SER 'L-peptide linking' y SERINE            ? 'C3 H7 N O3'     105.093 
THR 'L-peptide linking' y THREONINE         ? 'C4 H9 N O3'     119.119 
TYR 'L-peptide linking' y TYROSINE          ? 'C9 H11 N O3'    181.189 
VAL 'L-peptide linking' y VALINE            ? 'C5 H11 N O2'    117.146 
# 
loop_
_pdbx_poly_seq_scheme.asym_id 
_pdbx_poly_seq_scheme.entity_id 
_pdbx_poly_seq_scheme.seq_id 
_pdbx_poly_seq_scheme.mon_id 
_pdbx_poly_seq_scheme.ndb_seq_num 
_pdbx_poly_seq_scheme.pdb_seq_num 
_pdbx_poly_seq_scheme.auth_seq_num 
_pdbx_poly_seq_scheme.pdb_mon_id 
_pdbx_poly_seq_scheme.auth_mon_id 
_pdbx_poly_seq_scheme.pdb_strand_id 
_pdbx_poly_seq_scheme.pdb_ins_code 
_pdbx_poly_seq_scheme.hetero 
A 1 1  SER 1  -2 ?  ?   ?   A . n 
A 1 2  ASN 2  -1 -1 ASN ASN A . n 
A 1 3  ALA 3  0  0  ALA ALA A . n 
A 1 4  LEU 4  1  1  LEU LEU A . n 
A 1 5  ASP 5  2  2  ASP ASP A . n 
A 1 6  CYS 6  3  3  CYS CYS A . n 
A 1 7  ARG 7  4  4  ARG ARG A . n 
A 1 8  GLU 8  5  5  GLU GLU A . n 
A 1 9  ARG 9  6  6  ARG ARG A . n 
A 1 10 ILE 10 7  7  ILE ILE A . n 
A 1 11 GLU 11 8  8  GLU GLU A . n 
A 1 12 LYS 12 9  9  LYS LYS A . n 
A 1 13 ASP 13 10 10 ASP ASP A . n 
A 1 14 LEU 14 11 11 LEU LEU A . n 
A 1 15 GLU 15 12 12 GLU GLU A . n 
A 1 16 ASP 16 13 13 ASP ASP A . n 
A 1 17 LEU 17 14 14 LEU LEU A . n 
A 1 18 GLU 18 15 15 GLU GLU A . n 
A 1 19 LYS 19 16 16 LYS LYS A . n 
A 1 20 GLU 20 17 17 GLU GLU A . n 
A 1 21 LEU 21 18 18 LEU LEU A . n 
A 1 22 MET 22 19 19 MET MET A . n 
A 1 23 GLU 23 20 20 GLU GLU A . n 
A 1 24 MET 24 21 21 MET MET A . n 
A 1 25 LYS 25 22 22 LYS LYS A . n 
A 1 26 SER 26 23 23 SER SER A . n 
A 1 27 ILE 27 24 24 ILE ILE A . n 
A 1 28 LYS 28 25 25 LYS LYS A . n 
A 1 29 LEU 29 26 26 LEU LEU A . n 
A 1 30 SER 30 27 27 SER SER A . n 
A 1 31 ASP 31 28 28 ASP ASP A . n 
A 1 32 ASP 32 29 29 ASP ASP A . n 
A 1 33 GLU 33 30 30 GLU GLU A . n 
A 1 34 GLU 34 31 31 GLU GLU A . n 
A 1 35 ALA 35 32 32 ALA ALA A . n 
A 1 36 VAL 36 33 33 VAL VAL A . n 
A 1 37 VAL 37 34 34 VAL VAL A . n 
A 1 38 GLU 38 35 35 GLU GLU A . n 
A 1 39 ARG 39 36 36 ARG ARG A . n 
A 1 40 ALA 40 37 37 ALA ALA A . n 
A 1 41 LEU 41 38 38 LEU LEU A . n 
A 1 42 ASN 42 39 39 ASN ASN A . n 
A 1 43 TYR 43 40 40 TYR TYR A . n 
A 1 44 ARG 44 41 41 ARG ARG A . n 
A 1 45 ASP 45 42 42 ASP ASP A . n 
A 1 46 ASP 46 43 43 ASP ASP A . n 
A 1 47 SER 47 44 44 SER SER A . n 
A 1 48 VAL 48 45 45 VAL VAL A . n 
A 1 49 TYR 49 46 46 TYR TYR A . n 
A 1 50 TYR 50 47 47 TYR TYR A . n 
A 1 51 LEU 51 48 48 LEU LEU A . n 
A 1 52 GLU 52 49 49 GLU GLU A . n 
A 1 53 LYS 53 50 50 LYS LYS A . n 
A 1 54 GLY 54 51 51 GLY GLY A . n 
A 1 55 ASP 55 52 52 ASP ASP A . n 
A 1 56 HIS 56 53 53 HIS HIS A . n 
A 1 57 ILE 57 54 54 ILE ILE A . n 
A 1 58 THR 58 55 55 THR THR A . n 
A 1 59 SER 59 56 56 SER SER A . n 
A 1 60 PHE 60 57 57 PHE PHE A . n 
A 1 61 GLY 61 58 58 GLY GLY A . n 
A 1 62 CYS 62 59 59 CYS CYS A . n 
A 1 63 ILE 63 60 60 ILE ILE A . n 
A 1 64 THR 64 61 61 THR THR A . n 
A 1 65 TYR 65 62 62 TYR TYR A . n 
A 1 66 ALA 66 63 63 ALA ALA A . n 
A 1 67 GLU 67 64 64 GLU GLU A . n 
A 1 68 GLY 68 65 65 GLY GLY A . n 
A 1 69 LEU 69 66 66 LEU LEU A . n 
A 1 70 THR 70 67 67 THR THR A . n 
A 1 71 ASP 71 68 68 ASP ASP A . n 
A 1 72 SER 72 69 69 SER SER A . n 
A 1 73 LEU 73 70 70 LEU LEU A . n 
A 1 74 ARG 74 71 71 ARG ARG A . n 
A 1 75 MET 75 72 72 MET MET A . n 
A 1 76 LEU 76 73 73 LEU LEU A . n 
A 1 77 HIS 77 74 74 HIS HIS A . n 
A 1 78 ARG 78 75 75 ARG ARG A . n 
A 1 79 ILE 79 76 76 ILE ILE A . n 
A 1 80 ILE 80 77 77 ILE ILE A . n 
A 1 81 GLU 81 78 78 GLU GLU A . n 
A 1 82 GLY 82 79 79 GLY GLY A . n 
B 1 1  SER 1  -2 ?  ?   ?   B . n 
B 1 2  ASN 2  -1 ?  ?   ?   B . n 
B 1 3  ALA 3  0  0  ALA ALA B . n 
B 1 4  LEU 4  1  1  LEU LEU B . n 
B 1 5  ASP 5  2  2  ASP ASP B . n 
B 1 6  CYS 6  3  3  CYS CYS B . n 
B 1 7  ARG 7  4  4  ARG ARG B . n 
B 1 8  GLU 8  5  5  GLU GLU B . n 
B 1 9  ARG 9  6  6  ARG ARG B . n 
B 1 10 ILE 10 7  7  ILE ILE B . n 
B 1 11 GLU 11 8  8  GLU GLU B . n 
B 1 12 LYS 12 9  9  LYS LYS B . n 
B 1 13 ASP 13 10 10 ASP ASP B . n 
B 1 14 LEU 14 11 11 LEU LEU B . n 
B 1 15 GLU 15 12 12 GLU GLU B . n 
B 1 16 ASP 16 13 13 ASP ASP B . n 
B 1 17 LEU 17 14 14 LEU LEU B . n 
B 1 18 GLU 18 15 15 GLU GLU B . n 
B 1 19 LYS 19 16 16 LYS LYS B . n 
B 1 20 GLU 20 17 17 GLU GLU B . n 
B 1 21 LEU 21 18 18 LEU LEU B . n 
B 1 22 MET 22 19 19 MET MET B . n 
B 1 23 GLU 23 20 20 GLU GLU B . n 
B 1 24 MET 24 21 21 MET MET B . n 
B 1 25 LYS 25 22 22 LYS LYS B . n 
B 1 26 SER 26 23 23 SER SER B . n 
B 1 27 ILE 27 24 24 ILE ILE B . n 
B 1 28 LYS 28 25 25 LYS LYS B . n 
B 1 29 LEU 29 26 26 LEU LEU B . n 
B 1 30 SER 30 27 27 SER SER B . n 
B 1 31 ASP 31 28 28 ASP ASP B . n 
B 1 32 ASP 32 29 29 ASP ASP B . n 
B 1 33 GLU 33 30 30 GLU GLU B . n 
B 1 34 GLU 34 31 31 GLU GLU B . n 
B 1 35 ALA 35 32 32 ALA ALA B . n 
B 1 36 VAL 36 33 33 VAL VAL B . n 
B 1 37 VAL 37 34 34 VAL VAL B . n 
B 1 38 GLU 38 35 35 GLU GLU B . n 
B 1 39 ARG 39 36 36 ARG ARG B . n 
B 1 40 ALA 40 37 37 ALA ALA B . n 
B 1 41 LEU 41 38 38 LEU LEU B . n 
B 1 42 ASN 42 39 39 ASN ASN B . n 
B 1 43 TYR 43 40 40 TYR TYR B . n 
B 1 44 ARG 44 41 41 ARG ARG B . n 
B 1 45 ASP 45 42 42 ASP ASP B . n 
B 1 46 ASP 46 43 43 ASP ASP B . n 
B 1 47 SER 47 44 44 SER SER B . n 
B 1 48 VAL 48 45 45 VAL VAL B . n 
B 1 49 TYR 49 46 46 TYR TYR B . n 
B 1 50 TYR 50 47 47 TYR TYR B . n 
B 1 51 LEU 51 48 48 LEU LEU B . n 
B 1 52 GLU 52 49 49 GLU GLU B . n 
B 1 53 LYS 53 50 50 LYS LYS B . n 
B 1 54 GLY 54 51 51 GLY GLY B . n 
B 1 55 ASP 55 52 52 ASP ASP B . n 
B 1 56 HIS 56 53 53 HIS HIS B . n 
B 1 57 ILE 57 54 54 ILE ILE B . n 
B 1 58 THR 58 55 55 THR THR B . n 
B 1 59 SER 59 56 56 SER SER B . n 
B 1 60 PHE 60 57 57 PHE PHE B . n 
B 1 61 GLY 61 58 58 GLY GLY B . n 
B 1 62 CYS 62 59 59 CYS CYS B . n 
B 1 63 ILE 63 60 60 ILE ILE B . n 
B 1 64 THR 64 61 61 THR THR B . n 
B 1 65 TYR 65 62 62 TYR TYR B . n 
B 1 66 ALA 66 63 63 ALA ALA B . n 
B 1 67 GLU 67 64 64 GLU GLU B . n 
B 1 68 GLY 68 65 65 GLY GLY B . n 
B 1 69 LEU 69 66 66 LEU LEU B . n 
B 1 70 THR 70 67 67 THR THR B . n 
B 1 71 ASP 71 68 68 ASP ASP B . n 
B 1 72 SER 72 69 69 SER SER B . n 
B 1 73 LEU 73 70 70 LEU LEU B . n 
B 1 74 ARG 74 71 71 ARG ARG B . n 
B 1 75 MET 75 72 72 MET MET B . n 
B 1 76 LEU 76 73 73 LEU LEU B . n 
B 1 77 HIS 77 74 74 HIS HIS B . n 
B 1 78 ARG 78 75 75 ARG ARG B . n 
B 1 79 ILE 79 76 76 ILE ILE B . n 
B 1 80 ILE 80 77 77 ILE ILE B . n 
B 1 81 GLU 81 78 78 GLU GLU B . n 
B 1 82 GLY 82 79 79 GLY GLY B . n 
# 
loop_
_pdbx_nonpoly_scheme.asym_id 
_pdbx_nonpoly_scheme.entity_id 
_pdbx_nonpoly_scheme.mon_id 
_pdbx_nonpoly_scheme.ndb_seq_num 
_pdbx_nonpoly_scheme.pdb_seq_num 
_pdbx_nonpoly_scheme.auth_seq_num 
_pdbx_nonpoly_scheme.pdb_mon_id 
_pdbx_nonpoly_scheme.auth_mon_id 
_pdbx_nonpoly_scheme.pdb_strand_id 
_pdbx_nonpoly_scheme.pdb_ins_code 
C 2 IUM 1  101 2   IUM IUM A . 
D 2 IUM 1  101 1   IUM IUM B . 
E 3 HOH 1  201 1   HOH HOH A . 
E 3 HOH 2  202 3   HOH HOH A . 
E 3 HOH 3  203 4   HOH HOH A . 
E 3 HOH 4  204 5   HOH HOH A . 
E 3 HOH 5  205 10  HOH HOH A . 
E 3 HOH 6  206 12  HOH HOH A . 
E 3 HOH 7  207 13  HOH HOH A . 
E 3 HOH 8  208 16  HOH HOH A . 
E 3 HOH 9  209 17  HOH HOH A . 
E 3 HOH 10 210 18  HOH HOH A . 
E 3 HOH 11 211 23  HOH HOH A . 
E 3 HOH 12 212 24  HOH HOH A . 
E 3 HOH 13 213 26  HOH HOH A . 
E 3 HOH 14 214 27  HOH HOH A . 
E 3 HOH 15 215 31  HOH HOH A . 
E 3 HOH 16 216 33  HOH HOH A . 
E 3 HOH 17 217 34  HOH HOH A . 
E 3 HOH 18 218 35  HOH HOH A . 
E 3 HOH 19 219 40  HOH HOH A . 
E 3 HOH 20 220 41  HOH HOH A . 
E 3 HOH 21 221 48  HOH HOH A . 
E 3 HOH 22 222 50  HOH HOH A . 
E 3 HOH 23 223 52  HOH HOH A . 
E 3 HOH 24 224 53  HOH HOH A . 
E 3 HOH 25 225 54  HOH HOH A . 
E 3 HOH 26 226 56  HOH HOH A . 
E 3 HOH 27 227 60  HOH HOH A . 
E 3 HOH 28 228 62  HOH HOH A . 
E 3 HOH 29 229 63  HOH HOH A . 
E 3 HOH 30 230 65  HOH HOH A . 
E 3 HOH 31 231 66  HOH HOH A . 
E 3 HOH 32 232 70  HOH HOH A . 
E 3 HOH 33 233 71  HOH HOH A . 
E 3 HOH 34 234 73  HOH HOH A . 
E 3 HOH 35 235 74  HOH HOH A . 
E 3 HOH 36 236 76  HOH HOH A . 
E 3 HOH 37 237 77  HOH HOH A . 
E 3 HOH 38 238 78  HOH HOH A . 
E 3 HOH 39 239 80  HOH HOH A . 
E 3 HOH 40 240 82  HOH HOH A . 
E 3 HOH 41 241 85  HOH HOH A . 
E 3 HOH 42 242 87  HOH HOH A . 
E 3 HOH 43 243 89  HOH HOH A . 
E 3 HOH 44 244 92  HOH HOH A . 
E 3 HOH 45 245 93  HOH HOH A . 
E 3 HOH 46 246 95  HOH HOH A . 
E 3 HOH 47 247 96  HOH HOH A . 
E 3 HOH 48 248 97  HOH HOH A . 
E 3 HOH 49 249 102 HOH HOH A . 
E 3 HOH 50 250 106 HOH HOH A . 
E 3 HOH 51 251 107 HOH HOH A . 
E 3 HOH 52 252 109 HOH HOH A . 
E 3 HOH 53 253 111 HOH HOH A . 
E 3 HOH 54 254 112 HOH HOH A . 
E 3 HOH 55 255 113 HOH HOH A . 
E 3 HOH 56 256 114 HOH HOH A . 
E 3 HOH 57 257 115 HOH HOH A . 
E 3 HOH 58 258 118 HOH HOH A . 
E 3 HOH 59 259 119 HOH HOH A . 
E 3 HOH 60 260 125 HOH HOH A . 
E 3 HOH 61 261 126 HOH HOH A . 
E 3 HOH 62 262 127 HOH HOH A . 
E 3 HOH 63 263 128 HOH HOH A . 
E 3 HOH 64 264 130 HOH HOH A . 
E 3 HOH 65 265 131 HOH HOH A . 
F 3 HOH 1  201 2   HOH HOH B . 
F 3 HOH 2  202 6   HOH HOH B . 
F 3 HOH 3  203 7   HOH HOH B . 
F 3 HOH 4  204 9   HOH HOH B . 
F 3 HOH 5  205 11  HOH HOH B . 
F 3 HOH 6  206 14  HOH HOH B . 
F 3 HOH 7  207 15  HOH HOH B . 
F 3 HOH 8  208 19  HOH HOH B . 
F 3 HOH 9  209 20  HOH HOH B . 
F 3 HOH 10 210 21  HOH HOH B . 
F 3 HOH 11 211 22  HOH HOH B . 
F 3 HOH 12 212 25  HOH HOH B . 
F 3 HOH 13 213 28  HOH HOH B . 
F 3 HOH 14 214 29  HOH HOH B . 
F 3 HOH 15 215 30  HOH HOH B . 
F 3 HOH 16 216 32  HOH HOH B . 
F 3 HOH 17 217 36  HOH HOH B . 
F 3 HOH 18 218 37  HOH HOH B . 
F 3 HOH 19 219 39  HOH HOH B . 
F 3 HOH 20 220 42  HOH HOH B . 
F 3 HOH 21 221 43  HOH HOH B . 
F 3 HOH 22 222 44  HOH HOH B . 
F 3 HOH 23 223 45  HOH HOH B . 
F 3 HOH 24 224 46  HOH HOH B . 
F 3 HOH 25 225 47  HOH HOH B . 
F 3 HOH 26 226 49  HOH HOH B . 
F 3 HOH 27 227 51  HOH HOH B . 
F 3 HOH 28 228 55  HOH HOH B . 
F 3 HOH 29 229 58  HOH HOH B . 
F 3 HOH 30 230 59  HOH HOH B . 
F 3 HOH 31 231 61  HOH HOH B . 
F 3 HOH 32 232 64  HOH HOH B . 
F 3 HOH 33 233 67  HOH HOH B . 
F 3 HOH 34 234 68  HOH HOH B . 
F 3 HOH 35 235 72  HOH HOH B . 
F 3 HOH 36 236 75  HOH HOH B . 
F 3 HOH 37 237 79  HOH HOH B . 
F 3 HOH 38 238 81  HOH HOH B . 
F 3 HOH 39 239 83  HOH HOH B . 
F 3 HOH 40 240 84  HOH HOH B . 
F 3 HOH 41 241 86  HOH HOH B . 
F 3 HOH 42 242 90  HOH HOH B . 
F 3 HOH 43 243 91  HOH HOH B . 
F 3 HOH 44 244 94  HOH HOH B . 
F 3 HOH 45 245 98  HOH HOH B . 
F 3 HOH 46 246 99  HOH HOH B . 
F 3 HOH 47 247 101 HOH HOH B . 
F 3 HOH 48 248 103 HOH HOH B . 
F 3 HOH 49 249 105 HOH HOH B . 
F 3 HOH 50 250 121 HOH HOH B . 
F 3 HOH 51 251 122 HOH HOH B . 
F 3 HOH 52 252 123 HOH HOH B . 
F 3 HOH 53 253 124 HOH HOH B . 
F 3 HOH 54 254 129 HOH HOH B . 
# 
loop_
_software.pdbx_ordinal 
_software.name 
_software.version 
_software.date 
_software.type 
_software.contact_author 
_software.contact_author_email 
_software.classification 
_software.location 
_software.language 
_software.citation_id 
1 PHENIX      1.8.2_1309 ?                package 'Paul D. Adams' PDAdams@lbl.gov          refinement        
http://www.phenix-online.org/             C++ ? 
2 PDB_EXTRACT 3.11       'August 3, 2011' package PDB             deposit@deposit.rcsb.org 'data extraction' 
http://sw-tools.pdb.org/apps/PDB_EXTRACT/ C++ ? 
3 HKL-2000    .          ?                ?       ?               ?                        'data collection' ? ?   ? 
4 HKL-2000    .          ?                ?       ?               ?                        'data reduction'  ? ?   ? 
5 HKL-2000    .          ?                ?       ?               ?                        'data scaling'    ? ?   ? 
6 PHASES      .          ?                ?       ?               ?                        phasing           ? ?   ? 
# 
_cell.entry_id           4FZP 
_cell.length_a           44.032 
_cell.length_b           46.929 
_cell.length_c           65.756 
_cell.angle_alpha        90.00 
_cell.angle_beta         90.00 
_cell.angle_gamma        90.00 
_cell.Z_PDB              8 
_cell.pdbx_unique_axis   ? 
_cell.length_a_esd       ? 
_cell.length_b_esd       ? 
_cell.length_c_esd       ? 
_cell.angle_alpha_esd    ? 
_cell.angle_beta_esd     ? 
_cell.angle_gamma_esd    ? 
# 
_symmetry.entry_id                         4FZP 
_symmetry.space_group_name_H-M             'P 21 21 21' 
_symmetry.pdbx_full_space_group_name_H-M   ? 
_symmetry.cell_setting                     ? 
_symmetry.Int_Tables_number                19 
_symmetry.space_group_name_Hall            ? 
# 
_exptl.entry_id          4FZP 
_exptl.method            'X-RAY DIFFRACTION' 
_exptl.crystals_number   1 
# 
_exptl_crystal.id                    1 
_exptl_crystal.density_meas          ? 
_exptl_crystal.density_Matthews      1.78 
_exptl_crystal.density_percent_sol   30.89 
_exptl_crystal.description           ? 
_exptl_crystal.F_000                 ? 
_exptl_crystal.preparation           ? 
# 
_exptl_crystal_grow.crystal_id      1 
_exptl_crystal_grow.method          'VAPOR DIFFUSION, HANGING DROP' 
_exptl_crystal_grow.temp            289 
_exptl_crystal_grow.temp_details    ? 
_exptl_crystal_grow.pH              4.6 
_exptl_crystal_grow.pdbx_pH_range   ? 
_exptl_crystal_grow.pdbx_details    
'PEG 3350, Tacsimate 4.0, sodium acetate, pH 4.6, vapor diffusion, hanging drop, temperature 289K' 
# 
_diffrn.id                     1 
_diffrn.ambient_temp           100 
_diffrn.ambient_temp_details   ? 
_diffrn.crystal_id             1 
# 
_diffrn_detector.diffrn_id              1 
_diffrn_detector.detector               CCD 
_diffrn_detector.type                   'ADSC QUANTUM 315' 
_diffrn_detector.pdbx_collection_date   2012-06-13 
_diffrn_detector.details                ? 
# 
_diffrn_radiation.diffrn_id                        1 
_diffrn_radiation.wavelength_id                    1 
_diffrn_radiation.pdbx_monochromatic_or_laue_m_l   M 
_diffrn_radiation.monochromator                    ? 
_diffrn_radiation.pdbx_diffrn_protocol             'SINGLE WAVELENGTH' 
_diffrn_radiation.pdbx_scattering_type             x-ray 
# 
_diffrn_radiation_wavelength.id           1 
_diffrn_radiation_wavelength.wavelength   0.7218 
_diffrn_radiation_wavelength.wt           1.0 
# 
_diffrn_source.diffrn_id                   1 
_diffrn_source.source                      SYNCHROTRON 
_diffrn_source.type                        'APS BEAMLINE 24-ID-C' 
_diffrn_source.pdbx_synchrotron_site       APS 
_diffrn_source.pdbx_synchrotron_beamline   24-ID-C 
_diffrn_source.pdbx_wavelength             ? 
_diffrn_source.pdbx_wavelength_list        0.7218 
# 
_reflns.pdbx_diffrn_id               1 
_reflns.pdbx_ordinal                 1 
_reflns.entry_id                     4FZP 
_reflns.observed_criterion_sigma_I   1 
_reflns.observed_criterion_sigma_F   2 
_reflns.d_resolution_low             38.2 
_reflns.d_resolution_high            1.29 
_reflns.number_obs                   34555 
_reflns.number_all                   ? 
_reflns.percent_possible_obs         10.6 
_reflns.pdbx_Rmerge_I_obs            ? 
_reflns.pdbx_Rsym_value              ? 
_reflns.pdbx_netI_over_sigmaI        ? 
_reflns.B_iso_Wilson_estimate        12.230 
_reflns.pdbx_redundancy              ? 
_reflns.R_free_details               ? 
_reflns.limit_h_max                  ? 
_reflns.limit_h_min                  ? 
_reflns.limit_k_max                  ? 
_reflns.limit_k_min                  ? 
_reflns.limit_l_max                  ? 
_reflns.limit_l_min                  ? 
_reflns.observed_criterion_F_max     ? 
_reflns.observed_criterion_F_min     ? 
_reflns.pdbx_chi_squared             ? 
_reflns.pdbx_scaling_rejects         ? 
# 
_reflns_shell.pdbx_diffrn_id         1 
_reflns_shell.pdbx_ordinal           1 
_reflns_shell.d_res_high             1.29 
_reflns_shell.d_res_low              1.34 
_reflns_shell.percent_possible_all   92.0 
_reflns_shell.Rmerge_I_obs           ? 
_reflns_shell.pdbx_Rsym_value        ? 
_reflns_shell.meanI_over_sigI_obs    ? 
_reflns_shell.pdbx_redundancy        ? 
_reflns_shell.percent_possible_obs   ? 
_reflns_shell.number_unique_all      ? 
_reflns_shell.number_measured_all    ? 
_reflns_shell.number_measured_obs    ? 
_reflns_shell.number_unique_obs      ? 
_reflns_shell.pdbx_chi_squared       ? 
# 
_refine.pdbx_refine_id                           'X-RAY DIFFRACTION' 
_refine.entry_id                                 4FZP 
_refine.pdbx_diffrn_id                           1 
_refine.pdbx_TLS_residual_ADP_flag               ? 
_refine.ls_number_reflns_obs                     34544 
_refine.ls_number_reflns_all                     ? 
_refine.pdbx_ls_sigma_I                          ? 
_refine.pdbx_ls_sigma_F                          1.34 
_refine.pdbx_data_cutoff_high_absF               ? 
_refine.pdbx_data_cutoff_low_absF                ? 
_refine.pdbx_data_cutoff_high_rms_absF           ? 
_refine.ls_d_res_low                             38.199 
_refine.ls_d_res_high                            1.29 
_refine.ls_percent_reflns_obs                    98.83 
_refine.ls_R_factor_obs                          0.1797 
_refine.ls_R_factor_all                          ? 
_refine.ls_R_factor_R_work                       0.1793 
_refine.ls_R_factor_R_free                       0.1882 
_refine.ls_R_factor_R_free_error                 ? 
_refine.ls_R_factor_R_free_error_details         ? 
_refine.ls_percent_reflns_R_free                 5.06 
_refine.ls_number_reflns_R_free                  1747 
_refine.ls_number_parameters                     ? 
_refine.ls_number_restraints                     ? 
_refine.occupancy_min                            0.000 
_refine.occupancy_max                            1.000 
_refine.correlation_coeff_Fo_to_Fc               ? 
_refine.correlation_coeff_Fo_to_Fc_free          ? 
_refine.B_iso_mean                               16.7872 
_refine.aniso_B[1][1]                            -1.3538 
_refine.aniso_B[2][2]                            1.4454 
_refine.aniso_B[3][3]                            -0.0916 
_refine.aniso_B[1][2]                            0.0000 
_refine.aniso_B[1][3]                            -0.0000 
_refine.aniso_B[2][3]                            0.0000 
_refine.solvent_model_details                    'FLAT BULK SOLVENT MODEL' 
_refine.solvent_model_param_ksol                 ? 
_refine.solvent_model_param_bsol                 ? 
_refine.pdbx_solvent_vdw_probe_radii             1.11 
_refine.pdbx_solvent_ion_probe_radii             ? 
_refine.pdbx_solvent_shrinkage_radii             0.90 
_refine.pdbx_ls_cross_valid_method               ? 
_refine.details                                  ? 
_refine.pdbx_starting_model                      ? 
_refine.pdbx_method_to_determine_struct          'MOLECULAR REPLACEMENT' 
_refine.pdbx_isotropic_thermal_model             ? 
_refine.pdbx_stereochemistry_target_values       ML 
_refine.pdbx_stereochem_target_val_spec_case     ? 
_refine.pdbx_R_Free_selection_details            ? 
_refine.pdbx_overall_ESU_R                       ? 
_refine.pdbx_overall_ESU_R_Free                  ? 
_refine.overall_SU_ML                            0.12 
_refine.pdbx_overall_phase_error                 20.11 
_refine.overall_SU_B                             ? 
_refine.overall_SU_R_Cruickshank_DPI             ? 
_refine.pdbx_overall_SU_R_free_Cruickshank_DPI   ? 
_refine.pdbx_overall_SU_R_Blow_DPI               ? 
_refine.pdbx_overall_SU_R_free_Blow_DPI          ? 
_refine.ls_redundancy_reflns_obs                 ? 
_refine.B_iso_min                                ? 
_refine.B_iso_max                                ? 
_refine.overall_SU_R_free                        ? 
_refine.ls_wR_factor_R_free                      ? 
_refine.ls_wR_factor_R_work                      ? 
_refine.overall_FOM_free_R_set                   ? 
_refine.overall_FOM_work_R_set                   ? 
# 
_refine_hist.pdbx_refine_id                   'X-RAY DIFFRACTION' 
_refine_hist.cycle_id                         LAST 
_refine_hist.pdbx_number_atoms_protein        1308 
_refine_hist.pdbx_number_atoms_nucleic_acid   0 
_refine_hist.pdbx_number_atoms_ligand         6 
_refine_hist.number_atoms_solvent             119 
_refine_hist.number_atoms_total               1433 
_refine_hist.d_res_high                       1.29 
_refine_hist.d_res_low                        38.199 
# 
loop_
_refine_ls_restr.type 
_refine_ls_restr.dev_ideal 
_refine_ls_restr.dev_ideal_target 
_refine_ls_restr.weight 
_refine_ls_restr.number 
_refine_ls_restr.pdbx_refine_id 
_refine_ls_restr.pdbx_restraint_function 
f_bond_d           0.007  ? ? 1369 'X-RAY DIFFRACTION' ? 
f_angle_d          1.034  ? ? 1841 'X-RAY DIFFRACTION' ? 
f_dihedral_angle_d 12.471 ? ? 548  'X-RAY DIFFRACTION' ? 
f_chiral_restr     0.071  ? ? 207  'X-RAY DIFFRACTION' ? 
f_plane_restr      0.003  ? ? 240  'X-RAY DIFFRACTION' ? 
# 
loop_
_refine_ls_shell.pdbx_refine_id 
_refine_ls_shell.pdbx_total_number_of_bins_used 
_refine_ls_shell.d_res_high 
_refine_ls_shell.d_res_low 
_refine_ls_shell.number_reflns_R_work 
_refine_ls_shell.R_factor_R_work 
_refine_ls_shell.percent_reflns_obs 
_refine_ls_shell.R_factor_R_free 
_refine_ls_shell.R_factor_R_free_error 
_refine_ls_shell.percent_reflns_R_free 
_refine_ls_shell.number_reflns_R_free 
_refine_ls_shell.number_reflns_all 
_refine_ls_shell.R_factor_all 
_refine_ls_shell.redundancy_reflns_obs 
_refine_ls_shell.number_reflns_obs 
'X-RAY DIFFRACTION' . 1.29   1.3287  2586 0.2682 95.00  0.3109 . . 126 . . . . 
'X-RAY DIFFRACTION' . 1.3287 1.3716  2695 0.2425 99.00  0.2796 . . 138 . . . . 
'X-RAY DIFFRACTION' . 1.3716 1.4206  2708 0.2282 99.00  0.2571 . . 153 . . . . 
'X-RAY DIFFRACTION' . 1.4206 1.4775  2697 0.2081 99.00  0.2075 . . 141 . . . . 
'X-RAY DIFFRACTION' . 1.4775 1.5447  2690 0.1710 99.00  0.1919 . . 141 . . . . 
'X-RAY DIFFRACTION' . 1.5447 1.6262  2760 0.1648 100.00 0.1888 . . 126 . . . . 
'X-RAY DIFFRACTION' . 1.6262 1.7280  2747 0.1674 100.00 0.2006 . . 148 . . . . 
'X-RAY DIFFRACTION' . 1.7280 1.8615  2703 0.1684 99.00  0.1901 . . 149 . . . . 
'X-RAY DIFFRACTION' . 1.8615 2.0488  2752 0.1660 100.00 0.1810 . . 164 . . . . 
'X-RAY DIFFRACTION' . 2.0488 2.3452  2777 0.1587 99.00  0.1691 . . 140 . . . . 
'X-RAY DIFFRACTION' . 2.3452 2.9545  2783 0.1794 99.00  0.1937 . . 159 . . . . 
'X-RAY DIFFRACTION' . 2.9545 38.2153 2899 0.1786 99.00  0.1670 . . 162 . . . . 
# 
_struct.entry_id                  4FZP 
_struct.title                     'Crystal Structure of the uranyl binding protein complexed with uranyl' 
_struct.pdbx_model_details        ? 
_struct.pdbx_CASP_flag            ? 
_struct.pdbx_model_type_details   ? 
# 
_struct_keywords.entry_id        4FZP 
_struct_keywords.text            'uranyl binding, UNKNOWN FUNCTION' 
_struct_keywords.pdbx_keywords   'UNKNOWN FUNCTION' 
# 
loop_
_struct_asym.id 
_struct_asym.pdbx_blank_PDB_chainid_flag 
_struct_asym.pdbx_modified 
_struct_asym.entity_id 
_struct_asym.details 
A N N 1 ? 
B N N 1 ? 
C N N 2 ? 
D N N 2 ? 
E N N 3 ? 
F N N 3 ? 
# 
_struct_ref.id                         1 
_struct_ref.db_name                    UNP 
_struct_ref.db_code                    O27725_METTH 
_struct_ref.pdbx_db_accession          O27725 
_struct_ref.entity_id                  1 
_struct_ref.pdbx_seq_one_letter_code   DCRERIEKDLELLEKNLMEMKSIKLSDDEEAVVERALNYRDDSVYYLEKGDHITSFGCITYAHGLLDSLRMLHRII 
_struct_ref.pdbx_align_begin           2 
_struct_ref.pdbx_db_isoform            ? 
# 
loop_
_struct_ref_seq.align_id 
_struct_ref_seq.ref_id 
_struct_ref_seq.pdbx_PDB_id_code 
_struct_ref_seq.pdbx_strand_id 
_struct_ref_seq.seq_align_beg 
_struct_ref_seq.pdbx_seq_align_beg_ins_code 
_struct_ref_seq.seq_align_end 
_struct_ref_seq.pdbx_seq_align_end_ins_code 
_struct_ref_seq.pdbx_db_accession 
_struct_ref_seq.db_align_beg 
_struct_ref_seq.pdbx_db_align_beg_ins_code 
_struct_ref_seq.db_align_end 
_struct_ref_seq.pdbx_db_align_end_ins_code 
_struct_ref_seq.pdbx_auth_seq_align_beg 
_struct_ref_seq.pdbx_auth_seq_align_end 
1 1 4FZP A 5 ? 80 ? O27725 2 ? 77 ? 2 77 
2 1 4FZP B 5 ? 80 ? O27725 2 ? 77 ? 2 77 
# 
loop_
_struct_ref_seq_dif.align_id 
_struct_ref_seq_dif.pdbx_pdb_id_code 
_struct_ref_seq_dif.mon_id 
_struct_ref_seq_dif.pdbx_pdb_strand_id 
_struct_ref_seq_dif.seq_num 
_struct_ref_seq_dif.pdbx_pdb_ins_code 
_struct_ref_seq_dif.pdbx_seq_db_name 
_struct_ref_seq_dif.pdbx_seq_db_accession_code 
_struct_ref_seq_dif.db_mon_id 
_struct_ref_seq_dif.pdbx_seq_db_seq_num 
_struct_ref_seq_dif.details 
_struct_ref_seq_dif.pdbx_auth_seq_num 
_struct_ref_seq_dif.pdbx_ordinal 
1 4FZP SER A 1  ? UNP O27725 ?   ?  'expression tag' -2 1  
1 4FZP ASN A 2  ? UNP O27725 ?   ?  'expression tag' -1 2  
1 4FZP ALA A 3  ? UNP O27725 ?   ?  'expression tag' 0  3  
1 4FZP LEU A 4  ? UNP O27725 ?   ?  'expression tag' 1  4  
1 4FZP ASP A 16 ? UNP O27725 LEU 13 conflict         13 5  
1 4FZP GLU A 20 ? UNP O27725 ASN 17 conflict         17 6  
1 4FZP GLU A 67 ? UNP O27725 HIS 64 conflict         64 7  
1 4FZP THR A 70 ? UNP O27725 LEU 67 conflict         67 8  
1 4FZP GLU A 81 ? UNP O27725 ?   ?  'expression tag' 78 9  
1 4FZP GLY A 82 ? UNP O27725 ?   ?  'expression tag' 79 10 
2 4FZP SER B 1  ? UNP O27725 ?   ?  'expression tag' -2 11 
2 4FZP ASN B 2  ? UNP O27725 ?   ?  'expression tag' -1 12 
2 4FZP ALA B 3  ? UNP O27725 ?   ?  'expression tag' 0  13 
2 4FZP LEU B 4  ? UNP O27725 ?   ?  'expression tag' 1  14 
2 4FZP ASP B 16 ? UNP O27725 LEU 13 conflict         13 15 
2 4FZP GLU B 20 ? UNP O27725 ASN 17 conflict         17 16 
2 4FZP GLU B 67 ? UNP O27725 HIS 64 conflict         64 17 
2 4FZP THR B 70 ? UNP O27725 LEU 67 conflict         67 18 
2 4FZP GLU B 81 ? UNP O27725 ?   ?  'expression tag' 78 19 
2 4FZP GLY B 82 ? UNP O27725 ?   ?  'expression tag' 79 20 
# 
_pdbx_struct_assembly.id                   1 
_pdbx_struct_assembly.details              author_and_software_defined_assembly 
_pdbx_struct_assembly.method_details       PISA 
_pdbx_struct_assembly.oligomeric_details   dimeric 
_pdbx_struct_assembly.oligomeric_count     2 
# 
loop_
_pdbx_struct_assembly_prop.biol_id 
_pdbx_struct_assembly_prop.type 
_pdbx_struct_assembly_prop.value 
_pdbx_struct_assembly_prop.details 
1 'ABSA (A^2)' 2230 ? 
1 MORE         -21  ? 
1 'SSA (A^2)'  9020 ? 
# 
_pdbx_struct_assembly_gen.assembly_id       1 
_pdbx_struct_assembly_gen.oper_expression   1 
_pdbx_struct_assembly_gen.asym_id_list      A,B,C,D,E,F 
# 
_pdbx_struct_oper_list.id                   1 
_pdbx_struct_oper_list.type                 'identity operation' 
_pdbx_struct_oper_list.name                 1_555 
_pdbx_struct_oper_list.symmetry_operation   x,y,z 
_pdbx_struct_oper_list.matrix[1][1]         1.0000000000 
_pdbx_struct_oper_list.matrix[1][2]         0.0000000000 
_pdbx_struct_oper_list.matrix[1][3]         0.0000000000 
_pdbx_struct_oper_list.vector[1]            0.0000000000 
_pdbx_struct_oper_list.matrix[2][1]         0.0000000000 
_pdbx_struct_oper_list.matrix[2][2]         1.0000000000 
_pdbx_struct_oper_list.matrix[2][3]         0.0000000000 
_pdbx_struct_oper_list.vector[2]            0.0000000000 
_pdbx_struct_oper_list.matrix[3][1]         0.0000000000 
_pdbx_struct_oper_list.matrix[3][2]         0.0000000000 
_pdbx_struct_oper_list.matrix[3][3]         1.0000000000 
_pdbx_struct_oper_list.vector[3]            0.0000000000 
# 
_struct_biol.id        1 
_struct_biol.details   ? 
# 
loop_
_struct_conf.conf_type_id 
_struct_conf.id 
_struct_conf.pdbx_PDB_helix_id 
_struct_conf.beg_label_comp_id 
_struct_conf.beg_label_asym_id 
_struct_conf.beg_label_seq_id 
_struct_conf.pdbx_beg_PDB_ins_code 
_struct_conf.end_label_comp_id 
_struct_conf.end_label_asym_id 
_struct_conf.end_label_seq_id 
_struct_conf.pdbx_end_PDB_ins_code 
_struct_conf.beg_auth_comp_id 
_struct_conf.beg_auth_asym_id 
_struct_conf.beg_auth_seq_id 
_struct_conf.end_auth_comp_id 
_struct_conf.end_auth_asym_id 
_struct_conf.end_auth_seq_id 
_struct_conf.pdbx_PDB_helix_class 
_struct_conf.details 
_struct_conf.pdbx_PDB_helix_length 
HELX_P HELX_P1 1 ASN A 2  ? ASP A 5  ? ASN A -1 ASP A 2  5 ? 4  
HELX_P HELX_P2 2 CYS A 6  ? SER A 26 ? CYS A 3  SER A 23 1 ? 21 
HELX_P HELX_P3 3 SER A 30 ? LYS A 53 ? SER A 27 LYS A 50 1 ? 24 
HELX_P HELX_P4 4 ASP A 55 ? HIS A 77 ? ASP A 52 HIS A 74 1 ? 23 
HELX_P HELX_P5 5 CYS B 6  ? SER B 26 ? CYS B 3  SER B 23 1 ? 21 
HELX_P HELX_P6 6 SER B 30 ? GLY B 54 ? SER B 27 GLY B 51 1 ? 25 
HELX_P HELX_P7 7 ASP B 55 ? LEU B 76 ? ASP B 52 LEU B 73 1 ? 22 
# 
_struct_conf_type.id          HELX_P 
_struct_conf_type.criteria    ? 
_struct_conf_type.reference   ? 
# 
loop_
_struct_conn.id 
_struct_conn.conn_type_id 
_struct_conn.pdbx_leaving_atom_flag 
_struct_conn.pdbx_PDB_id 
_struct_conn.ptnr1_label_asym_id 
_struct_conn.ptnr1_label_comp_id 
_struct_conn.ptnr1_label_seq_id 
_struct_conn.ptnr1_label_atom_id 
_struct_conn.pdbx_ptnr1_label_alt_id 
_struct_conn.pdbx_ptnr1_PDB_ins_code 
_struct_conn.pdbx_ptnr1_standard_comp_id 
_struct_conn.ptnr1_symmetry 
_struct_conn.ptnr2_label_asym_id 
_struct_conn.ptnr2_label_comp_id 
_struct_conn.ptnr2_label_seq_id 
_struct_conn.ptnr2_label_atom_id 
_struct_conn.pdbx_ptnr2_label_alt_id 
_struct_conn.pdbx_ptnr2_PDB_ins_code 
_struct_conn.ptnr1_auth_asym_id 
_struct_conn.ptnr1_auth_comp_id 
_struct_conn.ptnr1_auth_seq_id 
_struct_conn.ptnr2_auth_asym_id 
_struct_conn.ptnr2_auth_comp_id 
_struct_conn.ptnr2_auth_seq_id 
_struct_conn.ptnr2_symmetry 
_struct_conn.pdbx_ptnr3_label_atom_id 
_struct_conn.pdbx_ptnr3_label_seq_id 
_struct_conn.pdbx_ptnr3_label_comp_id 
_struct_conn.pdbx_ptnr3_label_asym_id 
_struct_conn.pdbx_ptnr3_label_alt_id 
_struct_conn.pdbx_ptnr3_PDB_ins_code 
_struct_conn.details 
_struct_conn.pdbx_dist_value 
_struct_conn.pdbx_value_order 
_struct_conn.pdbx_role 
metalc1  metalc ? ? A GLU 11 OE2 ? ? ? 1_555 C IUM . U ? ? A GLU 8   A IUM 101 1_555 ? ? ? ? ? ? ? 2.735 ? ? 
metalc2  metalc ? ? A GLU 11 OE1 ? ? ? 1_555 C IUM . U ? ? A GLU 8   A IUM 101 1_555 ? ? ? ? ? ? ? 2.737 ? ? 
metalc3  metalc ? ? C IUM .  U   ? ? ? 1_555 E HOH . O ? ? A IUM 101 A HOH 264 1_555 ? ? ? ? ? ? ? 3.021 ? ? 
metalc4  metalc ? ? B GLU 20 OE1 ? ? ? 1_555 D IUM . U ? ? B GLU 17  B IUM 101 1_555 ? ? ? ? ? ? ? 2.746 ? ? 
metalc5  metalc ? ? B GLU 20 OE2 ? ? ? 1_555 D IUM . U ? ? B GLU 17  B IUM 101 1_555 ? ? ? ? ? ? ? 2.877 ? ? 
metalc6  metalc ? ? B ASP 71 OD1 ? ? ? 1_555 D IUM . U ? ? B ASP 68  B IUM 101 1_555 ? ? ? ? ? ? ? 2.387 ? ? 
metalc7  metalc ? ? B ASP 71 OD2 ? ? ? 1_555 D IUM . U ? ? B ASP 68  B IUM 101 1_555 ? ? ? ? ? ? ? 3.072 ? ? 
metalc8  metalc ? ? B ARG 74 NH1 ? ? ? 1_555 D IUM . U ? ? B ARG 71  B IUM 101 1_555 ? ? ? ? ? ? ? 3.805 ? ? 
metalc9  metalc ? ? D IUM .  U   ? ? ? 1_555 F HOH . O ? ? B IUM 101 B HOH 227 1_555 ? ? ? ? ? ? ? 3.135 ? ? 
metalc10 metalc ? ? D IUM .  U   ? ? ? 1_555 F HOH . O ? ? B IUM 101 B HOH 253 1_555 ? ? ? ? ? ? ? 2.729 ? ? 
# 
_struct_conn_type.id          metalc 
_struct_conn_type.criteria    ? 
_struct_conn_type.reference   ? 
# 
loop_
_pdbx_struct_conn_angle.id 
_pdbx_struct_conn_angle.ptnr1_label_atom_id 
_pdbx_struct_conn_angle.ptnr1_label_alt_id 
_pdbx_struct_conn_angle.ptnr1_label_asym_id 
_pdbx_struct_conn_angle.ptnr1_label_comp_id 
_pdbx_struct_conn_angle.ptnr1_label_seq_id 
_pdbx_struct_conn_angle.ptnr1_auth_atom_id 
_pdbx_struct_conn_angle.ptnr1_auth_asym_id 
_pdbx_struct_conn_angle.ptnr1_auth_comp_id 
_pdbx_struct_conn_angle.ptnr1_auth_seq_id 
_pdbx_struct_conn_angle.ptnr1_PDB_ins_code 
_pdbx_struct_conn_angle.ptnr1_symmetry 
_pdbx_struct_conn_angle.ptnr2_label_atom_id 
_pdbx_struct_conn_angle.ptnr2_label_alt_id 
_pdbx_struct_conn_angle.ptnr2_label_asym_id 
_pdbx_struct_conn_angle.ptnr2_label_comp_id 
_pdbx_struct_conn_angle.ptnr2_label_seq_id 
_pdbx_struct_conn_angle.ptnr2_auth_atom_id 
_pdbx_struct_conn_angle.ptnr2_auth_asym_id 
_pdbx_struct_conn_angle.ptnr2_auth_comp_id 
_pdbx_struct_conn_angle.ptnr2_auth_seq_id 
_pdbx_struct_conn_angle.ptnr2_PDB_ins_code 
_pdbx_struct_conn_angle.ptnr2_symmetry 
_pdbx_struct_conn_angle.ptnr3_label_atom_id 
_pdbx_struct_conn_angle.ptnr3_label_alt_id 
_pdbx_struct_conn_angle.ptnr3_label_asym_id 
_pdbx_struct_conn_angle.ptnr3_label_comp_id 
_pdbx_struct_conn_angle.ptnr3_label_seq_id 
_pdbx_struct_conn_angle.ptnr3_auth_atom_id 
_pdbx_struct_conn_angle.ptnr3_auth_asym_id 
_pdbx_struct_conn_angle.ptnr3_auth_comp_id 
_pdbx_struct_conn_angle.ptnr3_auth_seq_id 
_pdbx_struct_conn_angle.ptnr3_PDB_ins_code 
_pdbx_struct_conn_angle.ptnr3_symmetry 
_pdbx_struct_conn_angle.value 
_pdbx_struct_conn_angle.value_esd 
1  OE2 ? A GLU 11 ? A GLU 8   ? 1_555 U ? C IUM . ? A IUM 101 ? 1_555 O1  ? C IUM .  ? A IUM 101 ? 1_555 89.3  ? 
2  OE2 ? A GLU 11 ? A GLU 8   ? 1_555 U ? C IUM . ? A IUM 101 ? 1_555 O2  ? C IUM .  ? A IUM 101 ? 1_555 91.6  ? 
3  O1  ? C IUM .  ? A IUM 101 ? 1_555 U ? C IUM . ? A IUM 101 ? 1_555 O2  ? C IUM .  ? A IUM 101 ? 1_555 179.0 ? 
4  OE2 ? A GLU 11 ? A GLU 8   ? 1_555 U ? C IUM . ? A IUM 101 ? 1_555 OE1 ? A GLU 11 ? A GLU 8   ? 1_555 48.0  ? 
5  O1  ? C IUM .  ? A IUM 101 ? 1_555 U ? C IUM . ? A IUM 101 ? 1_555 OE1 ? A GLU 11 ? A GLU 8   ? 1_555 89.7  ? 
6  O2  ? C IUM .  ? A IUM 101 ? 1_555 U ? C IUM . ? A IUM 101 ? 1_555 OE1 ? A GLU 11 ? A GLU 8   ? 1_555 90.6  ? 
7  OE2 ? A GLU 11 ? A GLU 8   ? 1_555 U ? C IUM . ? A IUM 101 ? 1_555 O   ? E HOH .  ? A HOH 264 ? 1_555 159.0 ? 
8  O1  ? C IUM .  ? A IUM 101 ? 1_555 U ? C IUM . ? A IUM 101 ? 1_555 O   ? E HOH .  ? A HOH 264 ? 1_555 82.4  ? 
9  O2  ? C IUM .  ? A IUM 101 ? 1_555 U ? C IUM . ? A IUM 101 ? 1_555 O   ? E HOH .  ? A HOH 264 ? 1_555 96.9  ? 
10 OE1 ? A GLU 11 ? A GLU 8   ? 1_555 U ? C IUM . ? A IUM 101 ? 1_555 O   ? E HOH .  ? A HOH 264 ? 1_555 150.4 ? 
11 OE1 ? B GLU 20 ? B GLU 17  ? 1_555 U ? D IUM . ? B IUM 101 ? 1_555 O1  ? D IUM .  ? B IUM 101 ? 1_555 94.1  ? 
12 OE1 ? B GLU 20 ? B GLU 17  ? 1_555 U ? D IUM . ? B IUM 101 ? 1_555 O2  ? D IUM .  ? B IUM 101 ? 1_555 83.7  ? 
13 O1  ? D IUM .  ? B IUM 101 ? 1_555 U ? D IUM . ? B IUM 101 ? 1_555 O2  ? D IUM .  ? B IUM 101 ? 1_555 177.4 ? 
14 OE1 ? B GLU 20 ? B GLU 17  ? 1_555 U ? D IUM . ? B IUM 101 ? 1_555 OE2 ? B GLU 20 ? B GLU 17  ? 1_555 45.8  ? 
15 O1  ? D IUM .  ? B IUM 101 ? 1_555 U ? D IUM . ? B IUM 101 ? 1_555 OE2 ? B GLU 20 ? B GLU 17  ? 1_555 81.1  ? 
16 O2  ? D IUM .  ? B IUM 101 ? 1_555 U ? D IUM . ? B IUM 101 ? 1_555 OE2 ? B GLU 20 ? B GLU 17  ? 1_555 98.4  ? 
17 OE1 ? B GLU 20 ? B GLU 17  ? 1_555 U ? D IUM . ? B IUM 101 ? 1_555 OD1 ? B ASP 71 ? B ASP 68  ? 1_555 84.7  ? 
18 O1  ? D IUM .  ? B IUM 101 ? 1_555 U ? D IUM . ? B IUM 101 ? 1_555 OD1 ? B ASP 71 ? B ASP 68  ? 1_555 88.3  ? 
19 O2  ? D IUM .  ? B IUM 101 ? 1_555 U ? D IUM . ? B IUM 101 ? 1_555 OD1 ? B ASP 71 ? B ASP 68  ? 1_555 90.0  ? 
20 OE2 ? B GLU 20 ? B GLU 17  ? 1_555 U ? D IUM . ? B IUM 101 ? 1_555 OD1 ? B ASP 71 ? B ASP 68  ? 1_555 127.7 ? 
21 OE1 ? B GLU 20 ? B GLU 17  ? 1_555 U ? D IUM . ? B IUM 101 ? 1_555 OD2 ? B ASP 71 ? B ASP 68  ? 1_555 129.8 ? 
22 O1  ? D IUM .  ? B IUM 101 ? 1_555 U ? D IUM . ? B IUM 101 ? 1_555 OD2 ? B ASP 71 ? B ASP 68  ? 1_555 87.3  ? 
23 O2  ? D IUM .  ? B IUM 101 ? 1_555 U ? D IUM . ? B IUM 101 ? 1_555 OD2 ? B ASP 71 ? B ASP 68  ? 1_555 92.9  ? 
24 OE2 ? B GLU 20 ? B GLU 17  ? 1_555 U ? D IUM . ? B IUM 101 ? 1_555 OD2 ? B ASP 71 ? B ASP 68  ? 1_555 166.8 ? 
25 OD1 ? B ASP 71 ? B ASP 68  ? 1_555 U ? D IUM . ? B IUM 101 ? 1_555 OD2 ? B ASP 71 ? B ASP 68  ? 1_555 45.2  ? 
26 OE1 ? B GLU 20 ? B GLU 17  ? 1_555 U ? D IUM . ? B IUM 101 ? 1_555 NH1 ? B ARG 74 ? B ARG 71  ? 1_555 49.3  ? 
27 O1  ? D IUM .  ? B IUM 101 ? 1_555 U ? D IUM . ? B IUM 101 ? 1_555 NH1 ? B ARG 74 ? B ARG 71  ? 1_555 45.9  ? 
28 O2  ? D IUM .  ? B IUM 101 ? 1_555 U ? D IUM . ? B IUM 101 ? 1_555 NH1 ? B ARG 74 ? B ARG 71  ? 1_555 131.7 ? 
29 OE2 ? B GLU 20 ? B GLU 17  ? 1_555 U ? D IUM . ? B IUM 101 ? 1_555 NH1 ? B ARG 74 ? B ARG 71  ? 1_555 59.5  ? 
30 OD1 ? B ASP 71 ? B ASP 68  ? 1_555 U ? D IUM . ? B IUM 101 ? 1_555 NH1 ? B ARG 74 ? B ARG 71  ? 1_555 76.5  ? 
31 OD2 ? B ASP 71 ? B ASP 68  ? 1_555 U ? D IUM . ? B IUM 101 ? 1_555 NH1 ? B ARG 74 ? B ARG 71  ? 1_555 107.7 ? 
32 OE1 ? B GLU 20 ? B GLU 17  ? 1_555 U ? D IUM . ? B IUM 101 ? 1_555 O   ? F HOH .  ? B HOH 227 ? 1_555 76.3  ? 
33 O1  ? D IUM .  ? B IUM 101 ? 1_555 U ? D IUM . ? B IUM 101 ? 1_555 O   ? F HOH .  ? B HOH 227 ? 1_555 114.1 ? 
34 O2  ? D IUM .  ? B IUM 101 ? 1_555 U ? D IUM . ? B IUM 101 ? 1_555 O   ? F HOH .  ? B HOH 227 ? 1_555 66.9  ? 
35 OE2 ? B GLU 20 ? B GLU 17  ? 1_555 U ? D IUM . ? B IUM 101 ? 1_555 O   ? F HOH .  ? B HOH 227 ? 1_555 46.0  ? 
36 OD1 ? B ASP 71 ? B ASP 68  ? 1_555 U ? D IUM . ? B IUM 101 ? 1_555 O   ? F HOH .  ? B HOH 227 ? 1_555 151.2 ? 
37 OD2 ? B ASP 71 ? B ASP 68  ? 1_555 U ? D IUM . ? B IUM 101 ? 1_555 O   ? F HOH .  ? B HOH 227 ? 1_555 146.6 ? 
38 NH1 ? B ARG 74 ? B ARG 71  ? 1_555 U ? D IUM . ? B IUM 101 ? 1_555 O   ? F HOH .  ? B HOH 227 ? 1_555 105.5 ? 
39 OE1 ? B GLU 20 ? B GLU 17  ? 1_555 U ? D IUM . ? B IUM 101 ? 1_555 O   ? F HOH .  ? B HOH 253 ? 1_555 171.5 ? 
40 O1  ? D IUM .  ? B IUM 101 ? 1_555 U ? D IUM . ? B IUM 101 ? 1_555 O   ? F HOH .  ? B HOH 253 ? 1_555 90.3  ? 
41 O2  ? D IUM .  ? B IUM 101 ? 1_555 U ? D IUM . ? B IUM 101 ? 1_555 O   ? F HOH .  ? B HOH 253 ? 1_555 92.0  ? 
42 OE2 ? B GLU 20 ? B GLU 17  ? 1_555 U ? D IUM . ? B IUM 101 ? 1_555 O   ? F HOH .  ? B HOH 253 ? 1_555 128.2 ? 
43 OD1 ? B ASP 71 ? B ASP 68  ? 1_555 U ? D IUM . ? B IUM 101 ? 1_555 O   ? F HOH .  ? B HOH 253 ? 1_555 102.8 ? 
44 OD2 ? B ASP 71 ? B ASP 68  ? 1_555 U ? D IUM . ? B IUM 101 ? 1_555 O   ? F HOH .  ? B HOH 253 ? 1_555 57.6  ? 
45 NH1 ? B ARG 74 ? B ARG 71  ? 1_555 U ? D IUM . ? B IUM 101 ? 1_555 O   ? F HOH .  ? B HOH 253 ? 1_555 136.0 ? 
46 O   ? F HOH .  ? B HOH 227 ? 1_555 U ? D IUM . ? B IUM 101 ? 1_555 O   ? F HOH .  ? B HOH 253 ? 1_555 95.3  ? 
# 
loop_
_struct_site.id 
_struct_site.pdbx_evidence_code 
_struct_site.pdbx_auth_asym_id 
_struct_site.pdbx_auth_comp_id 
_struct_site.pdbx_auth_seq_id 
_struct_site.pdbx_auth_ins_code 
_struct_site.pdbx_num_residues 
_struct_site.details 
AC1 Software A IUM 101 ? 6 'BINDING SITE FOR RESIDUE IUM A 101' 
AC2 Software B IUM 101 ? 7 'BINDING SITE FOR RESIDUE IUM B 101' 
# 
loop_
_struct_site_gen.id 
_struct_site_gen.site_id 
_struct_site_gen.pdbx_num_res 
_struct_site_gen.label_comp_id 
_struct_site_gen.label_asym_id 
_struct_site_gen.label_seq_id 
_struct_site_gen.pdbx_auth_ins_code 
_struct_site_gen.auth_comp_id 
_struct_site_gen.auth_asym_id 
_struct_site_gen.auth_seq_id 
_struct_site_gen.label_atom_id 
_struct_site_gen.label_alt_id 
_struct_site_gen.symmetry 
_struct_site_gen.details 
1  AC1 6 ARG A 7  ? ARG A 4   . ? 1_555 ? 
2  AC1 6 GLU A 11 ? GLU A 8   . ? 1_555 ? 
3  AC1 6 HOH E .  ? HOH A 264 . ? 1_555 ? 
4  AC1 6 GLU B 15 ? GLU B 12  . ? 2_454 ? 
5  AC1 6 GLU B 38 ? GLU B 35  . ? 4_545 ? 
6  AC1 6 ASN B 42 ? ASN B 39  . ? 4_545 ? 
7  AC2 7 LEU B 17 ? LEU B 14  . ? 1_555 ? 
8  AC2 7 GLU B 20 ? GLU B 17  . ? 1_555 ? 
9  AC2 7 GLU B 67 ? GLU B 64  . ? 1_555 ? 
10 AC2 7 ASP B 71 ? ASP B 68  . ? 1_555 ? 
11 AC2 7 ARG B 74 ? ARG B 71  . ? 1_555 ? 
12 AC2 7 HOH F .  ? HOH B 227 . ? 1_555 ? 
13 AC2 7 HOH F .  ? HOH B 253 . ? 1_555 ? 
# 
loop_
_pdbx_validate_close_contact.id 
_pdbx_validate_close_contact.PDB_model_num 
_pdbx_validate_close_contact.auth_atom_id_1 
_pdbx_validate_close_contact.auth_asym_id_1 
_pdbx_validate_close_contact.auth_comp_id_1 
_pdbx_validate_close_contact.auth_seq_id_1 
_pdbx_validate_close_contact.PDB_ins_code_1 
_pdbx_validate_close_contact.label_alt_id_1 
_pdbx_validate_close_contact.auth_atom_id_2 
_pdbx_validate_close_contact.auth_asym_id_2 
_pdbx_validate_close_contact.auth_comp_id_2 
_pdbx_validate_close_contact.auth_seq_id_2 
_pdbx_validate_close_contact.PDB_ins_code_2 
_pdbx_validate_close_contact.label_alt_id_2 
_pdbx_validate_close_contact.dist 
1 1 O   A HOH 260 ? ? O A HOH 264 ? ? 1.94 
2 1 NZ  B LYS 25  ? ? O B HOH 207 ? ? 1.97 
3 1 O   A HOH 208 ? ? O A HOH 220 ? ? 2.12 
4 1 OD1 A ASP 68  ? ? O A HOH 201 ? ? 2.18 
# 
_pdbx_validate_symm_contact.id                1 
_pdbx_validate_symm_contact.PDB_model_num     1 
_pdbx_validate_symm_contact.auth_atom_id_1    NZ 
_pdbx_validate_symm_contact.auth_asym_id_1    B 
_pdbx_validate_symm_contact.auth_comp_id_1    LYS 
_pdbx_validate_symm_contact.auth_seq_id_1     16 
_pdbx_validate_symm_contact.PDB_ins_code_1    ? 
_pdbx_validate_symm_contact.label_alt_id_1    ? 
_pdbx_validate_symm_contact.site_symmetry_1   1_555 
_pdbx_validate_symm_contact.auth_atom_id_2    O 
_pdbx_validate_symm_contact.auth_asym_id_2    A 
_pdbx_validate_symm_contact.auth_comp_id_2    HOH 
_pdbx_validate_symm_contact.auth_seq_id_2     260 
_pdbx_validate_symm_contact.PDB_ins_code_2    ? 
_pdbx_validate_symm_contact.label_alt_id_2    ? 
_pdbx_validate_symm_contact.site_symmetry_2   2_455 
_pdbx_validate_symm_contact.dist              2.19 
# 
loop_
_pdbx_unobs_or_zero_occ_residues.id 
_pdbx_unobs_or_zero_occ_residues.PDB_model_num 
_pdbx_unobs_or_zero_occ_residues.polymer_flag 
_pdbx_unobs_or_zero_occ_residues.occupancy_flag 
_pdbx_unobs_or_zero_occ_residues.auth_asym_id 
_pdbx_unobs_or_zero_occ_residues.auth_comp_id 
_pdbx_unobs_or_zero_occ_residues.auth_seq_id 
_pdbx_unobs_or_zero_occ_residues.PDB_ins_code 
_pdbx_unobs_or_zero_occ_residues.label_asym_id 
_pdbx_unobs_or_zero_occ_residues.label_comp_id 
_pdbx_unobs_or_zero_occ_residues.label_seq_id 
1 1 Y 1 A SER -2 ? A SER 1 
2 1 Y 1 B SER -2 ? B SER 1 
3 1 Y 1 B ASN -1 ? B ASN 2 
# 
loop_
_chem_comp_atom.comp_id 
_chem_comp_atom.atom_id 
_chem_comp_atom.type_symbol 
_chem_comp_atom.pdbx_aromatic_flag 
_chem_comp_atom.pdbx_stereo_config 
_chem_comp_atom.pdbx_ordinal 
ALA N    N N N 1   
ALA CA   C N S 2   
ALA C    C N N 3   
ALA O    O N N 4   
ALA CB   C N N 5   
ALA OXT  O N N 6   
ALA H    H N N 7   
ALA H2   H N N 8   
ALA HA   H N N 9   
ALA HB1  H N N 10  
ALA HB2  H N N 11  
ALA HB3  H N N 12  
ALA HXT  H N N 13  
ARG N    N N N 14  
ARG CA   C N S 15  
ARG C    C N N 16  
ARG O    O N N 17  
ARG CB   C N N 18  
ARG CG   C N N 19  
ARG CD   C N N 20  
ARG NE   N N N 21  
ARG CZ   C N N 22  
ARG NH1  N N N 23  
ARG NH2  N N N 24  
ARG OXT  O N N 25  
ARG H    H N N 26  
ARG H2   H N N 27  
ARG HA   H N N 28  
ARG HB2  H N N 29  
ARG HB3  H N N 30  
ARG HG2  H N N 31  
ARG HG3  H N N 32  
ARG HD2  H N N 33  
ARG HD3  H N N 34  
ARG HE   H N N 35  
ARG HH11 H N N 36  
ARG HH12 H N N 37  
ARG HH21 H N N 38  
ARG HH22 H N N 39  
ARG HXT  H N N 40  
ASN N    N N N 41  
ASN CA   C N S 42  
ASN C    C N N 43  
ASN O    O N N 44  
ASN CB   C N N 45  
ASN CG   C N N 46  
ASN OD1  O N N 47  
ASN ND2  N N N 48  
ASN OXT  O N N 49  
ASN H    H N N 50  
ASN H2   H N N 51  
ASN HA   H N N 52  
ASN HB2  H N N 53  
ASN HB3  H N N 54  
ASN HD21 H N N 55  
ASN HD22 H N N 56  
ASN HXT  H N N 57  
ASP N    N N N 58  
ASP CA   C N S 59  
ASP C    C N N 60  
ASP O    O N N 61  
ASP CB   C N N 62  
ASP CG   C N N 63  
ASP OD1  O N N 64  
ASP OD2  O N N 65  
ASP OXT  O N N 66  
ASP H    H N N 67  
ASP H2   H N N 68  
ASP HA   H N N 69  
ASP HB2  H N N 70  
ASP HB3  H N N 71  
ASP HD2  H N N 72  
ASP HXT  H N N 73  
CYS N    N N N 74  
CYS CA   C N R 75  
CYS C    C N N 76  
CYS O    O N N 77  
CYS CB   C N N 78  
CYS SG   S N N 79  
CYS OXT  O N N 80  
CYS H    H N N 81  
CYS H2   H N N 82  
CYS HA   H N N 83  
CYS HB2  H N N 84  
CYS HB3  H N N 85  
CYS HG   H N N 86  
CYS HXT  H N N 87  
GLU N    N N N 88  
GLU CA   C N S 89  
GLU C    C N N 90  
GLU O    O N N 91  
GLU CB   C N N 92  
GLU CG   C N N 93  
GLU CD   C N N 94  
GLU OE1  O N N 95  
GLU OE2  O N N 96  
GLU OXT  O N N 97  
GLU H    H N N 98  
GLU H2   H N N 99  
GLU HA   H N N 100 
GLU HB2  H N N 101 
GLU HB3  H N N 102 
GLU HG2  H N N 103 
GLU HG3  H N N 104 
GLU HE2  H N N 105 
GLU HXT  H N N 106 
GLY N    N N N 107 
GLY CA   C N N 108 
GLY C    C N N 109 
GLY O    O N N 110 
GLY OXT  O N N 111 
GLY H    H N N 112 
GLY H2   H N N 113 
GLY HA2  H N N 114 
GLY HA3  H N N 115 
GLY HXT  H N N 116 
HIS N    N N N 117 
HIS CA   C N S 118 
HIS C    C N N 119 
HIS O    O N N 120 
HIS CB   C N N 121 
HIS CG   C Y N 122 
HIS ND1  N Y N 123 
HIS CD2  C Y N 124 
HIS CE1  C Y N 125 
HIS NE2  N Y N 126 
HIS OXT  O N N 127 
HIS H    H N N 128 
HIS H2   H N N 129 
HIS HA   H N N 130 
HIS HB2  H N N 131 
HIS HB3  H N N 132 
HIS HD1  H N N 133 
HIS HD2  H N N 134 
HIS HE1  H N N 135 
HIS HE2  H N N 136 
HIS HXT  H N N 137 
HOH O    O N N 138 
HOH H1   H N N 139 
HOH H2   H N N 140 
ILE N    N N N 141 
ILE CA   C N S 142 
ILE C    C N N 143 
ILE O    O N N 144 
ILE CB   C N S 145 
ILE CG1  C N N 146 
ILE CG2  C N N 147 
ILE CD1  C N N 148 
ILE OXT  O N N 149 
ILE H    H N N 150 
ILE H2   H N N 151 
ILE HA   H N N 152 
ILE HB   H N N 153 
ILE HG12 H N N 154 
ILE HG13 H N N 155 
ILE HG21 H N N 156 
ILE HG22 H N N 157 
ILE HG23 H N N 158 
ILE HD11 H N N 159 
ILE HD12 H N N 160 
ILE HD13 H N N 161 
ILE HXT  H N N 162 
IUM U    U N N 163 
IUM O1   O N N 164 
IUM O2   O N N 165 
LEU N    N N N 166 
LEU CA   C N S 167 
LEU C    C N N 168 
LEU O    O N N 169 
LEU CB   C N N 170 
LEU CG   C N N 171 
LEU CD1  C N N 172 
LEU CD2  C N N 173 
LEU OXT  O N N 174 
LEU H    H N N 175 
LEU H2   H N N 176 
LEU HA   H N N 177 
LEU HB2  H N N 178 
LEU HB3  H N N 179 
LEU HG   H N N 180 
LEU HD11 H N N 181 
LEU HD12 H N N 182 
LEU HD13 H N N 183 
LEU HD21 H N N 184 
LEU HD22 H N N 185 
LEU HD23 H N N 186 
LEU HXT  H N N 187 
LYS N    N N N 188 
LYS CA   C N S 189 
LYS C    C N N 190 
LYS O    O N N 191 
LYS CB   C N N 192 
LYS CG   C N N 193 
LYS CD   C N N 194 
LYS CE   C N N 195 
LYS NZ   N N N 196 
LYS OXT  O N N 197 
LYS H    H N N 198 
LYS H2   H N N 199 
LYS HA   H N N 200 
LYS HB2  H N N 201 
LYS HB3  H N N 202 
LYS HG2  H N N 203 
LYS HG3  H N N 204 
LYS HD2  H N N 205 
LYS HD3  H N N 206 
LYS HE2  H N N 207 
LYS HE3  H N N 208 
LYS HZ1  H N N 209 
LYS HZ2  H N N 210 
LYS HZ3  H N N 211 
LYS HXT  H N N 212 
MET N    N N N 213 
MET CA   C N S 214 
MET C    C N N 215 
MET O    O N N 216 
MET CB   C N N 217 
MET CG   C N N 218 
MET SD   S N N 219 
MET CE   C N N 220 
MET OXT  O N N 221 
MET H    H N N 222 
MET H2   H N N 223 
MET HA   H N N 224 
MET HB2  H N N 225 
MET HB3  H N N 226 
MET HG2  H N N 227 
MET HG3  H N N 228 
MET HE1  H N N 229 
MET HE2  H N N 230 
MET HE3  H N N 231 
MET HXT  H N N 232 
PHE N    N N N 233 
PHE CA   C N S 234 
PHE C    C N N 235 
PHE O    O N N 236 
PHE CB   C N N 237 
PHE CG   C Y N 238 
PHE CD1  C Y N 239 
PHE CD2  C Y N 240 
PHE CE1  C Y N 241 
PHE CE2  C Y N 242 
PHE CZ   C Y N 243 
PHE OXT  O N N 244 
PHE H    H N N 245 
PHE H2   H N N 246 
PHE HA   H N N 247 
PHE HB2  H N N 248 
PHE HB3  H N N 249 
PHE HD1  H N N 250 
PHE HD2  H N N 251 
PHE HE1  H N N 252 
PHE HE2  H N N 253 
PHE HZ   H N N 254 
PHE HXT  H N N 255 
SER N    N N N 256 
SER CA   C N S 257 
SER C    C N N 258 
SER O    O N N 259 
SER CB   C N N 260 
SER OG   O N N 261 
SER OXT  O N N 262 
SER H    H N N 263 
SER H2   H N N 264 
SER HA   H N N 265 
SER HB2  H N N 266 
SER HB3  H N N 267 
SER HG   H N N 268 
SER HXT  H N N 269 
THR N    N N N 270 
THR CA   C N S 271 
THR C    C N N 272 
THR O    O N N 273 
THR CB   C N R 274 
THR OG1  O N N 275 
THR CG2  C N N 276 
THR OXT  O N N 277 
THR H    H N N 278 
THR H2   H N N 279 
THR HA   H N N 280 
THR HB   H N N 281 
THR HG1  H N N 282 
THR HG21 H N N 283 
THR HG22 H N N 284 
THR HG23 H N N 285 
THR HXT  H N N 286 
TYR N    N N N 287 
TYR CA   C N S 288 
TYR C    C N N 289 
TYR O    O N N 290 
TYR CB   C N N 291 
TYR CG   C Y N 292 
TYR CD1  C Y N 293 
TYR CD2  C Y N 294 
TYR CE1  C Y N 295 
TYR CE2  C Y N 296 
TYR CZ   C Y N 297 
TYR OH   O N N 298 
TYR OXT  O N N 299 
TYR H    H N N 300 
TYR H2   H N N 301 
TYR HA   H N N 302 
TYR HB2  H N N 303 
TYR HB3  H N N 304 
TYR HD1  H N N 305 
TYR HD2  H N N 306 
TYR HE1  H N N 307 
TYR HE2  H N N 308 
TYR HH   H N N 309 
TYR HXT  H N N 310 
VAL N    N N N 311 
VAL CA   C N S 312 
VAL C    C N N 313 
VAL O    O N N 314 
VAL CB   C N N 315 
VAL CG1  C N N 316 
VAL CG2  C N N 317 
VAL OXT  O N N 318 
VAL H    H N N 319 
VAL H2   H N N 320 
VAL HA   H N N 321 
VAL HB   H N N 322 
VAL HG11 H N N 323 
VAL HG12 H N N 324 
VAL HG13 H N N 325 
VAL HG21 H N N 326 
VAL HG22 H N N 327 
VAL HG23 H N N 328 
VAL HXT  H N N 329 
# 
loop_
_chem_comp_bond.comp_id 
_chem_comp_bond.atom_id_1 
_chem_comp_bond.atom_id_2 
_chem_comp_bond.value_order 
_chem_comp_bond.pdbx_aromatic_flag 
_chem_comp_bond.pdbx_stereo_config 
_chem_comp_bond.pdbx_ordinal 
ALA N   CA   sing N N 1   
ALA N   H    sing N N 2   
ALA N   H2   sing N N 3   
ALA CA  C    sing N N 4   
ALA CA  CB   sing N N 5   
ALA CA  HA   sing N N 6   
ALA C   O    doub N N 7   
ALA C   OXT  sing N N 8   
ALA CB  HB1  sing N N 9   
ALA CB  HB2  sing N N 10  
ALA CB  HB3  sing N N 11  
ALA OXT HXT  sing N N 12  
ARG N   CA   sing N N 13  
ARG N   H    sing N N 14  
ARG N   H2   sing N N 15  
ARG CA  C    sing N N 16  
ARG CA  CB   sing N N 17  
ARG CA  HA   sing N N 18  
ARG C   O    doub N N 19  
ARG C   OXT  sing N N 20  
ARG CB  CG   sing N N 21  
ARG CB  HB2  sing N N 22  
ARG CB  HB3  sing N N 23  
ARG CG  CD   sing N N 24  
ARG CG  HG2  sing N N 25  
ARG CG  HG3  sing N N 26  
ARG CD  NE   sing N N 27  
ARG CD  HD2  sing N N 28  
ARG CD  HD3  sing N N 29  
ARG NE  CZ   sing N N 30  
ARG NE  HE   sing N N 31  
ARG CZ  NH1  sing N N 32  
ARG CZ  NH2  doub N N 33  
ARG NH1 HH11 sing N N 34  
ARG NH1 HH12 sing N N 35  
ARG NH2 HH21 sing N N 36  
ARG NH2 HH22 sing N N 37  
ARG OXT HXT  sing N N 38  
ASN N   CA   sing N N 39  
ASN N   H    sing N N 40  
ASN N   H2   sing N N 41  
ASN CA  C    sing N N 42  
ASN CA  CB   sing N N 43  
ASN CA  HA   sing N N 44  
ASN C   O    doub N N 45  
ASN C   OXT  sing N N 46  
ASN CB  CG   sing N N 47  
ASN CB  HB2  sing N N 48  
ASN CB  HB3  sing N N 49  
ASN CG  OD1  doub N N 50  
ASN CG  ND2  sing N N 51  
ASN ND2 HD21 sing N N 52  
ASN ND2 HD22 sing N N 53  
ASN OXT HXT  sing N N 54  
ASP N   CA   sing N N 55  
ASP N   H    sing N N 56  
ASP N   H2   sing N N 57  
ASP CA  C    sing N N 58  
ASP CA  CB   sing N N 59  
ASP CA  HA   sing N N 60  
ASP C   O    doub N N 61  
ASP C   OXT  sing N N 62  
ASP CB  CG   sing N N 63  
ASP CB  HB2  sing N N 64  
ASP CB  HB3  sing N N 65  
ASP CG  OD1  doub N N 66  
ASP CG  OD2  sing N N 67  
ASP OD2 HD2  sing N N 68  
ASP OXT HXT  sing N N 69  
CYS N   CA   sing N N 70  
CYS N   H    sing N N 71  
CYS N   H2   sing N N 72  
CYS CA  C    sing N N 73  
CYS CA  CB   sing N N 74  
CYS CA  HA   sing N N 75  
CYS C   O    doub N N 76  
CYS C   OXT  sing N N 77  
CYS CB  SG   sing N N 78  
CYS CB  HB2  sing N N 79  
CYS CB  HB3  sing N N 80  
CYS SG  HG   sing N N 81  
CYS OXT HXT  sing N N 82  
GLU N   CA   sing N N 83  
GLU N   H    sing N N 84  
GLU N   H2   sing N N 85  
GLU CA  C    sing N N 86  
GLU CA  CB   sing N N 87  
GLU CA  HA   sing N N 88  
GLU C   O    doub N N 89  
GLU C   OXT  sing N N 90  
GLU CB  CG   sing N N 91  
GLU CB  HB2  sing N N 92  
GLU CB  HB3  sing N N 93  
GLU CG  CD   sing N N 94  
GLU CG  HG2  sing N N 95  
GLU CG  HG3  sing N N 96  
GLU CD  OE1  doub N N 97  
GLU CD  OE2  sing N N 98  
GLU OE2 HE2  sing N N 99  
GLU OXT HXT  sing N N 100 
GLY N   CA   sing N N 101 
GLY N   H    sing N N 102 
GLY N   H2   sing N N 103 
GLY CA  C    sing N N 104 
GLY CA  HA2  sing N N 105 
GLY CA  HA3  sing N N 106 
GLY C   O    doub N N 107 
GLY C   OXT  sing N N 108 
GLY OXT HXT  sing N N 109 
HIS N   CA   sing N N 110 
HIS N   H    sing N N 111 
HIS N   H2   sing N N 112 
HIS CA  C    sing N N 113 
HIS CA  CB   sing N N 114 
HIS CA  HA   sing N N 115 
HIS C   O    doub N N 116 
HIS C   OXT  sing N N 117 
HIS CB  CG   sing N N 118 
HIS CB  HB2  sing N N 119 
HIS CB  HB3  sing N N 120 
HIS CG  ND1  sing Y N 121 
HIS CG  CD2  doub Y N 122 
HIS ND1 CE1  doub Y N 123 
HIS ND1 HD1  sing N N 124 
HIS CD2 NE2  sing Y N 125 
HIS CD2 HD2  sing N N 126 
HIS CE1 NE2  sing Y N 127 
HIS CE1 HE1  sing N N 128 
HIS NE2 HE2  sing N N 129 
HIS OXT HXT  sing N N 130 
HOH O   H1   sing N N 131 
HOH O   H2   sing N N 132 
ILE N   CA   sing N N 133 
ILE N   H    sing N N 134 
ILE N   H2   sing N N 135 
ILE CA  C    sing N N 136 
ILE CA  CB   sing N N 137 
ILE CA  HA   sing N N 138 
ILE C   O    doub N N 139 
ILE C   OXT  sing N N 140 
ILE CB  CG1  sing N N 141 
ILE CB  CG2  sing N N 142 
ILE CB  HB   sing N N 143 
ILE CG1 CD1  sing N N 144 
ILE CG1 HG12 sing N N 145 
ILE CG1 HG13 sing N N 146 
ILE CG2 HG21 sing N N 147 
ILE CG2 HG22 sing N N 148 
ILE CG2 HG23 sing N N 149 
ILE CD1 HD11 sing N N 150 
ILE CD1 HD12 sing N N 151 
ILE CD1 HD13 sing N N 152 
ILE OXT HXT  sing N N 153 
IUM U   O1   sing N N 154 
IUM U   O2   sing N N 155 
LEU N   CA   sing N N 156 
LEU N   H    sing N N 157 
LEU N   H2   sing N N 158 
LEU CA  C    sing N N 159 
LEU CA  CB   sing N N 160 
LEU CA  HA   sing N N 161 
LEU C   O    doub N N 162 
LEU C   OXT  sing N N 163 
LEU CB  CG   sing N N 164 
LEU CB  HB2  sing N N 165 
LEU CB  HB3  sing N N 166 
LEU CG  CD1  sing N N 167 
LEU CG  CD2  sing N N 168 
LEU CG  HG   sing N N 169 
LEU CD1 HD11 sing N N 170 
LEU CD1 HD12 sing N N 171 
LEU CD1 HD13 sing N N 172 
LEU CD2 HD21 sing N N 173 
LEU CD2 HD22 sing N N 174 
LEU CD2 HD23 sing N N 175 
LEU OXT HXT  sing N N 176 
LYS N   CA   sing N N 177 
LYS N   H    sing N N 178 
LYS N   H2   sing N N 179 
LYS CA  C    sing N N 180 
LYS CA  CB   sing N N 181 
LYS CA  HA   sing N N 182 
LYS C   O    doub N N 183 
LYS C   OXT  sing N N 184 
LYS CB  CG   sing N N 185 
LYS CB  HB2  sing N N 186 
LYS CB  HB3  sing N N 187 
LYS CG  CD   sing N N 188 
LYS CG  HG2  sing N N 189 
LYS CG  HG3  sing N N 190 
LYS CD  CE   sing N N 191 
LYS CD  HD2  sing N N 192 
LYS CD  HD3  sing N N 193 
LYS CE  NZ   sing N N 194 
LYS CE  HE2  sing N N 195 
LYS CE  HE3  sing N N 196 
LYS NZ  HZ1  sing N N 197 
LYS NZ  HZ2  sing N N 198 
LYS NZ  HZ3  sing N N 199 
LYS OXT HXT  sing N N 200 
MET N   CA   sing N N 201 
MET N   H    sing N N 202 
MET N   H2   sing N N 203 
MET CA  C    sing N N 204 
MET CA  CB   sing N N 205 
MET CA  HA   sing N N 206 
MET C   O    doub N N 207 
MET C   OXT  sing N N 208 
MET CB  CG   sing N N 209 
MET CB  HB2  sing N N 210 
MET CB  HB3  sing N N 211 
MET CG  SD   sing N N 212 
MET CG  HG2  sing N N 213 
MET CG  HG3  sing N N 214 
MET SD  CE   sing N N 215 
MET CE  HE1  sing N N 216 
MET CE  HE2  sing N N 217 
MET CE  HE3  sing N N 218 
MET OXT HXT  sing N N 219 
PHE N   CA   sing N N 220 
PHE N   H    sing N N 221 
PHE N   H2   sing N N 222 
PHE CA  C    sing N N 223 
PHE CA  CB   sing N N 224 
PHE CA  HA   sing N N 225 
PHE C   O    doub N N 226 
PHE C   OXT  sing N N 227 
PHE CB  CG   sing N N 228 
PHE CB  HB2  sing N N 229 
PHE CB  HB3  sing N N 230 
PHE CG  CD1  doub Y N 231 
PHE CG  CD2  sing Y N 232 
PHE CD1 CE1  sing Y N 233 
PHE CD1 HD1  sing N N 234 
PHE CD2 CE2  doub Y N 235 
PHE CD2 HD2  sing N N 236 
PHE CE1 CZ   doub Y N 237 
PHE CE1 HE1  sing N N 238 
PHE CE2 CZ   sing Y N 239 
PHE CE2 HE2  sing N N 240 
PHE CZ  HZ   sing N N 241 
PHE OXT HXT  sing N N 242 
SER N   CA   sing N N 243 
SER N   H    sing N N 244 
SER N   H2   sing N N 245 
SER CA  C    sing N N 246 
SER CA  CB   sing N N 247 
SER CA  HA   sing N N 248 
SER C   O    doub N N 249 
SER C   OXT  sing N N 250 
SER CB  OG   sing N N 251 
SER CB  HB2  sing N N 252 
SER CB  HB3  sing N N 253 
SER OG  HG   sing N N 254 
SER OXT HXT  sing N N 255 
THR N   CA   sing N N 256 
THR N   H    sing N N 257 
THR N   H2   sing N N 258 
THR CA  C    sing N N 259 
THR CA  CB   sing N N 260 
THR CA  HA   sing N N 261 
THR C   O    doub N N 262 
THR C   OXT  sing N N 263 
THR CB  OG1  sing N N 264 
THR CB  CG2  sing N N 265 
THR CB  HB   sing N N 266 
THR OG1 HG1  sing N N 267 
THR CG2 HG21 sing N N 268 
THR CG2 HG22 sing N N 269 
THR CG2 HG23 sing N N 270 
THR OXT HXT  sing N N 271 
TYR N   CA   sing N N 272 
TYR N   H    sing N N 273 
TYR N   H2   sing N N 274 
TYR CA  C    sing N N 275 
TYR CA  CB   sing N N 276 
TYR CA  HA   sing N N 277 
TYR C   O    doub N N 278 
TYR C   OXT  sing N N 279 
TYR CB  CG   sing N N 280 
TYR CB  HB2  sing N N 281 
TYR CB  HB3  sing N N 282 
TYR CG  CD1  doub Y N 283 
TYR CG  CD2  sing Y N 284 
TYR CD1 CE1  sing Y N 285 
TYR CD1 HD1  sing N N 286 
TYR CD2 CE2  doub Y N 287 
TYR CD2 HD2  sing N N 288 
TYR CE1 CZ   doub Y N 289 
TYR CE1 HE1  sing N N 290 
TYR CE2 CZ   sing Y N 291 
TYR CE2 HE2  sing N N 292 
TYR CZ  OH   sing N N 293 
TYR OH  HH   sing N N 294 
TYR OXT HXT  sing N N 295 
VAL N   CA   sing N N 296 
VAL N   H    sing N N 297 
VAL N   H2   sing N N 298 
VAL CA  C    sing N N 299 
VAL CA  CB   sing N N 300 
VAL CA  HA   sing N N 301 
VAL C   O    doub N N 302 
VAL C   OXT  sing N N 303 
VAL CB  CG1  sing N N 304 
VAL CB  CG2  sing N N 305 
VAL CB  HB   sing N N 306 
VAL CG1 HG11 sing N N 307 
VAL CG1 HG12 sing N N 308 
VAL CG1 HG13 sing N N 309 
VAL CG2 HG21 sing N N 310 
VAL CG2 HG22 sing N N 311 
VAL CG2 HG23 sing N N 312 
VAL OXT HXT  sing N N 313 
# 
_atom_sites.entry_id                    4FZP 
_atom_sites.fract_transf_matrix[1][1]   0.01885246 
_atom_sites.fract_transf_matrix[1][2]   -0.00653110 
_atom_sites.fract_transf_matrix[1][3]   0.01084984 
_atom_sites.fract_transf_matrix[2][1]   0.01186264 
_atom_sites.fract_transf_matrix[2][2]   0.00806243 
_atom_sites.fract_transf_matrix[2][3]   -0.01575908 
_atom_sites.fract_transf_matrix[3][1]   0.00048545 
_atom_sites.fract_transf_matrix[3][2]   0.01338085 
_atom_sites.fract_transf_matrix[3][3]   0.00721114 
_atom_sites.fract_transf_vector[1]      -0.489613 
_atom_sites.fract_transf_vector[2]      -0.025461 
_atom_sites.fract_transf_vector[3]      0.013440 
# 
loop_
_atom_type.symbol 
C 
N 
O 
S 
U 
# 
loop_
_atom_site.group_PDB 
_atom_site.id 
_atom_site.type_symbol 
_atom_site.label_atom_id 
_atom_site.label_alt_id 
_atom_site.label_comp_id 
_atom_site.label_asym_id 
_atom_site.label_entity_id 
_atom_site.label_seq_id 
_atom_site.pdbx_PDB_ins_code 
_atom_site.Cartn_x 
_atom_site.Cartn_y 
_atom_site.Cartn_z 
_atom_site.occupancy 
_atom_site.B_iso_or_equiv 
_atom_site.pdbx_formal_charge 
_atom_site.auth_seq_id 
_atom_site.auth_comp_id 
_atom_site.auth_asym_id 
_atom_site.auth_atom_id 
_atom_site.pdbx_PDB_model_num 
ATOM   1    N N   . ASN A 1 2  ? 10.268  -6.750  15.861  1.00 27.70 ? -1  ASN A N   1 
ATOM   2    C CA  . ASN A 1 2  ? 8.820   -6.614  15.783  1.00 18.53 ? -1  ASN A CA  1 
ATOM   3    C C   . ASN A 1 2  ? 8.165   -7.833  15.109  1.00 19.48 ? -1  ASN A C   1 
ATOM   4    O O   . ASN A 1 2  ? 8.597   -8.292  14.059  1.00 21.71 ? -1  ASN A O   1 
ATOM   5    C CB  . ASN A 1 2  ? 8.445   -5.310  15.073  1.00 22.72 ? -1  ASN A CB  1 
ATOM   6    C CG  . ASN A 1 2  ? 7.039   -4.861  15.382  1.00 27.33 ? -1  ASN A CG  1 
ATOM   7    O OD1 . ASN A 1 2  ? 6.077   -5.496  14.968  1.00 24.59 ? -1  ASN A OD1 1 
ATOM   8    N ND2 . ASN A 1 2  ? 6.910   -3.750  16.103  1.00 24.52 ? -1  ASN A ND2 1 
ATOM   9    N N   . ALA A 1 3  ? 7.128   -8.360  15.745  1.00 12.92 ? 0   ALA A N   1 
ATOM   10   C CA  . ALA A 1 3  ? 6.374   -9.510  15.260  1.00 12.77 ? 0   ALA A CA  1 
ATOM   11   C C   . ALA A 1 3  ? 5.588   -9.251  13.971  1.00 10.46 ? 0   ALA A C   1 
ATOM   12   O O   . ALA A 1 3  ? 5.105   -10.193 13.334  1.00 12.25 ? 0   ALA A O   1 
ATOM   13   C CB  . ALA A 1 3  ? 5.445   -10.003 16.364  1.00 16.39 ? 0   ALA A CB  1 
ATOM   14   N N   . LEU A 1 4  ? 5.463   -7.984  13.578  1.00 11.48 ? 1   LEU A N   1 
ATOM   15   C CA  . LEU A 1 4  ? 4.759   -7.656  12.344  1.00 10.94 ? 1   LEU A CA  1 
ATOM   16   C C   . LEU A 1 4  ? 5.430   -8.241  11.107  1.00 11.28 ? 1   LEU A C   1 
ATOM   17   O O   . LEU A 1 4  ? 4.748   -8.509  10.110  1.00 11.16 ? 1   LEU A O   1 
ATOM   18   C CB  . LEU A 1 4  ? 4.620   -6.144  12.183  1.00 13.00 ? 1   LEU A CB  1 
ATOM   19   C CG  . LEU A 1 4  ? 3.597   -5.440  13.073  1.00 14.28 ? 1   LEU A CG  1 
ATOM   20   C CD1 . LEU A 1 4  ? 3.705   -3.934  12.892  1.00 18.12 ? 1   LEU A CD1 1 
ATOM   21   C CD2 . LEU A 1 4  ? 2.196   -5.925  12.791  1.00 17.81 ? 1   LEU A CD2 1 
ATOM   22   N N   . ASP A 1 5  ? 6.749   -8.435  11.152  1.00 9.98  ? 2   ASP A N   1 
ATOM   23   C CA  . ASP A 1 5  ? 7.436   -9.010  9.994   1.00 11.53 ? 2   ASP A CA  1 
ATOM   24   C C   . ASP A 1 5  ? 8.018   -10.403 10.236  1.00 11.62 ? 2   ASP A C   1 
ATOM   25   O O   . ASP A 1 5  ? 8.931   -10.827 9.547   1.00 13.04 ? 2   ASP A O   1 
ATOM   26   C CB  . ASP A 1 5  ? 8.487   -8.048  9.399   1.00 11.82 ? 2   ASP A CB  1 
ATOM   27   C CG  . ASP A 1 5  ? 9.731   -7.898  10.256  1.00 14.20 ? 2   ASP A CG  1 
ATOM   28   O OD1 . ASP A 1 5  ? 9.721   -8.293  11.442  1.00 17.01 ? 2   ASP A OD1 1 
ATOM   29   O OD2 . ASP A 1 5  ? 10.743  -7.362  9.728   1.00 15.10 ? 2   ASP A OD2 1 
ATOM   30   N N   . CYS A 1 6  ? 7.485   -11.120 11.218  1.00 11.11 ? 3   CYS A N   1 
ATOM   31   C CA  . CYS A 1 6  ? 7.955   -12.483 11.439  1.00 11.55 ? 3   CYS A CA  1 
ATOM   32   C C   . CYS A 1 6  ? 7.375   -13.388 10.352  1.00 10.28 ? 3   CYS A C   1 
ATOM   33   O O   . CYS A 1 6  ? 6.383   -13.043 9.692   1.00 11.28 ? 3   CYS A O   1 
ATOM   34   C CB  . CYS A 1 6  ? 7.613   -12.992 12.850  1.00 13.53 ? 3   CYS A CB  1 
ATOM   35   S SG  . CYS A 1 6  ? 5.881   -13.440 13.131  1.00 13.08 ? 3   CYS A SG  1 
ATOM   36   N N   . ARG A 1 7  ? 7.973   -14.562 10.182  1.00 12.00 ? 4   ARG A N   1 
ATOM   37   C CA  A ARG A 1 7  ? 7.595   -15.481 9.117   0.47 13.08 ? 4   ARG A CA  1 
ATOM   38   C CA  B ARG A 1 7  ? 7.592   -15.462 9.102   0.53 13.07 ? 4   ARG A CA  1 
ATOM   39   C C   . ARG A 1 7  ? 6.096   -15.776 9.075   1.00 11.95 ? 4   ARG A C   1 
ATOM   40   O O   . ARG A 1 7  ? 5.458   -15.678 8.025   1.00 12.55 ? 4   ARG A O   1 
ATOM   41   C CB  A ARG A 1 7  ? 8.383   -16.789 9.265   0.47 17.79 ? 4   ARG A CB  1 
ATOM   42   C CB  B ARG A 1 7  ? 8.412   -16.761 9.161   0.53 17.79 ? 4   ARG A CB  1 
ATOM   43   C CG  A ARG A 1 7  ? 8.098   -17.813 8.187   0.47 19.12 ? 4   ARG A CG  1 
ATOM   44   C CG  B ARG A 1 7  ? 7.818   -17.883 8.326   0.53 18.77 ? 4   ARG A CG  1 
ATOM   45   C CD  A ARG A 1 7  ? 9.062   -19.003 8.269   0.47 20.13 ? 4   ARG A CD  1 
ATOM   46   C CD  B ARG A 1 7  ? 8.742   -18.325 7.197   0.53 25.81 ? 4   ARG A CD  1 
ATOM   47   N NE  A ARG A 1 7  ? 9.001   -19.710 9.547   0.47 21.70 ? 4   ARG A NE  1 
ATOM   48   N NE  B ARG A 1 7  ? 7.997   -18.597 5.967   0.53 28.72 ? 4   ARG A NE  1 
ATOM   49   C CZ  A ARG A 1 7  ? 9.202   -21.019 9.689   0.47 23.50 ? 4   ARG A CZ  1 
ATOM   50   C CZ  B ARG A 1 7  ? 8.408   -19.423 5.012   0.53 23.45 ? 4   ARG A CZ  1 
ATOM   51   N NH1 A ARG A 1 7  ? 9.133   -21.579 10.889  0.47 23.42 ? 4   ARG A NH1 1 
ATOM   52   N NH1 B ARG A 1 7  ? 7.668   -19.611 3.928   0.53 28.79 ? 4   ARG A NH1 1 
ATOM   53   N NH2 A ARG A 1 7  ? 9.464   -21.774 8.628   0.47 24.49 ? 4   ARG A NH2 1 
ATOM   54   N NH2 B ARG A 1 7  ? 9.552   -20.076 5.150   0.53 32.17 ? 4   ARG A NH2 1 
ATOM   55   N N   . GLU A 1 8  ? 5.533   -16.140 10.222  1.00 10.61 ? 5   GLU A N   1 
ATOM   56   C CA  . GLU A 1 8  ? 4.142   -16.579 10.275  1.00 10.34 ? 5   GLU A CA  1 
ATOM   57   C C   . GLU A 1 8  ? 3.171   -15.442 9.996   1.00 10.89 ? 5   GLU A C   1 
ATOM   58   O O   . GLU A 1 8  ? 2.139   -15.636 9.377   1.00 10.88 ? 5   GLU A O   1 
ATOM   59   C CB  . GLU A 1 8  ? 3.828   -17.235 11.625  1.00 11.77 ? 5   GLU A CB  1 
ATOM   60   C CG  . GLU A 1 8  ? 4.629   -18.501 11.892  1.00 12.57 ? 5   GLU A CG  1 
ATOM   61   C CD  . GLU A 1 8  ? 5.994   -18.241 12.513  1.00 12.66 ? 5   GLU A CD  1 
ATOM   62   O OE1 . GLU A 1 8  ? 6.356   -17.065 12.733  0.92 12.62 ? 5   GLU A OE1 1 
ATOM   63   O OE2 . GLU A 1 8  ? 6.720   -19.223 12.796  0.72 12.71 ? 5   GLU A OE2 1 
ATOM   64   N N   . ARG A 1 9  ? 3.511   -14.244 10.444  1.00 10.37 ? 6   ARG A N   1 
ATOM   65   C CA  . ARG A 1 9  ? 2.696   -13.069 10.177  1.00 10.93 ? 6   ARG A CA  1 
ATOM   66   C C   . ARG A 1 9  ? 2.725   -12.695 8.692   1.00 9.80  ? 6   ARG A C   1 
ATOM   67   O O   . ARG A 1 9  ? 1.684   -12.389 8.107   1.00 10.98 ? 6   ARG A O   1 
ATOM   68   C CB  . ARG A 1 9  ? 3.194   -11.922 11.063  1.00 12.44 ? 6   ARG A CB  1 
ATOM   69   C CG  . ARG A 1 9  ? 2.379   -10.649 11.121  1.00 17.87 ? 6   ARG A CG  1 
ATOM   70   C CD  . ARG A 1 9  ? 0.965   -10.855 11.600  1.00 15.35 ? 6   ARG A CD  1 
ATOM   71   N NE  . ARG A 1 9  ? 0.119   -11.083 10.442  1.00 16.48 ? 6   ARG A NE  1 
ATOM   72   C CZ  . ARG A 1 9  ? -1.155  -11.426 10.492  1.00 14.72 ? 6   ARG A CZ  1 
ATOM   73   N NH1 . ARG A 1 9  ? -1.770  -11.586 11.657  1.00 15.37 ? 6   ARG A NH1 1 
ATOM   74   N NH2 . ARG A 1 9  ? -1.809  -11.606 9.359   1.00 14.77 ? 6   ARG A NH2 1 
ATOM   75   N N   . ILE A 1 10 ? 3.909   -12.731 8.077   1.00 9.24  ? 7   ILE A N   1 
ATOM   76   C CA  . ILE A 1 10 ? 3.999   -12.488 6.633   1.00 10.69 ? 7   ILE A CA  1 
ATOM   77   C C   . ILE A 1 10 ? 3.223   -13.546 5.835   1.00 10.45 ? 7   ILE A C   1 
ATOM   78   O O   . ILE A 1 10 ? 2.493   -13.226 4.896   1.00 10.82 ? 7   ILE A O   1 
ATOM   79   C CB  . ILE A 1 10 ? 5.472   -12.374 6.166   1.00 10.62 ? 7   ILE A CB  1 
ATOM   80   C CG1 . ILE A 1 10 ? 6.111   -11.147 6.807   1.00 11.46 ? 7   ILE A CG1 1 
ATOM   81   C CG2 . ILE A 1 10 ? 5.560   -12.282 4.632   1.00 12.42 ? 7   ILE A CG2 1 
ATOM   82   C CD1 . ILE A 1 10 ? 7.597   -10.988 6.515   1.00 13.78 ? 7   ILE A CD1 1 
ATOM   83   N N   . GLU A 1 11 ? 3.368   -14.809 6.213   1.00 9.56  ? 8   GLU A N   1 
ATOM   84   C CA  . GLU A 1 11 ? 2.632   -15.856 5.524   1.00 11.35 ? 8   GLU A CA  1 
ATOM   85   C C   . GLU A 1 11 ? 1.141   -15.633 5.563   1.00 12.53 ? 8   GLU A C   1 
ATOM   86   O O   . GLU A 1 11 ? 0.454   -15.795 4.553   1.00 12.62 ? 8   GLU A O   1 
ATOM   87   C CB  . GLU A 1 11 ? 2.975   -17.199 6.132   1.00 13.42 ? 8   GLU A CB  1 
ATOM   88   C CG  . GLU A 1 11 ? 4.359   -17.628 5.798   1.00 16.33 ? 8   GLU A CG  1 
ATOM   89   C CD  . GLU A 1 11 ? 4.764   -18.776 6.633   1.00 23.42 ? 8   GLU A CD  1 
ATOM   90   O OE1 . GLU A 1 11 ? 4.000   -19.105 7.580   1.00 23.58 ? 8   GLU A OE1 1 
ATOM   91   O OE2 . GLU A 1 11 ? 5.835   -19.352 6.346   1.00 25.30 ? 8   GLU A OE2 1 
ATOM   92   N N   . LYS A 1 12 ? 0.625   -15.276 6.731   1.00 11.86 ? 9   LYS A N   1 
ATOM   93   C CA  . LYS A 1 12 ? -0.793  -15.010 6.848   1.00 14.11 ? 9   LYS A CA  1 
ATOM   94   C C   . LYS A 1 12 ? -1.200  -13.741 6.088   1.00 12.27 ? 9   LYS A C   1 
ATOM   95   O O   . LYS A 1 12 ? -2.286  -13.692 5.495   1.00 14.84 ? 9   LYS A O   1 
ATOM   96   C CB  . LYS A 1 12 ? -1.194  -14.945 8.324   1.00 15.53 ? 9   LYS A CB  1 
ATOM   97   C CG  . LYS A 1 12 ? -2.682  -14.942 8.555   1.00 21.81 ? 9   LYS A CG  1 
ATOM   98   C CD  . LYS A 1 12 ? -3.352  -16.178 7.964   1.00 27.18 ? 9   LYS A CD  1 
ATOM   99   C CE  . LYS A 1 12 ? -3.107  -17.422 8.803   1.00 27.22 ? 9   LYS A CE  1 
ATOM   100  N NZ  . LYS A 1 12 ? -4.156  -18.458 8.571   1.00 37.93 ? 9   LYS A NZ  1 
ATOM   101  N N   . ASP A 1 13 ? -0.335  -12.725 6.082   1.00 11.55 ? 10  ASP A N   1 
ATOM   102  C CA  . ASP A 1 13 ? -0.563  -11.522 5.270   1.00 11.62 ? 10  ASP A CA  1 
ATOM   103  C C   . ASP A 1 13 ? -0.713  -11.907 3.805   1.00 10.31 ? 10  ASP A C   1 
ATOM   104  O O   . ASP A 1 13 ? -1.606  -11.418 3.130   1.00 12.51 ? 10  ASP A O   1 
ATOM   105  C CB  . ASP A 1 13 ? 0.599   -10.512 5.365   1.00 12.03 ? 10  ASP A CB  1 
ATOM   106  C CG  . ASP A 1 13 ? 0.771   -9.897  6.738   1.00 11.53 ? 10  ASP A CG  1 
ATOM   107  O OD1 . ASP A 1 13 ? -0.128  -9.998  7.608   1.00 12.61 ? 10  ASP A OD1 1 
ATOM   108  O OD2 . ASP A 1 13 ? 1.850   -9.265  6.922   1.00 12.14 ? 10  ASP A OD2 1 
ATOM   109  N N   . LEU A 1 14 ? 0.164   -12.783 3.329   1.00 10.97 ? 11  LEU A N   1 
ATOM   110  C CA  . LEU A 1 14 ? 0.114   -13.225 1.939   1.00 11.58 ? 11  LEU A CA  1 
ATOM   111  C C   . LEU A 1 14 ? -1.176  -13.968 1.625   1.00 13.26 ? 11  LEU A C   1 
ATOM   112  O O   . LEU A 1 14 ? -1.797  -13.729 0.583   1.00 14.31 ? 11  LEU A O   1 
ATOM   113  C CB  . LEU A 1 14 ? 1.319   -14.114 1.627   1.00 12.78 ? 11  LEU A CB  1 
ATOM   114  C CG  . LEU A 1 14 ? 2.664   -13.397 1.549   1.00 11.17 ? 11  LEU A CG  1 
ATOM   115  C CD1 . LEU A 1 14 ? 3.815   -14.374 1.697   1.00 13.58 ? 11  LEU A CD1 1 
ATOM   116  C CD2 . LEU A 1 14 ? 2.775   -12.639 0.233   1.00 14.65 ? 11  LEU A CD2 1 
ATOM   117  N N   . GLU A 1 15 ? -1.598  -14.844 2.535   1.00 12.60 ? 12  GLU A N   1 
ATOM   118  C CA  . GLU A 1 15 ? -2.839  -15.597 2.342   1.00 15.94 ? 12  GLU A CA  1 
ATOM   119  C C   . GLU A 1 15 ? -4.013  -14.648 2.259   1.00 15.80 ? 12  GLU A C   1 
ATOM   120  O O   . GLU A 1 15 ? -4.903  -14.796 1.418   1.00 18.10 ? 12  GLU A O   1 
ATOM   121  C CB  . GLU A 1 15 ? -3.047  -16.609 3.476   1.00 17.64 ? 12  GLU A CB  1 
ATOM   122  C CG  . GLU A 1 15 ? -2.120  -17.812 3.384   1.00 23.73 ? 12  GLU A CG  1 
ATOM   123  C CD  . GLU A 1 15 ? -2.264  -18.757 4.564   1.00 30.85 ? 12  GLU A CD  1 
ATOM   124  O OE1 . GLU A 1 15 ? -2.921  -18.377 5.557   1.00 36.21 ? 12  GLU A OE1 1 
ATOM   125  O OE2 . GLU A 1 15 ? -1.716  -19.882 4.497   1.00 36.09 ? 12  GLU A OE2 1 
ATOM   126  N N   . ASP A 1 16 ? -4.014  -13.648 3.123   1.00 14.47 ? 13  ASP A N   1 
ATOM   127  C CA  . ASP A 1 16 ? -5.104  -12.694 3.147   1.00 17.31 ? 13  ASP A CA  1 
ATOM   128  C C   . ASP A 1 16 ? -5.118  -11.823 1.896   1.00 14.10 ? 13  ASP A C   1 
ATOM   129  O O   . ASP A 1 16 ? -6.187  -11.560 1.339   1.00 15.65 ? 13  ASP A O   1 
ATOM   130  C CB  . ASP A 1 16 ? -5.063  -11.857 4.424   1.00 20.98 ? 13  ASP A CB  1 
ATOM   131  C CG  . ASP A 1 16 ? -5.408  -12.669 5.664   1.00 33.27 ? 13  ASP A CG  1 
ATOM   132  O OD1 . ASP A 1 16 ? -5.920  -13.805 5.525   1.00 38.75 ? 13  ASP A OD1 1 
ATOM   133  O OD2 . ASP A 1 16 ? -5.176  -12.163 6.783   1.00 38.90 ? 13  ASP A OD2 1 
ATOM   134  N N   . LEU A 1 17 ? -3.945  -11.403 1.431   1.00 13.07 ? 14  LEU A N   1 
ATOM   135  C CA  . LEU A 1 17 ? -3.850  -10.627 0.196   1.00 13.42 ? 14  LEU A CA  1 
ATOM   136  C C   . LEU A 1 17 ? -4.367  -11.434 -0.994  1.00 14.60 ? 14  LEU A C   1 
ATOM   137  O O   . LEU A 1 17 ? -5.086  -10.901 -1.837  1.00 14.80 ? 14  LEU A O   1 
ATOM   138  C CB  . LEU A 1 17 ? -2.414  -10.161 -0.081  1.00 13.81 ? 14  LEU A CB  1 
ATOM   139  C CG  . LEU A 1 17 ? -2.330  -9.434  -1.431  1.00 14.86 ? 14  LEU A CG  1 
ATOM   140  C CD1 . LEU A 1 17 ? -2.890  -8.016  -1.322  1.00 19.40 ? 14  LEU A CD1 1 
ATOM   141  C CD2 . LEU A 1 17 ? -0.937  -9.409  -2.029  1.00 19.76 ? 14  LEU A CD2 1 
ATOM   142  N N   . GLU A 1 18 ? -4.019  -12.717 -1.050  1.00 14.17 ? 15  GLU A N   1 
ATOM   143  C CA  . GLU A 1 18 ? -4.495  -13.575 -2.131  1.00 14.59 ? 15  GLU A CA  1 
ATOM   144  C C   . GLU A 1 18 ? -6.021  -13.617 -2.177  1.00 16.80 ? 15  GLU A C   1 
ATOM   145  O O   . GLU A 1 18 ? -6.624  -13.537 -3.256  1.00 16.88 ? 15  GLU A O   1 
ATOM   146  C CB  . GLU A 1 18 ? -3.941  -14.985 -1.969  1.00 15.99 ? 15  GLU A CB  1 
ATOM   147  C CG  . GLU A 1 18 ? -4.459  -15.961 -3.011  1.00 27.71 ? 15  GLU A CG  1 
ATOM   148  C CD  . GLU A 1 18 ? -3.999  -15.613 -4.416  1.00 32.44 ? 15  GLU A CD  1 
ATOM   149  O OE1 . GLU A 1 18 ? -2.854  -15.138 -4.567  1.00 35.91 ? 15  GLU A OE1 1 
ATOM   150  O OE2 . GLU A 1 18 ? -4.783  -15.812 -5.372  1.00 39.50 ? 15  GLU A OE2 1 
ATOM   151  N N   . LYS A 1 19 ? -6.655  -13.724 -1.012  1.00 14.85 ? 16  LYS A N   1 
ATOM   152  C CA  . LYS A 1 19 ? -8.115  -13.760 -0.959  1.00 16.74 ? 16  LYS A CA  1 
ATOM   153  C C   . LYS A 1 19 ? -8.712  -12.443 -1.418  1.00 14.13 ? 16  LYS A C   1 
ATOM   154  O O   . LYS A 1 19 ? -9.722  -12.408 -2.130  1.00 17.14 ? 16  LYS A O   1 
ATOM   155  C CB  . LYS A 1 19 ? -8.596  -14.119 0.449   1.00 20.24 ? 16  LYS A CB  1 
ATOM   156  C CG  . LYS A 1 19 ? -8.452  -15.599 0.749   1.00 25.91 ? 16  LYS A CG  1 
ATOM   157  C CD  . LYS A 1 19 ? -8.682  -15.920 2.217   1.00 30.53 ? 16  LYS A CD  1 
ATOM   158  C CE  . LYS A 1 19 ? -10.079 -15.546 2.659   1.00 28.82 ? 16  LYS A CE  1 
ATOM   159  N NZ  . LYS A 1 19 ? -10.437 -16.231 3.934   1.00 29.17 ? 16  LYS A NZ  1 
ATOM   160  N N   . GLU A 1 20 ? -8.076  -11.352 -1.027  1.00 14.85 ? 17  GLU A N   1 
ATOM   161  C CA  . GLU A 1 20 ? -8.547  -10.037 -1.399  1.00 13.77 ? 17  GLU A CA  1 
ATOM   162  C C   . GLU A 1 20 ? -8.410  -9.776  -2.896  1.00 14.11 ? 17  GLU A C   1 
ATOM   163  O O   . GLU A 1 20 ? -9.287  -9.160  -3.513  1.00 15.51 ? 17  GLU A O   1 
ATOM   164  C CB  . GLU A 1 20 ? -7.775  -8.973  -0.636  1.00 15.94 ? 17  GLU A CB  1 
ATOM   165  C CG  . GLU A 1 20 ? -8.474  -7.655  -0.678  1.00 24.26 ? 17  GLU A CG  1 
ATOM   166  C CD  . GLU A 1 20 ? -7.675  -6.560  -0.034  1.00 29.51 ? 17  GLU A CD  1 
ATOM   167  O OE1 . GLU A 1 20 ? -6.716  -6.864  0.713   1.00 37.98 ? 17  GLU A OE1 1 
ATOM   168  O OE2 . GLU A 1 20 ? -8.017  -5.388  -0.283  1.00 26.89 ? 17  GLU A OE2 1 
ATOM   169  N N   . LEU A 1 21 ? -7.320  -10.262 -3.482  1.00 13.34 ? 18  LEU A N   1 
ATOM   170  C CA  . LEU A 1 21 ? -7.118  -10.119 -4.917  1.00 14.91 ? 18  LEU A CA  1 
ATOM   171  C C   . LEU A 1 21 ? -8.147  -10.938 -5.691  1.00 14.00 ? 18  LEU A C   1 
ATOM   172  O O   . LEU A 1 21 ? -8.672  -10.483 -6.710  1.00 14.91 ? 18  LEU A O   1 
ATOM   173  C CB  . LEU A 1 21 ? -5.692  -10.510 -5.306  1.00 15.20 ? 18  LEU A CB  1 
ATOM   174  C CG  . LEU A 1 21 ? -4.631  -9.480  -4.907  1.00 17.42 ? 18  LEU A CG  1 
ATOM   175  C CD1 . LEU A 1 21 ? -3.239  -10.022 -5.154  1.00 19.76 ? 18  LEU A CD1 1 
ATOM   176  C CD2 . LEU A 1 21 ? -4.830  -8.172  -5.660  1.00 21.08 ? 18  LEU A CD2 1 
ATOM   177  N N   . MET A 1 22 ? -8.455  -12.135 -5.207  1.00 15.17 ? 19  MET A N   1 
ATOM   178  C CA  . MET A 1 22 ? -9.463  -12.955 -5.869  1.00 14.83 ? 19  MET A CA  1 
ATOM   179  C C   . MET A 1 22 ? -10.829 -12.309 -5.736  1.00 14.02 ? 19  MET A C   1 
ATOM   180  O O   . MET A 1 22 ? -11.660 -12.380 -6.637  1.00 15.69 ? 19  MET A O   1 
ATOM   181  C CB  . MET A 1 22 ? -9.459  -14.369 -5.301  1.00 19.44 ? 19  MET A CB  1 
ATOM   182  C CG  . MET A 1 22 ? -8.292  -15.207 -5.796  1.00 21.51 ? 19  MET A CG  1 
ATOM   183  S SD  . MET A 1 22 ? -8.081  -15.114 -7.596  1.00 32.61 ? 19  MET A SD  1 
ATOM   184  C CE  . MET A 1 22 ? -6.962  -16.482 -7.900  1.00 36.51 ? 19  MET A CE  1 
ATOM   185  N N   . GLU A 1 23 ? -11.049 -11.651 -4.607  1.00 16.87 ? 20  GLU A N   1 
ATOM   186  C CA  . GLU A 1 23 ? -12.283 -10.935 -4.389  1.00 16.59 ? 20  GLU A CA  1 
ATOM   187  C C   . GLU A 1 23 ? -12.428 -9.805  -5.413  1.00 15.53 ? 20  GLU A C   1 
ATOM   188  O O   . GLU A 1 23 ? -13.476 -9.634  -6.027  1.00 16.38 ? 20  GLU A O   1 
ATOM   189  C CB  . GLU A 1 23 ? -12.292 -10.392 -2.962  1.00 20.79 ? 20  GLU A CB  1 
ATOM   190  C CG  . GLU A 1 23 ? -13.609 -9.829  -2.542  1.00 21.31 ? 20  GLU A CG  1 
ATOM   191  C CD  . GLU A 1 23 ? -13.579 -9.335  -1.126  1.00 20.57 ? 20  GLU A CD  1 
ATOM   192  O OE1 . GLU A 1 23 ? -13.872 -10.132 -0.215  1.00 26.71 ? 20  GLU A OE1 1 
ATOM   193  O OE2 . GLU A 1 23 ? -13.260 -8.149  -0.919  1.00 21.76 ? 20  GLU A OE2 1 
ATOM   194  N N   . MET A 1 24 ? -11.358 -9.053  -5.649  1.00 17.02 ? 21  MET A N   1 
ATOM   195  C CA  . MET A 1 24 ? -11.435 -7.967  -6.623  1.00 14.36 ? 21  MET A CA  1 
ATOM   196  C C   . MET A 1 24 ? -11.580 -8.490  -8.049  1.00 17.99 ? 21  MET A C   1 
ATOM   197  O O   . MET A 1 24 ? -12.229 -7.858  -8.886  1.00 17.75 ? 21  MET A O   1 
ATOM   198  C CB  . MET A 1 24 ? -10.232 -7.021  -6.489  0.82 15.56 ? 21  MET A CB  1 
ATOM   199  C CG  . MET A 1 24 ? -10.153 -6.323  -5.127  0.99 16.96 ? 21  MET A CG  1 
ATOM   200  S SD  . MET A 1 24 ? -11.707 -5.588  -4.564  0.62 12.81 ? 21  MET A SD  1 
ATOM   201  C CE  . MET A 1 24 ? -12.052 -4.442  -5.898  1.00 18.63 ? 21  MET A CE  1 
ATOM   202  N N   . LYS A 1 25 ? -11.017 -9.663  -8.321  1.00 16.05 ? 22  LYS A N   1 
ATOM   203  C CA  . LYS A 1 25 ? -11.166 -10.284 -9.635  1.00 17.64 ? 22  LYS A CA  1 
ATOM   204  C C   . LYS A 1 25 ? -12.584 -10.803 -9.861  1.00 16.48 ? 22  LYS A C   1 
ATOM   205  O O   . LYS A 1 25 ? -12.942 -11.166 -10.984 1.00 19.16 ? 22  LYS A O   1 
ATOM   206  C CB  . LYS A 1 25 ? -10.163 -11.428 -9.811  1.00 20.59 ? 22  LYS A CB  1 
ATOM   207  C CG  . LYS A 1 25 ? -8.708  -11.001 -9.933  1.00 26.04 ? 22  LYS A CG  1 
ATOM   208  C CD  . LYS A 1 25 ? -7.895  -12.106 -10.609 1.00 30.78 ? 22  LYS A CD  1 
ATOM   209  C CE  . LYS A 1 25 ? -6.415  -12.025 -10.275 1.00 37.40 ? 22  LYS A CE  1 
ATOM   210  N NZ  . LYS A 1 25 ? -5.613  -13.004 -11.072 1.00 43.35 ? 22  LYS A NZ  1 
ATOM   211  N N   . SER A 1 26 ? -13.387 -10.839 -8.796  1.00 15.26 ? 23  SER A N   1 
ATOM   212  C CA  . SER A 1 26 ? -14.772 -11.311 -8.878  1.00 15.48 ? 23  SER A CA  1 
ATOM   213  C C   . SER A 1 26 ? -15.746 -10.257 -9.394  1.00 15.96 ? 23  SER A C   1 
ATOM   214  O O   . SER A 1 26 ? -16.935 -10.543 -9.577  1.00 17.94 ? 23  SER A O   1 
ATOM   215  C CB  . SER A 1 26 ? -15.266 -11.807 -7.511  1.00 16.48 ? 23  SER A CB  1 
ATOM   216  O OG  . SER A 1 26 ? -14.517 -12.907 -7.051  0.69 19.34 ? 23  SER A OG  1 
ATOM   217  N N   . ILE A 1 27 ? -15.263 -9.038  -9.606  1.00 16.35 ? 24  ILE A N   1 
ATOM   218  C CA  . ILE A 1 27 ? -16.111 -7.977  -10.140 1.00 17.15 ? 24  ILE A CA  1 
ATOM   219  C C   . ILE A 1 27 ? -15.482 -7.354  -11.378 1.00 16.26 ? 24  ILE A C   1 
ATOM   220  O O   . ILE A 1 27 ? -14.291 -7.539  -11.645 1.00 17.06 ? 24  ILE A O   1 
ATOM   221  C CB  . ILE A 1 27 ? -16.398 -6.881  -9.092  1.00 20.26 ? 24  ILE A CB  1 
ATOM   222  C CG1 . ILE A 1 27 ? -15.095 -6.194  -8.678  1.00 17.32 ? 24  ILE A CG1 1 
ATOM   223  C CG2 . ILE A 1 27 ? -17.128 -7.470  -7.888  0.61 19.13 ? 24  ILE A CG2 1 
ATOM   224  C CD1 . ILE A 1 27 ? -15.286 -4.949  -7.821  0.87 19.44 ? 24  ILE A CD1 1 
ATOM   225  N N   . LYS A 1 28 ? -16.273 -6.615  -12.146 1.00 17.20 ? 25  LYS A N   1 
ATOM   226  C CA  . LYS A 1 28 ? -15.726 -5.971  -13.329 1.00 16.76 ? 25  LYS A CA  1 
ATOM   227  C C   . LYS A 1 28 ? -14.858 -4.779  -12.941 1.00 16.69 ? 25  LYS A C   1 
ATOM   228  O O   . LYS A 1 28 ? -15.299 -3.868  -12.237 1.00 20.05 ? 25  LYS A O   1 
ATOM   229  C CB  . LYS A 1 28 ? -16.821 -5.527  -14.305 0.81 21.29 ? 25  LYS A CB  1 
ATOM   230  C CG  . LYS A 1 28 ? -16.232 -4.926  -15.574 1.00 20.39 ? 25  LYS A CG  1 
ATOM   231  C CD  . LYS A 1 28 ? -17.256 -4.444  -16.584 0.51 25.29 ? 25  LYS A CD  1 
ATOM   232  C CE  . LYS A 1 28 ? -16.545 -3.672  -17.693 0.61 24.77 ? 25  LYS A CE  1 
ATOM   233  N NZ  . LYS A 1 28 ? -17.405 -3.384  -18.877 0.47 25.63 ? 25  LYS A NZ  1 
ATOM   234  N N   . LEU A 1 29 ? -13.616 -4.811  -13.403 1.00 16.86 ? 26  LEU A N   1 
ATOM   235  C CA  . LEU A 1 29 ? -12.645 -3.761  -13.136 1.00 16.09 ? 26  LEU A CA  1 
ATOM   236  C C   . LEU A 1 29 ? -12.281 -3.120  -14.457 1.00 16.23 ? 26  LEU A C   1 
ATOM   237  O O   . LEU A 1 29 ? -12.296 -3.792  -15.500 1.00 18.82 ? 26  LEU A O   1 
ATOM   238  C CB  . LEU A 1 29 ? -11.382 -4.364  -12.514 1.00 17.12 ? 26  LEU A CB  1 
ATOM   239  C CG  . LEU A 1 29 ? -11.539 -5.085  -11.174 1.00 16.94 ? 26  LEU A CG  1 
ATOM   240  C CD1 . LEU A 1 29 ? -10.219 -5.650  -10.680 1.00 21.15 ? 26  LEU A CD1 1 
ATOM   241  C CD2 . LEU A 1 29 ? -12.116 -4.152  -10.137 1.00 20.59 ? 26  LEU A CD2 1 
ATOM   242  N N   . SER A 1 30 ? -11.947 -1.835  -14.424 1.00 15.74 ? 27  SER A N   1 
ATOM   243  C CA  . SER A 1 30 ? -11.451 -1.155  -15.620 1.00 17.40 ? 27  SER A CA  1 
ATOM   244  C C   . SER A 1 30 ? -10.074 -1.694  -15.962 1.00 16.88 ? 27  SER A C   1 
ATOM   245  O O   . SER A 1 30 ? -9.437  -2.349  -15.139 1.00 14.38 ? 27  SER A O   1 
ATOM   246  C CB  . SER A 1 30 ? -11.351 0.348   -15.395 1.00 14.51 ? 27  SER A CB  1 
ATOM   247  O OG  . SER A 1 30 ? -10.314 0.649   -14.464 1.00 15.06 ? 27  SER A OG  1 
ATOM   248  N N   . ASP A 1 31 ? -9.588  -1.406  -17.165 1.00 16.22 ? 28  ASP A N   1 
ATOM   249  C CA  . ASP A 1 31 ? -8.246  -1.832  -17.546 1.00 18.01 ? 28  ASP A CA  1 
ATOM   250  C C   . ASP A 1 31 ? -7.212  -1.256  -16.587 1.00 15.74 ? 28  ASP A C   1 
ATOM   251  O O   . ASP A 1 31 ? -6.255  -1.938  -16.210 1.00 16.45 ? 28  ASP A O   1 
ATOM   252  C CB  . ASP A 1 31 ? -7.923  -1.396  -18.977 1.00 22.26 ? 28  ASP A CB  1 
ATOM   253  C CG  . ASP A 1 31 ? -8.626  -2.245  -20.018 1.00 33.49 ? 28  ASP A CG  1 
ATOM   254  O OD1 . ASP A 1 31 ? -9.059  -3.369  -19.678 1.00 30.35 ? 28  ASP A OD1 1 
ATOM   255  O OD2 . ASP A 1 31 ? -8.733  -1.795  -21.177 1.00 34.23 ? 28  ASP A OD2 1 
ATOM   256  N N   . ASP A 1 32 ? -7.411  -0.008  -16.185 1.00 15.65 ? 29  ASP A N   1 
ATOM   257  C CA  . ASP A 1 32 ? -6.475  0.643   -15.267 1.00 15.16 ? 29  ASP A CA  1 
ATOM   258  C C   . ASP A 1 32 ? -6.471  -0.021  -13.898 1.00 13.76 ? 29  ASP A C   1 
ATOM   259  O O   . ASP A 1 32 ? -5.417  -0.182  -13.270 1.00 14.46 ? 29  ASP A O   1 
ATOM   260  C CB  . ASP A 1 32 ? -6.800  2.126   -15.112 1.00 16.85 ? 29  ASP A CB  1 
ATOM   261  C CG  . ASP A 1 32 ? -6.498  2.917   -16.358 1.00 18.28 ? 29  ASP A CG  1 
ATOM   262  O OD1 . ASP A 1 32 ? -5.831  2.371   -17.263 1.00 20.59 ? 29  ASP A OD1 1 
ATOM   263  O OD2 . ASP A 1 32 ? -6.916  4.085   -16.425 1.00 22.24 ? 29  ASP A OD2 1 
ATOM   264  N N   . GLU A 1 33 ? -7.651  -0.389  -13.419 1.00 13.34 ? 30  GLU A N   1 
ATOM   265  C CA  . GLU A 1 33 ? -7.743  -1.119  -12.159 1.00 12.79 ? 30  GLU A CA  1 
ATOM   266  C C   . GLU A 1 33 ? -7.096  -2.496  -12.268 1.00 12.86 ? 30  GLU A C   1 
ATOM   267  O O   . GLU A 1 33 ? -6.435  -2.963  -11.336 1.00 11.75 ? 30  GLU A O   1 
ATOM   268  C CB  . GLU A 1 33 ? -9.198  -1.221  -11.710 1.00 13.17 ? 30  GLU A CB  1 
ATOM   269  C CG  . GLU A 1 33 ? -9.765  0.097   -11.236 1.00 13.69 ? 30  GLU A CG  1 
ATOM   270  C CD  . GLU A 1 33 ? -11.263 0.057   -11.014 1.00 17.25 ? 30  GLU A CD  1 
ATOM   271  O OE1 . GLU A 1 33 ? -11.974 -0.655  -11.759 1.00 19.36 ? 30  GLU A OE1 1 
ATOM   272  O OE2 . GLU A 1 33 ? -11.733 0.750   -10.090 1.00 22.36 ? 30  GLU A OE2 1 
ATOM   273  N N   . GLU A 1 34 ? -7.261  -3.148  -13.413 1.00 13.76 ? 31  GLU A N   1 
ATOM   274  C CA  . GLU A 1 34 ? -6.606  -4.429  -13.647 1.00 13.34 ? 31  GLU A CA  1 
ATOM   275  C C   . GLU A 1 34 ? -5.079  -4.292  -13.597 1.00 14.51 ? 31  GLU A C   1 
ATOM   276  O O   . GLU A 1 34 ? -4.386  -5.209  -13.155 1.00 13.98 ? 31  GLU A O   1 
ATOM   277  C CB  . GLU A 1 34 ? -7.089  -5.059  -14.966 1.00 14.71 ? 31  GLU A CB  1 
ATOM   278  C CG  . GLU A 1 34 ? -8.552  -5.505  -14.902 1.00 22.09 ? 31  GLU A CG  1 
ATOM   279  C CD  . GLU A 1 34 ? -9.014  -6.237  -16.149 1.00 35.16 ? 31  GLU A CD  1 
ATOM   280  O OE1 . GLU A 1 34 ? -8.458  -5.979  -17.238 1.00 37.47 ? 31  GLU A OE1 1 
ATOM   281  O OE2 . GLU A 1 34 ? -9.940  -7.073  -16.035 1.00 33.03 ? 31  GLU A OE2 1 
ATOM   282  N N   . ALA A 1 35 ? -4.563  -3.144  -14.018 1.00 13.43 ? 32  ALA A N   1 
ATOM   283  C CA  . ALA A 1 35 ? -3.129  -2.887  -13.942 1.00 14.28 ? 32  ALA A CA  1 
ATOM   284  C C   . ALA A 1 35 ? -2.681  -2.740  -12.488 1.00 13.81 ? 32  ALA A C   1 
ATOM   285  O O   . ALA A 1 35 ? -1.567  -3.132  -12.135 1.00 13.85 ? 32  ALA A O   1 
ATOM   286  C CB  . ALA A 1 35 ? -2.760  -1.667  -14.740 1.00 15.34 ? 32  ALA A CB  1 
ATOM   287  N N   . VAL A 1 36 ? -3.545  -2.180  -11.645 1.00 11.62 ? 33  VAL A N   1 
ATOM   288  C CA  . VAL A 1 36 ? -3.249  -2.090  -10.216 1.00 11.11 ? 33  VAL A CA  1 
ATOM   289  C C   . VAL A 1 36 ? -3.196  -3.489  -9.624  1.00 10.81 ? 33  VAL A C   1 
ATOM   290  O O   . VAL A 1 36 ? -2.290  -3.808  -8.854  1.00 10.69 ? 33  VAL A O   1 
ATOM   291  C CB  . VAL A 1 36 ? -4.292  -1.222  -9.483  1.00 10.36 ? 33  VAL A CB  1 
ATOM   292  C CG1 . VAL A 1 36 ? -4.024  -1.212  -7.980  1.00 11.07 ? 33  VAL A CG1 1 
ATOM   293  C CG2 . VAL A 1 36 ? -4.262  0.196   -10.044 1.00 13.40 ? 33  VAL A CG2 1 
ATOM   294  N N   . VAL A 1 37 ? -4.150  -4.337  -9.994  1.00 11.87 ? 34  VAL A N   1 
ATOM   295  C CA  . VAL A 1 37 ? -4.154  -5.723  -9.547  1.00 11.60 ? 34  VAL A CA  1 
ATOM   296  C C   . VAL A 1 37 ? -2.864  -6.437  -9.953  1.00 12.14 ? 34  VAL A C   1 
ATOM   297  O O   . VAL A 1 37 ? -2.254  -7.160  -9.154  1.00 12.44 ? 34  VAL A O   1 
ATOM   298  C CB  . VAL A 1 37 ? -5.387  -6.484  -10.099 1.00 13.04 ? 34  VAL A CB  1 
ATOM   299  C CG1 . VAL A 1 37 ? -5.234  -7.980  -9.910  1.00 15.55 ? 34  VAL A CG1 1 
ATOM   300  C CG2 . VAL A 1 37 ? -6.657  -6.005  -9.424  1.00 13.74 ? 34  VAL A CG2 1 
ATOM   301  N N   . GLU A 1 38 ? -2.430  -6.207  -11.188 1.00 12.54 ? 35  GLU A N   1 
ATOM   302  C CA  . GLU A 1 38 ? -1.210  -6.843  -11.662 1.00 14.60 ? 35  GLU A CA  1 
ATOM   303  C C   . GLU A 1 38 ? 0.000   -6.368  -10.868 1.00 12.36 ? 35  GLU A C   1 
ATOM   304  O O   . GLU A 1 38 ? 0.890   -7.157  -10.550 1.00 12.80 ? 35  GLU A O   1 
ATOM   305  C CB  . GLU A 1 38 ? -0.999  -6.610  -13.159 1.00 16.41 ? 35  GLU A CB  1 
ATOM   306  C CG  . GLU A 1 38 ? 0.184   -7.387  -13.747 1.00 26.44 ? 35  GLU A CG  1 
ATOM   307  C CD  . GLU A 1 38 ? -0.036  -8.904  -13.791 1.00 39.35 ? 35  GLU A CD  1 
ATOM   308  O OE1 . GLU A 1 38 ? -1.193  -9.364  -13.642 1.00 39.93 ? 35  GLU A OE1 1 
ATOM   309  O OE2 . GLU A 1 38 ? 0.958   -9.640  -13.981 1.00 44.68 ? 35  GLU A OE2 1 
ATOM   310  N N   . ARG A 1 39 ? 0.043   -5.083  -10.529 1.00 11.30 ? 36  ARG A N   1 
ATOM   311  C CA  A ARG A 1 39 ? 1.153   -4.565  -9.736  0.51 10.51 ? 36  ARG A CA  1 
ATOM   312  C CA  B ARG A 1 39 ? 1.157   -4.565  -9.735  0.49 10.50 ? 36  ARG A CA  1 
ATOM   313  C C   . ARG A 1 39 ? 1.130   -5.172  -8.337  1.00 9.30  ? 36  ARG A C   1 
ATOM   314  O O   . ARG A 1 39 ? 2.176   -5.516  -7.778  1.00 9.75  ? 36  ARG A O   1 
ATOM   315  C CB  A ARG A 1 39 ? 1.093   -3.040  -9.667  0.51 11.38 ? 36  ARG A CB  1 
ATOM   316  C CB  B ARG A 1 39 ? 1.134   -3.031  -9.656  0.49 11.39 ? 36  ARG A CB  1 
ATOM   317  C CG  A ARG A 1 39 ? 2.254   -2.414  -8.919  0.51 12.64 ? 36  ARG A CG  1 
ATOM   318  C CG  B ARG A 1 39 ? 2.390   -2.446  -9.000  0.49 12.65 ? 36  ARG A CG  1 
ATOM   319  C CD  A ARG A 1 39 ? 2.304   -0.909  -9.140  0.51 15.84 ? 36  ARG A CD  1 
ATOM   320  C CD  B ARG A 1 39 ? 2.305   -0.933  -8.738  0.49 14.42 ? 36  ARG A CD  1 
ATOM   321  N NE  A ARG A 1 39 ? 3.374   -0.281  -8.369  0.51 13.29 ? 36  ARG A NE  1 
ATOM   322  N NE  B ARG A 1 39 ? 2.659   -0.122  -9.906  0.49 17.41 ? 36  ARG A NE  1 
ATOM   323  C CZ  A ARG A 1 39 ? 4.643   -0.210  -8.758  0.51 14.37 ? 36  ARG A CZ  1 
ATOM   324  C CZ  B ARG A 1 39 ? 2.883   1.189   -9.871  0.49 18.26 ? 36  ARG A CZ  1 
ATOM   325  N NH1 A ARG A 1 39 ? 5.538   0.379   -7.980  0.51 16.62 ? 36  ARG A NH1 1 
ATOM   326  N NH1 B ARG A 1 39 ? 3.193   1.839   -10.983 0.49 17.10 ? 36  ARG A NH1 1 
ATOM   327  N NH2 A ARG A 1 39 ? 5.020   -0.729  -9.920  0.51 18.46 ? 36  ARG A NH2 1 
ATOM   328  N NH2 B ARG A 1 39 ? 2.796   1.854   -8.727  0.49 14.49 ? 36  ARG A NH2 1 
ATOM   329  N N   . ALA A 1 40 ? -0.062  -5.312  -7.771  1.00 9.31  ? 37  ALA A N   1 
ATOM   330  C CA  . ALA A 1 40 ? -0.186  -5.942  -6.464  1.00 9.41  ? 37  ALA A CA  1 
ATOM   331  C C   . ALA A 1 40 ? 0.326   -7.384  -6.497  1.00 9.96  ? 37  ALA A C   1 
ATOM   332  O O   . ALA A 1 40 ? 1.026   -7.828  -5.586  1.00 10.03 ? 37  ALA A O   1 
ATOM   333  C CB  . ALA A 1 40 ? -1.627  -5.894  -5.966  1.00 9.87  ? 37  ALA A CB  1 
ATOM   334  N N   . LEU A 1 41 ? -0.002  -8.111  -7.565  1.00 11.03 ? 38  LEU A N   1 
ATOM   335  C CA  . LEU A 1 41 ? 0.497   -9.473  -7.732  1.00 11.88 ? 38  LEU A CA  1 
ATOM   336  C C   . LEU A 1 41 ? 2.020   -9.510  -7.858  1.00 11.06 ? 38  LEU A C   1 
ATOM   337  O O   . LEU A 1 41 ? 2.666   -10.399 -7.298  1.00 11.19 ? 38  LEU A O   1 
ATOM   338  C CB  . LEU A 1 41 ? -0.165  -10.138 -8.940  1.00 13.87 ? 38  LEU A CB  1 
ATOM   339  C CG  . LEU A 1 41 ? -1.609  -10.576 -8.715  1.00 15.76 ? 38  LEU A CG  1 
ATOM   340  C CD1 . LEU A 1 41 ? -2.288  -10.872 -10.047 1.00 19.62 ? 38  LEU A CD1 1 
ATOM   341  C CD2 . LEU A 1 41 ? -1.675  -11.793 -7.801  1.00 19.90 ? 38  LEU A CD2 1 
ATOM   342  N N   . ASN A 1 42 ? 2.598   -8.542  -8.572  1.00 10.53 ? 39  ASN A N   1 
ATOM   343  C CA  . ASN A 1 42 ? 4.048   -8.443  -8.671  1.00 11.36 ? 39  ASN A CA  1 
ATOM   344  C C   . ASN A 1 42 ? 4.649   -8.278  -7.284  1.00 9.61  ? 39  ASN A C   1 
ATOM   345  O O   . ASN A 1 42 ? 5.637   -8.919  -6.945  1.00 11.31 ? 39  ASN A O   1 
ATOM   346  C CB  . ASN A 1 42 ? 4.470   -7.275  -9.565  1.00 13.16 ? 39  ASN A CB  1 
ATOM   347  C CG  . ASN A 1 42 ? 4.116   -7.499  -11.020 1.00 20.04 ? 39  ASN A CG  1 
ATOM   348  O OD1 . ASN A 1 42 ? 3.924   -8.635  -11.461 1.00 26.44 ? 39  ASN A OD1 1 
ATOM   349  N ND2 . ASN A 1 42 ? 4.035   -6.413  -11.780 1.00 25.44 ? 39  ASN A ND2 1 
ATOM   350  N N   . TYR A 1 43 ? 4.050   -7.411  -6.473  1.00 9.07  ? 40  TYR A N   1 
ATOM   351  C CA  . TYR A 1 43 ? 4.567   -7.201  -5.119  1.00 8.60  ? 40  TYR A CA  1 
ATOM   352  C C   . TYR A 1 43 ? 4.334   -8.371  -4.176  1.00 8.55  ? 40  TYR A C   1 
ATOM   353  O O   . TYR A 1 43 ? 5.146   -8.609  -3.282  1.00 9.20  ? 40  TYR A O   1 
ATOM   354  C CB  . TYR A 1 43 ? 4.106   -5.859  -4.535  1.00 9.90  ? 40  TYR A CB  1 
ATOM   355  C CG  . TYR A 1 43 ? 4.992   -4.744  -5.024  1.00 10.66 ? 40  TYR A CG  1 
ATOM   356  C CD1 . TYR A 1 43 ? 6.155   -4.420  -4.339  1.00 12.95 ? 40  TYR A CD1 1 
ATOM   357  C CD2 . TYR A 1 43 ? 4.728   -4.083  -6.220  1.00 13.00 ? 40  TYR A CD2 1 
ATOM   358  C CE1 . TYR A 1 43 ? 7.007   -3.430  -4.799  1.00 14.24 ? 40  TYR A CE1 1 
ATOM   359  C CE2 . TYR A 1 43 ? 5.575   -3.087  -6.686  1.00 18.29 ? 40  TYR A CE2 1 
ATOM   360  C CZ  . TYR A 1 43 ? 6.712   -2.775  -5.970  1.00 16.14 ? 40  TYR A CZ  1 
ATOM   361  O OH  . TYR A 1 43 ? 7.553   -1.789  -6.438  1.00 22.55 ? 40  TYR A OH  1 
ATOM   362  N N   . ARG A 1 44 ? 3.252   -9.116  -4.380  1.00 8.87  ? 41  ARG A N   1 
ATOM   363  C CA  . ARG A 1 44 ? 3.056   -10.392 -3.700  1.00 10.09 ? 41  ARG A CA  1 
ATOM   364  C C   . ARG A 1 44 ? 4.228   -11.319 -4.009  1.00 10.06 ? 41  ARG A C   1 
ATOM   365  O O   . ARG A 1 44 ? 4.833   -11.890 -3.095  1.00 10.28 ? 41  ARG A O   1 
ATOM   366  C CB  . ARG A 1 44 ? 1.748   -11.035 -4.169  1.00 11.61 ? 41  ARG A CB  1 
ATOM   367  C CG  . ARG A 1 44 ? 1.304   -12.227 -3.321  1.00 12.93 ? 41  ARG A CG  1 
ATOM   368  C CD  . ARG A 1 44 ? 1.973   -13.541 -3.709  1.00 15.92 ? 41  ARG A CD  1 
ATOM   369  N NE  . ARG A 1 44 ? 1.911   -13.795 -5.147  1.00 17.91 ? 41  ARG A NE  1 
ATOM   370  C CZ  . ARG A 1 44 ? 0.887   -14.371 -5.772  1.00 18.94 ? 41  ARG A CZ  1 
ATOM   371  N NH1 . ARG A 1 44 ? -0.175  -14.771 -5.084  1.00 28.18 ? 41  ARG A NH1 1 
ATOM   372  N NH2 . ARG A 1 44 ? 0.933   -14.558 -7.087  1.00 20.76 ? 41  ARG A NH2 1 
ATOM   373  N N   . ASP A 1 45 ? 4.551   -11.457 -5.297  1.00 10.10 ? 42  ASP A N   1 
ATOM   374  C CA  . ASP A 1 45 ? 5.636   -12.342 -5.718  1.00 10.21 ? 42  ASP A CA  1 
ATOM   375  C C   . ASP A 1 45 ? 6.956   -11.871 -5.129  1.00 9.13  ? 42  ASP A C   1 
ATOM   376  O O   . ASP A 1 45 ? 7.781   -12.683 -4.700  1.00 9.89  ? 42  ASP A O   1 
ATOM   377  C CB  . ASP A 1 45 ? 5.750   -12.391 -7.246  1.00 12.52 ? 42  ASP A CB  1 
ATOM   378  C CG  . ASP A 1 45 ? 4.525   -12.991 -7.914  1.00 13.71 ? 42  ASP A CG  1 
ATOM   379  O OD1 . ASP A 1 45 ? 3.656   -13.542 -7.225  1.00 13.88 ? 42  ASP A OD1 1 
ATOM   380  O OD2 . ASP A 1 45 ? 4.438   -12.919 -9.163  1.00 20.90 ? 42  ASP A OD2 1 
ATOM   381  N N   . ASP A 1 46 ? 7.159   -10.552 -5.095  1.00 9.66  ? 43  ASP A N   1 
ATOM   382  C CA  . ASP A 1 46 ? 8.372   -9.995  -4.497  1.00 11.16 ? 43  ASP A CA  1 
ATOM   383  C C   . ASP A 1 46 ? 8.425   -10.279 -2.999  1.00 10.28 ? 43  ASP A C   1 
ATOM   384  O O   . ASP A 1 46 ? 9.472   -10.628 -2.475  1.00 9.82  ? 43  ASP A O   1 
ATOM   385  C CB  . ASP A 1 46 ? 8.483   -8.484  -4.747  1.00 13.29 ? 43  ASP A CB  1 
ATOM   386  C CG  . ASP A 1 46 ? 8.622   -8.141  -6.211  1.00 17.75 ? 43  ASP A CG  1 
ATOM   387  O OD1 . ASP A 1 46 ? 9.035   -9.024  -6.982  1.00 20.83 ? 43  ASP A OD1 1 
ATOM   388  O OD2 . ASP A 1 46 ? 8.297   -6.992  -6.585  1.00 24.97 ? 43  ASP A OD2 1 
ATOM   389  N N   . SER A 1 47 ? 7.295   -10.137 -2.316  1.00 8.73  ? 44  SER A N   1 
ATOM   390  C CA  . SER A 1 47 ? 7.249   -10.418 -0.887  1.00 8.49  ? 44  SER A CA  1 
ATOM   391  C C   . SER A 1 47 ? 7.685   -11.848 -0.587  1.00 7.69  ? 44  SER A C   1 
ATOM   392  O O   . SER A 1 47 ? 8.475   -12.094 0.328   1.00 8.89  ? 44  SER A O   1 
ATOM   393  C CB  . SER A 1 47 ? 5.839   -10.160 -0.328  1.00 9.53  ? 44  SER A CB  1 
ATOM   394  O OG  . SER A 1 47 ? 5.766   -10.514 1.038   1.00 9.45  ? 44  SER A OG  1 
ATOM   395  N N   . VAL A 1 48 ? 7.178   -12.782 -1.380  1.00 8.50  ? 45  VAL A N   1 
ATOM   396  C CA  . VAL A 1 48 ? 7.526   -14.192 -1.227  1.00 8.80  ? 45  VAL A CA  1 
ATOM   397  C C   . VAL A 1 48 ? 9.030   -14.411 -1.449  1.00 8.89  ? 45  VAL A C   1 
ATOM   398  O O   . VAL A 1 48 ? 9.678   -15.120 -0.675  1.00 9.32  ? 45  VAL A O   1 
ATOM   399  C CB  . VAL A 1 48 ? 6.667   -15.052 -2.176  1.00 8.61  ? 45  VAL A CB  1 
ATOM   400  C CG1 . VAL A 1 48 ? 7.171   -16.481 -2.200  1.00 10.43 ? 45  VAL A CG1 1 
ATOM   401  C CG2 . VAL A 1 48 ? 5.228   -15.031 -1.725  1.00 10.14 ? 45  VAL A CG2 1 
ATOM   402  N N   . TYR A 1 49 ? 9.572   -13.791 -2.493  1.00 8.46  ? 46  TYR A N   1 
ATOM   403  C CA  . TYR A 1 49 ? 10.990  -13.865 -2.788  1.00 8.97  ? 46  TYR A CA  1 
ATOM   404  C C   . TYR A 1 49 ? 11.818  -13.425 -1.587  1.00 9.75  ? 46  TYR A C   1 
ATOM   405  O O   . TYR A 1 49 ? 12.720  -14.141 -1.141  1.00 10.11 ? 46  TYR A O   1 
ATOM   406  C CB  . TYR A 1 49 ? 11.301  -12.993 -4.018  1.00 10.66 ? 46  TYR A CB  1 
ATOM   407  C CG  . TYR A 1 49 ? 12.775  -12.825 -4.318  1.00 11.11 ? 46  TYR A CG  1 
ATOM   408  C CD1 . TYR A 1 49 ? 13.453  -13.732 -5.125  1.00 13.03 ? 46  TYR A CD1 1 
ATOM   409  C CD2 . TYR A 1 49 ? 13.486  -11.754 -3.800  1.00 13.71 ? 46  TYR A CD2 1 
ATOM   410  C CE1 . TYR A 1 49 ? 14.807  -13.584 -5.391  1.00 14.95 ? 46  TYR A CE1 1 
ATOM   411  C CE2 . TYR A 1 49 ? 14.840  -11.596 -4.062  1.00 14.56 ? 46  TYR A CE2 1 
ATOM   412  C CZ  . TYR A 1 49 ? 15.490  -12.521 -4.861  1.00 14.08 ? 46  TYR A CZ  1 
ATOM   413  O OH  . TYR A 1 49 ? 16.833  -12.384 -5.141  1.00 19.73 ? 46  TYR A OH  1 
ATOM   414  N N   . TYR A 1 50 ? 11.522  -12.248 -1.042  1.00 8.78  ? 47  TYR A N   1 
ATOM   415  C CA  . TYR A 1 50 ? 12.333  -11.774 0.065   1.00 8.49  ? 47  TYR A CA  1 
ATOM   416  C C   . TYR A 1 50 ? 12.145  -12.596 1.335   1.00 9.67  ? 47  TYR A C   1 
ATOM   417  O O   . TYR A 1 50 ? 13.093  -12.802 2.087   1.00 10.27 ? 47  TYR A O   1 
ATOM   418  C CB  . TYR A 1 50 ? 12.111  -10.278 0.302   1.00 10.59 ? 47  TYR A CB  1 
ATOM   419  C CG  . TYR A 1 50 ? 12.697  -9.442  -0.810  1.00 10.36 ? 47  TYR A CG  1 
ATOM   420  C CD1 . TYR A 1 50 ? 14.073  -9.281  -0.913  1.00 11.80 ? 47  TYR A CD1 1 
ATOM   421  C CD2 . TYR A 1 50 ? 11.892  -8.853  -1.776  1.00 11.38 ? 47  TYR A CD2 1 
ATOM   422  C CE1 . TYR A 1 50 ? 14.624  -8.541  -1.943  1.00 15.60 ? 47  TYR A CE1 1 
ATOM   423  C CE2 . TYR A 1 50 ? 12.434  -8.105  -2.801  1.00 13.34 ? 47  TYR A CE2 1 
ATOM   424  C CZ  . TYR A 1 50 ? 13.802  -7.960  -2.879  1.00 17.22 ? 47  TYR A CZ  1 
ATOM   425  O OH  . TYR A 1 50 ? 14.357  -7.220  -3.899  1.00 23.74 ? 47  TYR A OH  1 
ATOM   426  N N   . LEU A 1 51 ? 10.942  -13.112 1.551   1.00 9.87  ? 48  LEU A N   1 
ATOM   427  C CA  . LEU A 1 51 ? 10.702  -13.998 2.685   1.00 10.20 ? 48  LEU A CA  1 
ATOM   428  C C   . LEU A 1 51 ? 11.564  -15.259 2.560   1.00 9.72  ? 48  LEU A C   1 
ATOM   429  O O   . LEU A 1 51 ? 12.227  -15.684 3.513   1.00 11.01 ? 48  LEU A O   1 
ATOM   430  C CB  . LEU A 1 51 ? 9.222   -14.366 2.732   1.00 10.64 ? 48  LEU A CB  1 
ATOM   431  C CG  . LEU A 1 51 ? 8.815   -15.374 3.806   1.00 15.01 ? 48  LEU A CG  1 
ATOM   432  C CD1 . LEU A 1 51 ? 9.149   -14.816 5.180   1.00 16.96 ? 48  LEU A CD1 1 
ATOM   433  C CD2 . LEU A 1 51 ? 7.339   -15.722 3.689   1.00 17.07 ? 48  LEU A CD2 1 
ATOM   434  N N   . GLU A 1 52 ? 11.559  -15.843 1.370   1.00 9.93  ? 49  GLU A N   1 
ATOM   435  C CA  . GLU A 1 52 ? 12.326  -17.055 1.102   1.00 10.62 ? 49  GLU A CA  1 
ATOM   436  C C   . GLU A 1 52 ? 13.837  -16.836 1.183   1.00 11.87 ? 49  GLU A C   1 
ATOM   437  O O   . GLU A 1 52 ? 14.587  -17.782 1.452   1.00 15.35 ? 49  GLU A O   1 
ATOM   438  C CB  . GLU A 1 52 ? 11.920  -17.617 -0.259  1.00 10.53 ? 49  GLU A CB  1 
ATOM   439  C CG  . GLU A 1 52 ? 10.533  -18.214 -0.203  1.00 10.17 ? 49  GLU A CG  1 
ATOM   440  C CD  . GLU A 1 52 ? 9.920   -18.537 -1.556  1.00 10.45 ? 49  GLU A CD  1 
ATOM   441  O OE1 . GLU A 1 52 ? 10.422  -18.067 -2.596  1.00 12.27 ? 49  GLU A OE1 1 
ATOM   442  O OE2 . GLU A 1 52 ? 8.900   -19.272 -1.573  1.00 12.77 ? 49  GLU A OE2 1 
ATOM   443  N N   . LYS A 1 53 ? 14.292  -15.604 0.973   1.00 12.56 ? 50  LYS A N   1 
ATOM   444  C CA  . LYS A 1 53 ? 15.711  -15.280 1.100   1.00 13.10 ? 50  LYS A CA  1 
ATOM   445  C C   . LYS A 1 53 ? 16.059  -14.822 2.523   1.00 13.03 ? 50  LYS A C   1 
ATOM   446  O O   . LYS A 1 53 ? 17.222  -14.525 2.823   1.00 16.91 ? 50  LYS A O   1 
ATOM   447  C CB  . LYS A 1 53 ? 16.096  -14.196 0.085   1.00 16.04 ? 50  LYS A CB  1 
ATOM   448  C CG  . LYS A 1 53 ? 15.885  -14.579 -1.371  1.00 19.96 ? 50  LYS A CG  1 
ATOM   449  C CD  . LYS A 1 53 ? 16.959  -15.538 -1.851  1.00 28.33 ? 50  LYS A CD  1 
ATOM   450  C CE  . LYS A 1 53 ? 18.210  -14.794 -2.308  1.00 32.43 ? 50  LYS A CE  1 
ATOM   451  N NZ  . LYS A 1 53 ? 18.260  -14.658 -3.795  1.00 32.24 ? 50  LYS A NZ  1 
ATOM   452  N N   . GLY A 1 54 ? 15.059  -14.765 3.394   1.00 12.69 ? 51  GLY A N   1 
ATOM   453  C CA  . GLY A 1 54 ? 15.273  -14.395 4.785   1.00 14.71 ? 51  GLY A CA  1 
ATOM   454  C C   . GLY A 1 54 ? 15.372  -12.906 5.065   1.00 14.94 ? 51  GLY A C   1 
ATOM   455  O O   . GLY A 1 54 ? 15.863  -12.516 6.126   1.00 15.61 ? 51  GLY A O   1 
ATOM   456  N N   . ASP A 1 55 ? 14.916  -12.074 4.133   1.00 12.05 ? 52  ASP A N   1 
ATOM   457  C CA  . ASP A 1 55 ? 14.885  -10.626 4.334   1.00 11.62 ? 52  ASP A CA  1 
ATOM   458  C C   . ASP A 1 55 ? 13.464  -10.215 4.704   1.00 9.51  ? 52  ASP A C   1 
ATOM   459  O O   . ASP A 1 55 ? 12.663  -9.829  3.838   1.00 10.91 ? 52  ASP A O   1 
ATOM   460  C CB  . ASP A 1 55 ? 15.334  -9.893  3.066   1.00 13.30 ? 52  ASP A CB  1 
ATOM   461  C CG  . ASP A 1 55 ? 15.347  -8.375  3.218   1.00 12.60 ? 52  ASP A CG  1 
ATOM   462  O OD1 . ASP A 1 55 ? 14.895  -7.831  4.257   1.00 13.54 ? 52  ASP A OD1 1 
ATOM   463  O OD2 . ASP A 1 55 ? 15.821  -7.707  2.273   1.00 15.60 ? 52  ASP A OD2 1 
ATOM   464  N N   . HIS A 1 56 ? 13.149  -10.309 5.986   1.00 10.13 ? 53  HIS A N   1 
ATOM   465  C CA  . HIS A 1 56 ? 11.782  -10.053 6.435   1.00 10.04 ? 53  HIS A CA  1 
ATOM   466  C C   . HIS A 1 56 ? 11.351  -8.603  6.303   1.00 9.78  ? 53  HIS A C   1 
ATOM   467  O O   . HIS A 1 56 ? 10.177  -8.331  6.069   1.00 9.66  ? 53  HIS A O   1 
ATOM   468  C CB  . HIS A 1 56 ? 11.588  -10.543 7.875   1.00 11.27 ? 53  HIS A CB  1 
ATOM   469  C CG  . HIS A 1 56 ? 11.658  -12.037 8.009   1.00 13.46 ? 53  HIS A CG  1 
ATOM   470  N ND1 . HIS A 1 56 ? 11.320  -12.691 9.171   1.00 18.39 ? 53  HIS A ND1 1 
ATOM   471  C CD2 . HIS A 1 56 ? 11.995  -12.996 7.116   1.00 19.86 ? 53  HIS A CD2 1 
ATOM   472  C CE1 . HIS A 1 56 ? 11.474  -13.994 8.998   1.00 18.86 ? 53  HIS A CE1 1 
ATOM   473  N NE2 . HIS A 1 56 ? 11.884  -14.205 7.764   1.00 22.68 ? 53  HIS A NE2 1 
ATOM   474  N N   . ILE A 1 57 ? 12.276  -7.660  6.444   1.00 10.67 ? 54  ILE A N   1 
ATOM   475  C CA  . ILE A 1 57 ? 11.892  -6.258  6.362   1.00 10.33 ? 54  ILE A CA  1 
ATOM   476  C C   . ILE A 1 57 ? 11.422  -5.924  4.944   1.00 9.09  ? 54  ILE A C   1 
ATOM   477  O O   . ILE A 1 57 ? 10.354  -5.338  4.754   1.00 9.63  ? 54  ILE A O   1 
ATOM   478  C CB  . ILE A 1 57 ? 13.058  -5.346  6.762   1.00 11.39 ? 54  ILE A CB  1 
ATOM   479  C CG1 . ILE A 1 57 ? 13.423  -5.567  8.229   1.00 15.92 ? 54  ILE A CG1 1 
ATOM   480  C CG2 . ILE A 1 57 ? 12.693  -3.894  6.517   1.00 15.62 ? 54  ILE A CG2 1 
ATOM   481  C CD1 . ILE A 1 57 ? 14.745  -4.916  8.644   0.66 16.30 ? 54  ILE A CD1 1 
ATOM   482  N N   . THR A 1 58 ? 12.204  -6.311  3.945   1.00 10.00 ? 55  THR A N   1 
ATOM   483  C CA  . THR A 1 58 ? 11.825  -6.052  2.560   1.00 10.50 ? 55  THR A CA  1 
ATOM   484  C C   . THR A 1 58 ? 10.554  -6.818  2.210   1.00 8.87  ? 55  THR A C   1 
ATOM   485  O O   . THR A 1 58 ? 9.667   -6.277  1.537   1.00 9.18  ? 55  THR A O   1 
ATOM   486  C CB  . THR A 1 58 ? 12.959  -6.402  1.591   1.00 10.56 ? 55  THR A CB  1 
ATOM   487  O OG1 . THR A 1 58 ? 14.129  -5.674  1.996   1.00 12.56 ? 55  THR A OG1 1 
ATOM   488  C CG2 . THR A 1 58 ? 12.587  -5.976  0.188   1.00 11.69 ? 55  THR A CG2 1 
ATOM   489  N N   . SER A 1 59 ? 10.460  -8.062  2.669   1.00 8.54  ? 56  SER A N   1 
ATOM   490  C CA  . SER A 1 59 ? 9.271   -8.862  2.409   1.00 8.27  ? 56  SER A CA  1 
ATOM   491  C C   . SER A 1 59 ? 8.021   -8.170  2.958   1.00 8.19  ? 56  SER A C   1 
ATOM   492  O O   . SER A 1 59 ? 6.993   -8.091  2.290   1.00 7.86  ? 56  SER A O   1 
ATOM   493  C CB  . SER A 1 59 ? 9.426   -10.237 3.044   1.00 8.28  ? 56  SER A CB  1 
ATOM   494  O OG  . SER A 1 59 ? 8.226   -10.982 2.900   1.00 9.02  ? 56  SER A OG  1 
ATOM   495  N N   . PHE A 1 60 ? 8.116   -7.674  4.187   1.00 8.92  ? 57  PHE A N   1 
ATOM   496  C CA  . PHE A 1 60 ? 7.013   -6.977  4.857   1.00 8.98  ? 57  PHE A CA  1 
ATOM   497  C C   . PHE A 1 60 ? 6.631   -5.694  4.108   1.00 7.93  ? 57  PHE A C   1 
ATOM   498  O O   . PHE A 1 60 ? 5.444   -5.415  3.884   1.00 8.36  ? 57  PHE A O   1 
ATOM   499  C CB  . PHE A 1 60 ? 7.428   -6.702  6.304   1.00 9.67  ? 57  PHE A CB  1 
ATOM   500  C CG  . PHE A 1 60 ? 6.447   -5.881  7.098   1.00 9.09  ? 57  PHE A CG  1 
ATOM   501  C CD1 . PHE A 1 60 ? 5.153   -6.325  7.326   1.00 11.70 ? 57  PHE A CD1 1 
ATOM   502  C CD2 . PHE A 1 60 ? 6.841   -4.672  7.655   1.00 10.28 ? 57  PHE A CD2 1 
ATOM   503  C CE1 . PHE A 1 60 ? 4.266   -5.557  8.080   1.00 10.94 ? 57  PHE A CE1 1 
ATOM   504  C CE2 . PHE A 1 60 ? 5.955   -3.911  8.419   1.00 10.95 ? 57  PHE A CE2 1 
ATOM   505  C CZ  . PHE A 1 60 ? 4.679   -4.351  8.621   1.00 11.53 ? 57  PHE A CZ  1 
ATOM   506  N N   . GLY A 1 61 ? 7.633   -4.935  3.684   1.00 8.61  ? 58  GLY A N   1 
ATOM   507  C CA  . GLY A 1 61 ? 7.392   -3.750  2.873   1.00 9.14  ? 58  GLY A CA  1 
ATOM   508  C C   . GLY A 1 61 ? 6.633   -4.054  1.588   1.00 8.27  ? 58  GLY A C   1 
ATOM   509  O O   . GLY A 1 61 ? 5.692   -3.355  1.207   1.00 8.84  ? 58  GLY A O   1 
ATOM   510  N N   . CYS A 1 62 ? 7.027   -5.121  0.911   1.00 7.72  ? 59  CYS A N   1 
ATOM   511  C CA  . CYS A 1 62 ? 6.365   -5.499  -0.328  1.00 8.65  ? 59  CYS A CA  1 
ATOM   512  C C   . CYS A 1 62 ? 4.924   -5.911  -0.112  1.00 8.07  ? 59  CYS A C   1 
ATOM   513  O O   . CYS A 1 62 ? 4.053   -5.524  -0.883  1.00 8.40  ? 59  CYS A O   1 
ATOM   514  C CB  . CYS A 1 62 ? 7.133   -6.631  -1.019  1.00 8.84  ? 59  CYS A CB  1 
ATOM   515  S SG  . CYS A 1 62 ? 8.691   -6.144  -1.773  1.00 10.40 ? 59  CYS A SG  1 
ATOM   516  N N   . ILE A 1 63 ? 4.664   -6.684  0.934   1.00 8.48  ? 60  ILE A N   1 
ATOM   517  C CA  . ILE A 1 63 ? 3.290   -7.137  1.153   1.00 8.98  ? 60  ILE A CA  1 
ATOM   518  C C   . ILE A 1 63 ? 2.394   -5.991  1.604   1.00 7.86  ? 60  ILE A C   1 
ATOM   519  O O   . ILE A 1 63 ? 1.251   -5.889  1.183   1.00 8.69  ? 60  ILE A O   1 
ATOM   520  C CB  . ILE A 1 63 ? 3.193   -8.389  2.094   1.00 12.96 ? 60  ILE A CB  1 
ATOM   521  C CG1 . ILE A 1 63 ? 1.830   -9.085  1.941   1.00 16.30 ? 60  ILE A CG1 1 
ATOM   522  C CG2 . ILE A 1 63 ? 3.464   -8.027  3.534   1.00 14.86 ? 60  ILE A CG2 1 
ATOM   523  C CD1 . ILE A 1 63 ? 1.432   -9.325  0.506   1.00 20.12 ? 60  ILE A CD1 1 
ATOM   524  N N   . THR A 1 64 ? 2.919   -5.082  2.414   1.00 8.87  ? 61  THR A N   1 
ATOM   525  C CA  A THR A 1 64 ? 2.103   -3.949  2.851   0.55 8.53  ? 61  THR A CA  1 
ATOM   526  C CA  B THR A 1 64 ? 2.129   -3.960  2.865   0.45 8.53  ? 61  THR A CA  1 
ATOM   527  C C   . THR A 1 64 ? 1.829   -2.973  1.714   1.00 7.76  ? 61  THR A C   1 
ATOM   528  O O   . THR A 1 64 ? 0.722   -2.429  1.616   1.00 8.33  ? 61  THR A O   1 
ATOM   529  C CB  A THR A 1 64 ? 2.677   -3.218  4.092   0.55 9.67  ? 61  THR A CB  1 
ATOM   530  C CB  B THR A 1 64 ? 2.828   -3.301  4.055   0.45 9.59  ? 61  THR A CB  1 
ATOM   531  O OG1 A THR A 1 64 ? 4.038   -2.821  3.854   0.55 8.70  ? 61  THR A OG1 1 
ATOM   532  O OG1 B THR A 1 64 ? 3.204   -4.324  4.996   0.45 11.74 ? 61  THR A OG1 1 
ATOM   533  C CG2 A THR A 1 64 ? 2.590   -4.122  5.323   0.55 10.60 ? 61  THR A CG2 1 
ATOM   534  C CG2 B THR A 1 64 ? 1.898   -2.355  4.724   0.45 9.18  ? 61  THR A CG2 1 
ATOM   535  N N   . TYR A 1 65 ? 2.803   -2.776  0.828   1.00 8.01  ? 62  TYR A N   1 
ATOM   536  C CA  . TYR A 1 65 ? 2.576   -1.985  -0.378  1.00 8.12  ? 62  TYR A CA  1 
ATOM   537  C C   . TYR A 1 65 ? 1.461   -2.613  -1.233  1.00 7.71  ? 62  TYR A C   1 
ATOM   538  O O   . TYR A 1 65 ? 0.539   -1.925  -1.659  1.00 7.77  ? 62  TYR A O   1 
ATOM   539  C CB  . TYR A 1 65 ? 3.874   -1.843  -1.177  1.00 9.41  ? 62  TYR A CB  1 
ATOM   540  C CG  . TYR A 1 65 ? 3.745   -0.954  -2.382  1.00 9.78  ? 62  TYR A CG  1 
ATOM   541  C CD1 . TYR A 1 65 ? 3.667   0.422   -2.258  1.00 10.32 ? 62  TYR A CD1 1 
ATOM   542  C CD2 . TYR A 1 65 ? 3.721   -1.502  -3.647  1.00 10.63 ? 62  TYR A CD2 1 
ATOM   543  C CE1 . TYR A 1 65 ? 3.549   1.239   -3.382  1.00 11.33 ? 62  TYR A CE1 1 
ATOM   544  C CE2 . TYR A 1 65 ? 3.603   -0.712  -4.765  1.00 12.73 ? 62  TYR A CE2 1 
ATOM   545  C CZ  . TYR A 1 65 ? 3.514   0.649   -4.629  1.00 12.00 ? 62  TYR A CZ  1 
ATOM   546  O OH  . TYR A 1 65 ? 3.395   1.428   -5.763  1.00 14.26 ? 62  TYR A OH  1 
ATOM   547  N N   . ALA A 1 66 ? 1.544   -3.920  -1.450  1.00 7.89  ? 63  ALA A N   1 
ATOM   548  C CA  . ALA A 1 66 ? 0.518   -4.643  -2.208  1.00 8.23  ? 63  ALA A CA  1 
ATOM   549  C C   . ALA A 1 66 ? -0.848  -4.535  -1.541  1.00 7.97  ? 63  ALA A C   1 
ATOM   550  O O   . ALA A 1 66 ? -1.870  -4.391  -2.221  1.00 8.28  ? 63  ALA A O   1 
ATOM   551  C CB  . ALA A 1 66 ? 0.911   -6.097  -2.355  1.00 9.14  ? 63  ALA A CB  1 
ATOM   552  N N   . GLU A 1 67 ? -0.868  -4.584  -0.209  1.00 8.62  ? 64  GLU A N   1 
ATOM   553  C CA  . GLU A 1 67 ? -2.136  -4.464  0.507   1.00 8.97  ? 64  GLU A CA  1 
ATOM   554  C C   . GLU A 1 67 ? -2.720  -3.071  0.323   1.00 8.36  ? 64  GLU A C   1 
ATOM   555  O O   . GLU A 1 67 ? -3.928  -2.907  0.201   1.00 9.23  ? 64  GLU A O   1 
ATOM   556  C CB  . GLU A 1 67 ? -1.951  -4.755  1.996   0.97 12.02 ? 64  GLU A CB  1 
ATOM   557  C CG  . GLU A 1 67 ? -1.645  -6.205  2.313   0.75 11.38 ? 64  GLU A CG  1 
ATOM   558  C CD  . GLU A 1 67 ? -1.048  -6.401  3.684   0.70 15.92 ? 64  GLU A CD  1 
ATOM   559  O OE1 . GLU A 1 67 ? -0.568  -5.425  4.299   0.45 15.23 ? 64  GLU A OE1 1 
ATOM   560  O OE2 . GLU A 1 67 ? -1.057  -7.550  4.169   0.39 17.40 ? 64  GLU A OE2 1 
ATOM   561  N N   . GLY A 1 68 ? -1.862  -2.067  0.266   1.00 7.94  ? 65  GLY A N   1 
ATOM   562  C CA  . GLY A 1 68 ? -2.328  -0.713  0.027   1.00 8.16  ? 65  GLY A CA  1 
ATOM   563  C C   . GLY A 1 68 ? -2.931  -0.570  -1.365  1.00 7.73  ? 65  GLY A C   1 
ATOM   564  O O   . GLY A 1 68 ? -4.003  0.027   -1.539  1.00 8.66  ? 65  GLY A O   1 
ATOM   565  N N   . LEU A 1 69 ? -2.247  -1.116  -2.369  1.00 8.17  ? 66  LEU A N   1 
ATOM   566  C CA  . LEU A 1 69 ? -2.767  -1.099  -3.740  1.00 8.57  ? 66  LEU A CA  1 
ATOM   567  C C   . LEU A 1 69 ? -4.142  -1.734  -3.805  1.00 8.43  ? 66  LEU A C   1 
ATOM   568  O O   . LEU A 1 69 ? -5.091  -1.192  -4.408  1.00 9.69  ? 66  LEU A O   1 
ATOM   569  C CB  . LEU A 1 69 ? -1.831  -1.852  -4.682  1.00 10.13 ? 66  LEU A CB  1 
ATOM   570  C CG  . LEU A 1 69 ? -0.468  -1.223  -4.980  1.00 9.24  ? 66  LEU A CG  1 
ATOM   571  C CD1 . LEU A 1 69 ? 0.382   -2.228  -5.743  1.00 10.56 ? 66  LEU A CD1 1 
ATOM   572  C CD2 . LEU A 1 69 ? -0.577  0.086   -5.756  1.00 10.86 ? 66  LEU A CD2 1 
ATOM   573  N N   . THR A 1 70 ? -4.251  -2.884  -3.162  1.00 9.18  ? 67  THR A N   1 
ATOM   574  C CA  . THR A 1 70 ? -5.468  -3.682  -3.227  1.00 10.57 ? 67  THR A CA  1 
ATOM   575  C C   . THR A 1 70 ? -6.608  -3.094  -2.392  1.00 10.18 ? 67  THR A C   1 
ATOM   576  O O   . THR A 1 70 ? -7.770  -3.071  -2.828  1.00 10.11 ? 67  THR A O   1 
ATOM   577  C CB  . THR A 1 70 ? -5.178  -5.131  -2.796  1.00 12.20 ? 67  THR A CB  1 
ATOM   578  O OG1 . THR A 1 70 ? -4.071  -5.653  -3.551  1.00 12.80 ? 67  THR A OG1 1 
ATOM   579  C CG2 . THR A 1 70 ? -6.391  -6.004  -3.044  1.00 14.33 ? 67  THR A CG2 1 
ATOM   580  N N   . ASP A 1 71 ? -6.279  -2.596  -1.204  1.00 9.41  ? 68  ASP A N   1 
ATOM   581  C CA  . ASP A 1 71 ? -7.294  -2.024  -0.325  1.00 10.52 ? 68  ASP A CA  1 
ATOM   582  C C   . ASP A 1 71 ? -7.900  -0.779  -0.949  1.00 9.33  ? 68  ASP A C   1 
ATOM   583  O O   . ASP A 1 71 ? -9.098  -0.524  -0.791  1.00 9.74  ? 68  ASP A O   1 
ATOM   584  C CB  . ASP A 1 71 ? -6.717  -1.680  1.051   1.00 9.41  ? 68  ASP A CB  1 
ATOM   585  C CG  . ASP A 1 71 ? -6.528  -2.886  1.938   1.00 11.20 ? 68  ASP A CG  1 
ATOM   586  O OD1 . ASP A 1 71 ? -6.867  -4.016  1.525   1.00 12.82 ? 68  ASP A OD1 1 
ATOM   587  O OD2 . ASP A 1 71 ? -6.049  -2.718  3.081   1.00 10.95 ? 68  ASP A OD2 1 
ATOM   588  N N   . SER A 1 72 ? -7.101  -0.011  -1.675  1.00 9.48  ? 69  SER A N   1 
ATOM   589  C CA  . SER A 1 72 ? -7.645  1.128   -2.378  1.00 9.91  ? 69  SER A CA  1 
ATOM   590  C C   . SER A 1 72 ? -8.727  0.705   -3.371  1.00 11.19 ? 69  SER A C   1 
ATOM   591  O O   . SER A 1 72 ? -9.827  1.272   -3.382  1.00 10.76 ? 69  SER A O   1 
ATOM   592  C CB  . SER A 1 72 ? -6.535  1.880   -3.081  1.00 11.78 ? 69  SER A CB  1 
ATOM   593  O OG  . SER A 1 72 ? -7.090  2.874   -3.925  0.68 12.00 ? 69  SER A OG  1 
ATOM   594  N N   . LEU A 1 73 ? -8.428  -0.299  -4.196  1.00 10.25 ? 70  LEU A N   1 
ATOM   595  C CA  . LEU A 1 73 ? -9.412  -0.819  -5.150  1.00 10.86 ? 70  LEU A CA  1 
ATOM   596  C C   . LEU A 1 73 ? -10.674 -1.263  -4.426  1.00 10.48 ? 70  LEU A C   1 
ATOM   597  O O   . LEU A 1 73 ? -11.780 -0.965  -4.873  1.00 10.80 ? 70  LEU A O   1 
ATOM   598  C CB  . LEU A 1 73 ? -8.844  -1.985  -5.958  1.00 12.08 ? 70  LEU A CB  1 
ATOM   599  C CG  . LEU A 1 73 ? -7.659  -1.682  -6.871  1.00 12.65 ? 70  LEU A CG  1 
ATOM   600  C CD1 . LEU A 1 73 ? -7.291  -2.913  -7.694  1.00 14.44 ? 70  LEU A CD1 1 
ATOM   601  C CD2 . LEU A 1 73 ? -7.969  -0.507  -7.772  1.00 15.08 ? 70  LEU A CD2 1 
ATOM   602  N N   . ARG A 1 74 ? -10.518 -1.969  -3.314  1.00 10.21 ? 71  ARG A N   1 
ATOM   603  C CA  . ARG A 1 74 ? -11.673 -2.440  -2.561  1.00 10.90 ? 71  ARG A CA  1 
ATOM   604  C C   . ARG A 1 74 ? -12.530 -1.275  -2.082  1.00 11.49 ? 71  ARG A C   1 
ATOM   605  O O   . ARG A 1 74 ? -13.752 -1.334  -2.145  1.00 11.20 ? 71  ARG A O   1 
ATOM   606  C CB  . ARG A 1 74 ? -11.241 -3.321  -1.387  1.00 10.88 ? 71  ARG A CB  1 
ATOM   607  C CG  . ARG A 1 74 ? -12.378 -3.752  -0.458  1.00 12.17 ? 71  ARG A CG  1 
ATOM   608  C CD  . ARG A 1 74 ? -13.245 -4.862  -1.055  1.00 14.22 ? 71  ARG A CD  1 
ATOM   609  N NE  . ARG A 1 74 ? -14.192 -4.402  -2.068  1.00 12.29 ? 71  ARG A NE  1 
ATOM   610  C CZ  . ARG A 1 74 ? -14.935 -5.224  -2.803  1.00 15.80 ? 71  ARG A CZ  1 
ATOM   611  N NH1 . ARG A 1 74 ? -14.844 -6.537  -2.620  1.00 16.16 ? 71  ARG A NH1 1 
ATOM   612  N NH2 . ARG A 1 74 ? -15.771 -4.733  -3.716  1.00 17.00 ? 71  ARG A NH2 1 
ATOM   613  N N   . MET A 1 75 ? -11.883 -0.204  -1.631  1.00 9.78  ? 72  MET A N   1 
ATOM   614  C CA  . MET A 1 75 ? -12.589 0.986   -1.152  1.00 9.44  ? 72  MET A CA  1 
ATOM   615  C C   . MET A 1 75 ? -13.298 1.747   -2.255  1.00 9.78  ? 72  MET A C   1 
ATOM   616  O O   . MET A 1 75 ? -14.246 2.470   -1.979  1.00 12.14 ? 72  MET A O   1 
ATOM   617  C CB  . MET A 1 75 ? -11.634 1.933   -0.415  1.00 9.50  ? 72  MET A CB  1 
ATOM   618  C CG  . MET A 1 75 ? -11.074 1.342   0.866   1.00 9.96  ? 72  MET A CG  1 
ATOM   619  S SD  . MET A 1 75 ? -9.747  2.328   1.621   1.00 12.04 ? 72  MET A SD  1 
ATOM   620  C CE  . MET A 1 75 ? -10.663 3.780   2.104   1.00 13.73 ? 72  MET A CE  1 
ATOM   621  N N   . LEU A 1 76 ? -12.822 1.623   -3.492  1.00 10.76 ? 73  LEU A N   1 
ATOM   622  C CA  . LEU A 1 76 ? -13.433 2.293   -4.636  1.00 11.50 ? 73  LEU A CA  1 
ATOM   623  C C   . LEU A 1 76 ? -14.636 1.508   -5.155  1.00 13.92 ? 73  LEU A C   1 
ATOM   624  O O   . LEU A 1 76 ? -15.372 1.995   -6.018  1.00 17.93 ? 73  LEU A O   1 
ATOM   625  C CB  . LEU A 1 76 ? -12.407 2.479   -5.756  1.00 14.03 ? 73  LEU A CB  1 
ATOM   626  C CG  . LEU A 1 76 ? -11.240 3.404   -5.413  1.00 14.58 ? 73  LEU A CG  1 
ATOM   627  C CD1 . LEU A 1 76 ? -10.348 3.593   -6.626  1.00 17.88 ? 73  LEU A CD1 1 
ATOM   628  C CD2 . LEU A 1 76 ? -11.723 4.747   -4.895  1.00 16.40 ? 73  LEU A CD2 1 
ATOM   629  N N   . HIS A 1 77 ? -14.825 0.294   -4.643  1.00 12.38 ? 74  HIS A N   1 
ATOM   630  C CA  . HIS A 1 77 ? -15.931 -0.569  -5.061  1.00 13.40 ? 74  HIS A CA  1 
ATOM   631  C C   . HIS A 1 77 ? -16.702 -1.049  -3.849  1.00 12.64 ? 74  HIS A C   1 
ATOM   632  O O   . HIS A 1 77 ? -16.436 -2.123  -3.326  1.00 14.58 ? 74  HIS A O   1 
ATOM   633  C CB  . HIS A 1 77 ? -15.397 -1.761  -5.856  1.00 13.70 ? 74  HIS A CB  1 
ATOM   634  C CG  . HIS A 1 77 ? -14.812 -1.374  -7.175  1.00 14.20 ? 74  HIS A CG  1 
ATOM   635  N ND1 . HIS A 1 77 ? -15.584 -1.228  -8.308  1.00 18.61 ? 74  HIS A ND1 1 
ATOM   636  C CD2 . HIS A 1 77 ? -13.545 -1.069  -7.541  1.00 18.43 ? 74  HIS A CD2 1 
ATOM   637  C CE1 . HIS A 1 77 ? -14.816 -0.857  -9.318  1.00 21.39 ? 74  HIS A CE1 1 
ATOM   638  N NE2 . HIS A 1 77 ? -13.574 -0.748  -8.877  1.00 20.48 ? 74  HIS A NE2 1 
ATOM   639  N N   . ARG A 1 78 ? -17.648 -0.235  -3.392  1.00 16.37 ? 75  ARG A N   1 
ATOM   640  C CA  . ARG A 1 78 ? -18.496 -0.635  -2.285  1.00 18.69 ? 75  ARG A CA  1 
ATOM   641  C C   . ARG A 1 78 ? -19.214 -1.901  -2.728  1.00 17.20 ? 75  ARG A C   1 
ATOM   642  O O   . ARG A 1 78 ? -19.576 -2.036  -3.895  1.00 16.57 ? 75  ARG A O   1 
ATOM   643  C CB  . ARG A 1 78 ? -19.498 0.467   -1.953  1.00 20.79 ? 75  ARG A CB  1 
ATOM   644  C CG  . ARG A 1 78 ? -18.854 1.784   -1.526  1.00 20.68 ? 75  ARG A CG  1 
ATOM   645  C CD  . ARG A 1 78 ? -19.871 2.617   -0.799  1.00 23.76 ? 75  ARG A CD  1 
ATOM   646  N NE  . ARG A 1 78 ? -20.496 1.806   0.239   1.00 27.24 ? 75  ARG A NE  1 
ATOM   647  C CZ  . ARG A 1 78 ? -21.538 2.187   0.965   1.00 20.93 ? 75  ARG A CZ  1 
ATOM   648  N NH1 . ARG A 1 78 ? -22.090 3.381   0.782   1.00 23.34 ? 75  ARG A NH1 1 
ATOM   649  N NH2 . ARG A 1 78 ? -22.010 1.365   1.885   1.00 27.30 ? 75  ARG A NH2 1 
ATOM   650  N N   . ILE A 1 79 ? -19.392 -2.854  -1.825  1.00 18.20 ? 76  ILE A N   1 
ATOM   651  C CA  . ILE A 1 79 ? -19.942 -4.139  -2.260  1.00 19.88 ? 76  ILE A CA  1 
ATOM   652  C C   . ILE A 1 79 ? -21.416 -4.008  -2.686  1.00 20.05 ? 76  ILE A C   1 
ATOM   653  O O   . ILE A 1 79 ? -21.939 -4.851  -3.407  1.00 20.19 ? 76  ILE A O   1 
ATOM   654  C CB  . ILE A 1 79 ? -19.701 -5.271  -1.223  1.00 19.22 ? 76  ILE A CB  1 
ATOM   655  C CG1 . ILE A 1 79 ? -19.765 -6.648  -1.899  1.00 24.59 ? 76  ILE A CG1 1 
ATOM   656  C CG2 . ILE A 1 79 ? -20.651 -5.146  -0.040  1.00 23.81 ? 76  ILE A CG2 1 
ATOM   657  C CD1 . ILE A 1 79 ? -18.688 -6.871  -2.969  1.00 25.17 ? 76  ILE A CD1 1 
ATOM   658  N N   . ILE A 1 80 ? -22.059 -2.922  -2.271  1.00 16.51 ? 77  ILE A N   1 
ATOM   659  C CA  . ILE A 1 80 ? -23.428 -2.627  -2.680  0.82 20.64 ? 77  ILE A CA  1 
ATOM   660  C C   . ILE A 1 80 ? -23.502 -1.681  -3.888  1.00 23.29 ? 77  ILE A C   1 
ATOM   661  O O   . ILE A 1 80 ? -24.549 -1.072  -4.144  1.00 27.02 ? 77  ILE A O   1 
ATOM   662  C CB  . ILE A 1 80 ? -24.226 -2.024  -1.517  0.75 19.50 ? 77  ILE A CB  1 
ATOM   663  C CG1 . ILE A 1 80 ? -23.629 -0.679  -1.098  0.87 21.57 ? 77  ILE A CG1 1 
ATOM   664  C CG2 . ILE A 1 80 ? -24.244 -2.984  -0.343  0.63 18.85 ? 77  ILE A CG2 1 
ATOM   665  C CD1 . ILE A 1 80 ? -24.543 0.146   -0.217  0.53 20.27 ? 77  ILE A CD1 1 
ATOM   666  N N   . GLU A 1 81 ? -22.403 -1.571  -4.640  1.00 18.94 ? 78  GLU A N   1 
ATOM   667  C CA  . GLU A 1 81 ? -22.332 -0.619  -5.760  1.00 24.62 ? 78  GLU A CA  1 
ATOM   668  C C   . GLU A 1 81 ? -23.185 -0.981  -6.981  1.00 30.45 ? 78  GLU A C   1 
ATOM   669  O O   . GLU A 1 81 ? -23.742 -0.094  -7.634  1.00 34.90 ? 78  GLU A O   1 
ATOM   670  C CB  . GLU A 1 81 ? -20.877 -0.377  -6.195  1.00 27.20 ? 78  GLU A CB  1 
ATOM   671  C CG  . GLU A 1 81 ? -20.233 -1.535  -6.957  1.00 27.66 ? 78  GLU A CG  1 
ATOM   672  C CD  . GLU A 1 81 ? -18.823 -1.223  -7.433  1.00 27.85 ? 78  GLU A CD  1 
ATOM   673  O OE1 . GLU A 1 81 ? -18.406 -0.047  -7.336  1.00 38.53 ? 78  GLU A OE1 1 
ATOM   674  O OE2 . GLU A 1 81 ? -18.138 -2.156  -7.910  1.00 29.64 ? 78  GLU A OE2 1 
ATOM   675  N N   . GLY A 1 82 ? -23.269 -2.269  -7.304  1.00 26.79 ? 79  GLY A N   1 
ATOM   676  C CA  . GLY A 1 82 ? -24.042 -2.711  -8.452  1.00 29.00 ? 79  GLY A CA  1 
ATOM   677  C C   . GLY A 1 82 ? -25.503 -2.314  -8.368  1.00 32.57 ? 79  GLY A C   1 
ATOM   678  O O   . GLY A 1 82 ? -26.265 -2.519  -9.312  1.00 21.10 ? 79  GLY A O   1 
ATOM   679  N N   . ALA B 1 3  ? 19.161  -0.319  5.350   1.00 43.68 ? 0   ALA B N   1 
ATOM   680  C CA  . ALA B 1 3  ? 17.883  -0.994  5.160   1.00 30.83 ? 0   ALA B CA  1 
ATOM   681  C C   . ALA B 1 3  ? 16.752  -0.015  4.806   1.00 28.43 ? 0   ALA B C   1 
ATOM   682  O O   . ALA B 1 3  ? 16.834  1.185   5.080   1.00 31.07 ? 0   ALA B O   1 
ATOM   683  C CB  . ALA B 1 3  ? 17.525  -1.827  6.397   1.00 31.00 ? 0   ALA B CB  1 
ATOM   684  N N   . LEU B 1 4  ? 15.704  -0.548  4.186   1.00 21.45 ? 1   LEU B N   1 
ATOM   685  C CA  . LEU B 1 4  ? 14.544  0.223   3.751   1.00 18.72 ? 1   LEU B CA  1 
ATOM   686  C C   . LEU B 1 4  ? 13.813  0.919   4.901   1.00 16.41 ? 1   LEU B C   1 
ATOM   687  O O   . LEU B 1 4  ? 13.047  1.873   4.674   1.00 16.37 ? 1   LEU B O   1 
ATOM   688  C CB  . LEU B 1 4  ? 13.580  -0.693  2.999   1.00 18.20 ? 1   LEU B CB  1 
ATOM   689  C CG  . LEU B 1 4  ? 14.079  -1.184  1.640   1.00 16.17 ? 1   LEU B CG  1 
ATOM   690  C CD1 . LEU B 1 4  ? 13.132  -2.228  1.056   1.00 23.23 ? 1   LEU B CD1 1 
ATOM   691  C CD2 . LEU B 1 4  ? 14.246  -0.012  0.687   1.00 25.44 ? 1   LEU B CD2 1 
ATOM   692  N N   . ASP B 1 5  ? 14.037  0.447   6.127   1.00 16.07 ? 2   ASP B N   1 
ATOM   693  C CA  . ASP B 1 5  ? 13.350  1.004   7.284   1.00 15.11 ? 2   ASP B CA  1 
ATOM   694  C C   . ASP B 1 5  ? 14.260  1.798   8.216   1.00 15.47 ? 2   ASP B C   1 
ATOM   695  O O   . ASP B 1 5  ? 13.915  2.039   9.372   1.00 16.30 ? 2   ASP B O   1 
ATOM   696  C CB  . ASP B 1 5  ? 12.571  -0.076  8.053   1.00 14.44 ? 2   ASP B CB  1 
ATOM   697  C CG  . ASP B 1 5  ? 13.459  -0.970  8.889   1.00 14.56 ? 2   ASP B CG  1 
ATOM   698  O OD1 . ASP B 1 5  ? 14.652  -1.121  8.554   1.00 19.01 ? 2   ASP B OD1 1 
ATOM   699  O OD2 . ASP B 1 5  ? 12.953  -1.537  9.882   1.00 17.68 ? 2   ASP B OD2 1 
ATOM   700  N N   . CYS B 1 6  ? 15.412  2.233   7.717   1.00 16.30 ? 3   CYS B N   1 
ATOM   701  C CA  . CYS B 1 6  ? 16.243  3.118   8.526   1.00 14.30 ? 3   CYS B CA  1 
ATOM   702  C C   . CYS B 1 6  ? 15.610  4.497   8.584   1.00 13.25 ? 3   CYS B C   1 
ATOM   703  O O   . CYS B 1 6  ? 14.810  4.867   7.722   1.00 13.39 ? 3   CYS B O   1 
ATOM   704  C CB  . CYS B 1 6  ? 17.683  3.190   8.005   1.00 17.61 ? 3   CYS B CB  1 
ATOM   705  S SG  . CYS B 1 6  ? 17.910  4.104   6.467   1.00 20.94 ? 3   CYS B SG  1 
ATOM   706  N N   . ARG B 1 7  ? 15.977  5.261   9.606   1.00 13.99 ? 4   ARG B N   1 
ATOM   707  C CA  . ARG B 1 7  ? 15.384  6.572   9.837   1.00 13.56 ? 4   ARG B CA  1 
ATOM   708  C C   . ARG B 1 7  ? 15.486  7.495   8.624   1.00 14.07 ? 4   ARG B C   1 
ATOM   709  O O   . ARG B 1 7  ? 14.509  8.151   8.255   1.00 13.53 ? 4   ARG B O   1 
ATOM   710  C CB  . ARG B 1 7  ? 16.008  7.229   11.074  1.00 13.89 ? 4   ARG B CB  1 
ATOM   711  C CG  . ARG B 1 7  ? 15.723  8.712   11.186  1.00 13.18 ? 4   ARG B CG  1 
ATOM   712  C CD  . ARG B 1 7  ? 16.092  9.259   12.557  1.00 14.91 ? 4   ARG B CD  1 
ATOM   713  N NE  . ARG B 1 7  ? 15.184  8.813   13.609  1.00 13.64 ? 4   ARG B NE  1 
ATOM   714  C CZ  . ARG B 1 7  ? 14.017  9.390   13.879  1.00 11.19 ? 4   ARG B CZ  1 
ATOM   715  N NH1 . ARG B 1 7  ? 13.256  8.916   14.858  1.00 13.49 ? 4   ARG B NH1 1 
ATOM   716  N NH2 . ARG B 1 7  ? 13.611  10.440  13.165  1.00 11.80 ? 4   ARG B NH2 1 
ATOM   717  N N   . GLU B 1 8  ? 16.650  7.542   7.989   1.00 13.63 ? 5   GLU B N   1 
ATOM   718  C CA  . GLU B 1 8  ? 16.862  8.445   6.871   1.00 14.09 ? 5   GLU B CA  1 
ATOM   719  C C   . GLU B 1 8  ? 15.922  8.112   5.726   1.00 13.13 ? 5   GLU B C   1 
ATOM   720  O O   . GLU B 1 8  ? 15.349  9.000   5.087   1.00 15.23 ? 5   GLU B O   1 
ATOM   721  C CB  . GLU B 1 8  ? 18.321  8.372   6.408   1.00 21.13 ? 5   GLU B CB  1 
ATOM   722  C CG  . GLU B 1 8  ? 18.685  9.333   5.286   1.00 30.91 ? 5   GLU B CG  1 
ATOM   723  C CD  . GLU B 1 8  ? 20.161  9.274   4.921   1.00 42.94 ? 5   GLU B CD  1 
ATOM   724  O OE1 . GLU B 1 8  ? 20.944  8.675   5.690   1.00 44.33 ? 5   GLU B OE1 1 
ATOM   725  O OE2 . GLU B 1 8  ? 20.536  9.827   3.864   1.00 49.41 ? 5   GLU B OE2 1 
ATOM   726  N N   . ARG B 1 9  ? 15.744  6.820   5.482   1.00 12.51 ? 6   ARG B N   1 
ATOM   727  C CA  . ARG B 1 9  ? 14.904  6.378   4.378   1.00 13.35 ? 6   ARG B CA  1 
ATOM   728  C C   . ARG B 1 9  ? 13.436  6.652   4.662   1.00 12.01 ? 6   ARG B C   1 
ATOM   729  O O   . ARG B 1 9  ? 12.699  7.103   3.778   1.00 12.38 ? 6   ARG B O   1 
ATOM   730  C CB  . ARG B 1 9  ? 15.107  4.887   4.084   1.00 15.59 ? 6   ARG B CB  1 
ATOM   731  C CG  . ARG B 1 9  ? 14.414  4.399   2.815   1.00 22.15 ? 6   ARG B CG  1 
ATOM   732  C CD  . ARG B 1 9  ? 14.872  5.173   1.580   1.00 26.29 ? 6   ARG B CD  1 
ATOM   733  N NE  . ARG B 1 9  ? 13.812  6.031   1.051   1.00 24.05 ? 6   ARG B NE  1 
ATOM   734  C CZ  . ARG B 1 9  ? 13.936  6.796   -0.030  1.00 27.73 ? 6   ARG B CZ  1 
ATOM   735  N NH1 . ARG B 1 9  ? 15.081  6.823   -0.699  1.00 27.09 ? 6   ARG B NH1 1 
ATOM   736  N NH2 . ARG B 1 9  ? 12.915  7.534   -0.444  1.00 25.95 ? 6   ARG B NH2 1 
ATOM   737  N N   . ILE B 1 10 ? 13.000  6.374   5.888   1.00 10.73 ? 7   ILE B N   1 
ATOM   738  C CA  . ILE B 1 10 ? 11.606  6.645   6.239   1.00 10.49 ? 7   ILE B CA  1 
ATOM   739  C C   . ILE B 1 10 ? 11.324  8.149   6.165   1.00 9.98  ? 7   ILE B C   1 
ATOM   740  O O   . ILE B 1 10 ? 10.291  8.567   5.648   1.00 10.64 ? 7   ILE B O   1 
ATOM   741  C CB  . ILE B 1 10 ? 11.211  6.085   7.628   1.00 10.46 ? 7   ILE B CB  1 
ATOM   742  C CG1 . ILE B 1 10 ? 11.336  4.557   7.630   1.00 11.91 ? 7   ILE B CG1 1 
ATOM   743  C CG2 . ILE B 1 10 ? 9.791   6.518   7.995   1.00 10.67 ? 7   ILE B CG2 1 
ATOM   744  C CD1 . ILE B 1 10 ? 11.131  3.946   8.998   1.00 13.50 ? 7   ILE B CD1 1 
ATOM   745  N N   . GLU B 1 11 ? 12.254  8.969   6.650   1.00 10.40 ? 8   GLU B N   1 
ATOM   746  C CA  . GLU B 1 11 ? 12.061  10.417  6.574   1.00 11.56 ? 8   GLU B CA  1 
ATOM   747  C C   . GLU B 1 11 ? 11.873  10.882  5.132   1.00 11.55 ? 8   GLU B C   1 
ATOM   748  O O   . GLU B 1 11 ? 10.975  11.671  4.840   1.00 11.45 ? 8   GLU B O   1 
ATOM   749  C CB  . GLU B 1 11 ? 13.231  11.158  7.226   1.00 12.41 ? 8   GLU B CB  1 
ATOM   750  C CG  . GLU B 1 11 ? 13.279  11.016  8.736   1.00 11.86 ? 8   GLU B CG  1 
ATOM   751  C CD  . GLU B 1 11 ? 14.438  11.769  9.361   1.00 16.45 ? 8   GLU B CD  1 
ATOM   752  O OE1 . GLU B 1 11 ? 15.057  12.599  8.657   1.00 25.43 ? 8   GLU B OE1 1 
ATOM   753  O OE2 . GLU B 1 11 ? 14.726  11.556  10.554  1.00 14.03 ? 8   GLU B OE2 1 
ATOM   754  N N   . LYS B 1 12 ? 12.689  10.366  4.220   1.00 11.83 ? 9   LYS B N   1 
ATOM   755  C CA  . LYS B 1 12 ? 12.554  10.733  2.815   1.00 12.65 ? 9   LYS B CA  1 
ATOM   756  C C   . LYS B 1 12 ? 11.221  10.232  2.257   1.00 13.07 ? 9   LYS B C   1 
ATOM   757  O O   . LYS B 1 12 ? 10.533  10.960  1.538   1.00 15.26 ? 9   LYS B O   1 
ATOM   758  C CB  . LYS B 1 12 ? 13.729  10.180  2.011   1.00 15.93 ? 9   LYS B CB  1 
ATOM   759  C CG  . LYS B 1 12 ? 13.693  10.524  0.532   1.00 21.43 ? 9   LYS B CG  1 
ATOM   760  C CD  . LYS B 1 12 ? 13.766  12.023  0.297   1.00 25.45 ? 9   LYS B CD  1 
ATOM   761  C CE  . LYS B 1 12 ? 13.992  12.325  -1.181  1.00 30.09 ? 9   LYS B CE  1 
ATOM   762  N NZ  . LYS B 1 12 ? 13.212  11.416  -2.070  1.00 34.40 ? 9   LYS B NZ  1 
ATOM   763  N N   . ASP B 1 13 ? 10.847  9.000   2.597   1.00 12.00 ? 10  ASP B N   1 
ATOM   764  C CA  . ASP B 1 13 ? 9.561   8.439   2.161   1.00 12.65 ? 10  ASP B CA  1 
ATOM   765  C C   . ASP B 1 13 ? 8.403   9.359   2.598   1.00 13.15 ? 10  ASP B C   1 
ATOM   766  O O   . ASP B 1 13 ? 7.448   9.589   1.848   1.00 13.11 ? 10  ASP B O   1 
ATOM   767  C CB  . ASP B 1 13 ? 9.300   7.064   2.802   1.00 14.83 ? 10  ASP B CB  1 
ATOM   768  C CG  . ASP B 1 13 ? 10.232  5.964   2.344   1.00 18.62 ? 10  ASP B CG  1 
ATOM   769  O OD1 . ASP B 1 13 ? 10.893  6.095   1.295   1.00 17.76 ? 10  ASP B OD1 1 
ATOM   770  O OD2 . ASP B 1 13 ? 10.261  4.922   3.052   1.00 18.06 ? 10  ASP B OD2 1 
ATOM   771  N N   . LEU B 1 14 ? 8.479   9.847   3.836   1.00 11.82 ? 11  LEU B N   1 
ATOM   772  C CA  . LEU B 1 14 ? 7.417   10.665  4.420   1.00 12.14 ? 11  LEU B CA  1 
ATOM   773  C C   . LEU B 1 14 ? 7.315   12.010  3.737   1.00 12.96 ? 11  LEU B C   1 
ATOM   774  O O   . LEU B 1 14 ? 6.218   12.510  3.513   1.00 13.02 ? 11  LEU B O   1 
ATOM   775  C CB  . LEU B 1 14 ? 7.618   10.847  5.932   1.00 11.10 ? 11  LEU B CB  1 
ATOM   776  C CG  . LEU B 1 14 ? 7.349   9.602   6.797   1.00 10.23 ? 11  LEU B CG  1 
ATOM   777  C CD1 . LEU B 1 14 ? 7.931   9.763   8.200   1.00 10.79 ? 11  LEU B CD1 1 
ATOM   778  C CD2 . LEU B 1 14 ? 5.864   9.310   6.893   1.00 12.26 ? 11  LEU B CD2 1 
ATOM   779  N N   . GLU B 1 15 ? 8.456   12.597  3.389   1.00 12.09 ? 12  GLU B N   1 
ATOM   780  C CA  . GLU B 1 15 ? 8.466   13.871  2.682   1.00 14.44 ? 12  GLU B CA  1 
ATOM   781  C C   . GLU B 1 15 ? 7.888   13.706  1.278   1.00 14.17 ? 12  GLU B C   1 
ATOM   782  O O   . GLU B 1 15 ? 7.086   14.523  0.831   1.00 15.78 ? 12  GLU B O   1 
ATOM   783  C CB  . GLU B 1 15 ? 9.881   14.453  2.610   1.00 17.27 ? 12  GLU B CB  1 
ATOM   784  C CG  . GLU B 1 15 ? 9.959   15.812  1.929   1.00 24.41 ? 12  GLU B CG  1 
ATOM   785  C CD  . GLU B 1 15 ? 11.347  16.426  1.986   1.00 29.38 ? 12  GLU B CD  1 
ATOM   786  O OE1 . GLU B 1 15 ? 12.332  15.668  2.092   1.00 28.58 ? 12  GLU B OE1 1 
ATOM   787  O OE2 . GLU B 1 15 ? 11.451  17.668  1.923   1.00 34.25 ? 12  GLU B OE2 1 
ATOM   788  N N   . ASP B 1 16 ? 8.296   12.639  0.596   1.00 12.85 ? 13  ASP B N   1 
ATOM   789  C CA  . ASP B 1 16 ? 7.835   12.374  -0.767  1.00 13.20 ? 13  ASP B CA  1 
ATOM   790  C C   . ASP B 1 16 ? 6.333   12.122  -0.786  1.00 13.06 ? 13  ASP B C   1 
ATOM   791  O O   . ASP B 1 16 ? 5.618   12.625  -1.659  1.00 13.85 ? 13  ASP B O   1 
ATOM   792  C CB  . ASP B 1 16 ? 8.540   11.142  -1.360  1.00 16.66 ? 13  ASP B CB  1 
ATOM   793  C CG  . ASP B 1 16 ? 9.996   11.390  -1.694  1.00 22.60 ? 13  ASP B CG  1 
ATOM   794  O OD1 . ASP B 1 16 ? 10.421  12.563  -1.734  1.00 25.19 ? 13  ASP B OD1 1 
ATOM   795  O OD2 . ASP B 1 16 ? 10.714  10.395  -1.929  1.00 30.08 ? 13  ASP B OD2 1 
ATOM   796  N N   . LEU B 1 17 ? 5.848   11.343  0.176   1.00 12.92 ? 14  LEU B N   1 
ATOM   797  C CA  . LEU B 1 17 ? 4.425   11.022  0.203   1.00 12.33 ? 14  LEU B CA  1 
ATOM   798  C C   . LEU B 1 17 ? 3.562   12.247  0.500   1.00 12.51 ? 14  LEU B C   1 
ATOM   799  O O   . LEU B 1 17 ? 2.470   12.392  -0.048  1.00 13.04 ? 14  LEU B O   1 
ATOM   800  C CB  . LEU B 1 17 ? 4.115   9.899   1.196   1.00 12.54 ? 14  LEU B CB  1 
ATOM   801  C CG  . LEU B 1 17 ? 2.653   9.470   1.104   1.00 16.70 ? 14  LEU B CG  1 
ATOM   802  C CD1 . LEU B 1 17 ? 2.367   8.868   -0.242  1.00 17.07 ? 14  LEU B CD1 1 
ATOM   803  C CD2 . LEU B 1 17 ? 2.252   8.509   2.202   1.00 21.60 ? 14  LEU B CD2 1 
ATOM   804  N N   . GLU B 1 18 ? 4.059   13.126  1.367   1.00 12.79 ? 15  GLU B N   1 
ATOM   805  C CA  . GLU B 1 18 ? 3.335   14.354  1.695   1.00 14.58 ? 15  GLU B CA  1 
ATOM   806  C C   . GLU B 1 18 ? 3.096   15.148  0.416   1.00 14.89 ? 15  GLU B C   1 
ATOM   807  O O   . GLU B 1 18 ? 1.985   15.613  0.174   1.00 14.84 ? 15  GLU B O   1 
ATOM   808  C CB  . GLU B 1 18 ? 4.095   15.190  2.736   1.00 14.78 ? 15  GLU B CB  1 
ATOM   809  C CG  . GLU B 1 18 ? 3.467   16.544  3.061   1.00 16.93 ? 15  GLU B CG  1 
ATOM   810  C CD  . GLU B 1 18 ? 2.202   16.450  3.894   1.00 20.81 ? 15  GLU B CD  1 
ATOM   811  O OE1 . GLU B 1 18 ? 1.599   17.512  4.170   0.61 19.21 ? 15  GLU B OE1 1 
ATOM   812  O OE2 . GLU B 1 18 ? 1.802   15.330  4.273   0.69 16.56 ? 15  GLU B OE2 1 
ATOM   813  N N   . LYS B 1 19 ? 4.121   15.279  -0.420  1.00 13.57 ? 16  LYS B N   1 
ATOM   814  C CA  . LYS B 1 19 ? 3.966   16.013  -1.675  0.90 15.01 ? 16  LYS B CA  1 
ATOM   815  C C   . LYS B 1 19 ? 2.941   15.361  -2.595  1.00 17.48 ? 16  LYS B C   1 
ATOM   816  O O   . LYS B 1 19 ? 2.067   16.036  -3.155  1.00 18.18 ? 16  LYS B O   1 
ATOM   817  C CB  . LYS B 1 19 ? 5.306   16.128  -2.388  1.00 18.95 ? 16  LYS B CB  1 
ATOM   818  C CG  . LYS B 1 19 ? 6.301   16.973  -1.646  0.63 19.24 ? 16  LYS B CG  1 
ATOM   819  C CD  . LYS B 1 19 ? 7.641   16.957  -2.345  0.34 20.96 ? 16  LYS B CD  1 
ATOM   820  C CE  . LYS B 1 19 ? 8.710   17.553  -1.455  0.65 25.45 ? 16  LYS B CE  1 
ATOM   821  N NZ  . LYS B 1 19 ? 9.386   18.698  -2.116  0.31 28.39 ? 16  LYS B NZ  1 
ATOM   822  N N   . GLU B 1 20 ? 3.040   14.046  -2.744  1.00 13.79 ? 17  GLU B N   1 
ATOM   823  C CA  . GLU B 1 20 ? 2.095   13.297  -3.560  1.00 15.64 ? 17  GLU B CA  1 
ATOM   824  C C   . GLU B 1 20 ? 0.660   13.482  -3.072  1.00 14.17 ? 17  GLU B C   1 
ATOM   825  O O   . GLU B 1 20 ? -0.252  13.668  -3.872  1.00 17.27 ? 17  GLU B O   1 
ATOM   826  C CB  . GLU B 1 20 ? 2.451   11.808  -3.565  1.00 15.28 ? 17  GLU B CB  1 
ATOM   827  C CG  . GLU B 1 20 ? 3.761   11.482  -4.259  1.00 20.03 ? 17  GLU B CG  1 
ATOM   828  C CD  . GLU B 1 20 ? 4.018   9.992   -4.342  1.00 28.44 ? 17  GLU B CD  1 
ATOM   829  O OE1 . GLU B 1 20 ? 3.049   9.231   -4.530  1.00 27.63 ? 17  GLU B OE1 1 
ATOM   830  O OE2 . GLU B 1 20 ? 5.189   9.582   -4.219  1.00 38.47 ? 17  GLU B OE2 1 
ATOM   831  N N   . LEU B 1 21 ? 0.466   13.426  -1.759  1.00 13.50 ? 18  LEU B N   1 
ATOM   832  C CA  . LEU B 1 21 ? -0.874  13.522  -1.188  1.00 14.48 ? 18  LEU B CA  1 
ATOM   833  C C   . LEU B 1 21 ? -1.467  14.929  -1.286  1.00 17.31 ? 18  LEU B C   1 
ATOM   834  O O   . LEU B 1 21 ? -2.659  15.078  -1.557  1.00 18.85 ? 18  LEU B O   1 
ATOM   835  C CB  . LEU B 1 21 ? -0.893  12.993  0.250   1.00 14.22 ? 18  LEU B CB  1 
ATOM   836  C CG  . LEU B 1 21 ? -0.896  11.461  0.310   1.00 13.15 ? 18  LEU B CG  1 
ATOM   837  C CD1 . LEU B 1 21 ? -0.645  10.957  1.717   1.00 15.19 ? 18  LEU B CD1 1 
ATOM   838  C CD2 . LEU B 1 21 ? -2.211  10.909  -0.235  1.00 15.28 ? 18  LEU B CD2 1 
ATOM   839  N N   . MET B 1 22 ? -0.643  15.956  -1.092  1.00 15.70 ? 19  MET B N   1 
ATOM   840  C CA  . MET B 1 22 ? -1.121  17.332  -1.210  1.00 18.35 ? 19  MET B CA  1 
ATOM   841  C C   . MET B 1 22 ? -1.589  17.592  -2.631  1.00 18.41 ? 19  MET B C   1 
ATOM   842  O O   . MET B 1 22 ? -2.580  18.287  -2.845  1.00 20.63 ? 19  MET B O   1 
ATOM   843  C CB  . MET B 1 22 ? -0.027  18.328  -0.822  1.00 17.75 ? 19  MET B CB  1 
ATOM   844  C CG  . MET B 1 22 ? 0.345   18.314  0.654   1.00 22.03 ? 19  MET B CG  1 
ATOM   845  S SD  . MET B 1 22 ? -1.019  18.646  1.795   1.00 28.09 ? 19  MET B SD  1 
ATOM   846  C CE  . MET B 1 22 ? -1.435  16.982  2.333   1.00 25.29 ? 19  MET B CE  1 
ATOM   847  N N   . GLU B 1 23 ? -0.894  17.014  -3.601  1.00 14.96 ? 20  GLU B N   1 
ATOM   848  C CA  . GLU B 1 23 ? -1.276  17.163  -4.994  1.00 21.93 ? 20  GLU B CA  1 
ATOM   849  C C   . GLU B 1 23 ? -2.554  16.385  -5.325  1.00 19.40 ? 20  GLU B C   1 
ATOM   850  O O   . GLU B 1 23 ? -3.413  16.872  -6.059  1.00 22.78 ? 20  GLU B O   1 
ATOM   851  C CB  . GLU B 1 23 ? -0.121  16.736  -5.899  1.00 21.44 ? 20  GLU B CB  1 
ATOM   852  C CG  . GLU B 1 23 ? 1.097   17.657  -5.789  1.00 21.19 ? 20  GLU B CG  1 
ATOM   853  C CD  . GLU B 1 23 ? 2.193   17.310  -6.780  1.00 34.22 ? 20  GLU B CD  1 
ATOM   854  O OE1 . GLU B 1 23 ? 2.012   16.358  -7.569  1.00 40.26 ? 20  GLU B OE1 1 
ATOM   855  O OE2 . GLU B 1 23 ? 3.240   17.992  -6.768  1.00 33.94 ? 20  GLU B OE2 1 
ATOM   856  N N   . MET B 1 24 ? -2.690  15.187  -4.769  1.00 17.80 ? 21  MET B N   1 
ATOM   857  C CA  . MET B 1 24 ? -3.880  14.368  -5.006  1.00 21.65 ? 21  MET B CA  1 
ATOM   858  C C   . MET B 1 24 ? -5.099  14.989  -4.317  1.00 20.91 ? 21  MET B C   1 
ATOM   859  O O   . MET B 1 24 ? -6.227  14.921  -4.819  1.00 21.87 ? 21  MET B O   1 
ATOM   860  C CB  . MET B 1 24 ? -3.625  12.941  -4.501  1.00 21.44 ? 21  MET B CB  1 
ATOM   861  C CG  . MET B 1 24 ? -4.733  11.944  -4.774  1.00 25.25 ? 21  MET B CG  1 
ATOM   862  S SD  . MET B 1 24 ? -4.946  11.584  -6.528  1.00 28.56 ? 21  MET B SD  1 
ATOM   863  C CE  . MET B 1 24 ? -3.362  10.864  -6.954  1.00 23.97 ? 21  MET B CE  1 
ATOM   864  N N   . LYS B 1 25 ? -4.846  15.597  -3.162  1.00 21.47 ? 22  LYS B N   1 
ATOM   865  C CA  . LYS B 1 25 ? -5.838  16.268  -2.324  1.00 24.06 ? 22  LYS B CA  1 
ATOM   866  C C   . LYS B 1 25 ? -6.570  17.389  -3.060  1.00 22.49 ? 22  LYS B C   1 
ATOM   867  O O   . LYS B 1 25 ? -7.714  17.725  -2.730  1.00 27.23 ? 22  LYS B O   1 
ATOM   868  C CB  . LYS B 1 25 ? -5.099  16.864  -1.122  1.00 30.89 ? 22  LYS B CB  1 
ATOM   869  C CG  . LYS B 1 25 ? -5.913  17.130  0.119   1.00 36.01 ? 22  LYS B CG  1 
ATOM   870  C CD  . LYS B 1 25 ? -4.978  17.254  1.318   1.00 25.99 ? 22  LYS B CD  1 
ATOM   871  C CE  . LYS B 1 25 ? -5.413  18.363  2.255   1.00 36.98 ? 22  LYS B CE  1 
ATOM   872  N NZ  . LYS B 1 25 ? -5.110  19.724  1.721   1.00 24.93 ? 22  LYS B NZ  1 
ATOM   873  N N   . SER B 1 26 ? -5.908  17.960  -4.064  1.00 22.05 ? 23  SER B N   1 
ATOM   874  C CA  . SER B 1 26 ? -6.368  19.190  -4.697  1.00 23.32 ? 23  SER B CA  1 
ATOM   875  C C   . SER B 1 26 ? -6.741  19.023  -6.173  1.00 32.11 ? 23  SER B C   1 
ATOM   876  O O   . SER B 1 26 ? -6.647  19.971  -6.958  1.00 32.94 ? 23  SER B O   1 
ATOM   877  C CB  . SER B 1 26 ? -5.307  20.275  -4.531  1.00 26.84 ? 23  SER B CB  1 
ATOM   878  O OG  . SER B 1 26 ? -4.031  19.793  -4.911  1.00 30.39 ? 23  SER B OG  1 
ATOM   879  N N   . ILE B 1 27 ? -7.147  17.812  -6.548  1.00 25.55 ? 24  ILE B N   1 
ATOM   880  C CA  . ILE B 1 27 ? -7.791  17.590  -7.843  1.00 27.57 ? 24  ILE B CA  1 
ATOM   881  C C   . ILE B 1 27 ? -9.208  17.081  -7.561  1.00 25.82 ? 24  ILE B C   1 
ATOM   882  O O   . ILE B 1 27 ? -9.517  16.749  -6.416  1.00 22.54 ? 24  ILE B O   1 
ATOM   883  C CB  . ILE B 1 27 ? -7.009  16.587  -8.716  1.00 26.31 ? 24  ILE B CB  1 
ATOM   884  C CG1 . ILE B 1 27 ? -7.135  15.170  -8.154  1.00 26.59 ? 24  ILE B CG1 1 
ATOM   885  C CG2 . ILE B 1 27 ? -5.539  16.992  -8.826  1.00 33.76 ? 24  ILE B CG2 1 
ATOM   886  C CD1 . ILE B 1 27 ? -6.752  14.093  -9.140  1.00 27.19 ? 24  ILE B CD1 1 
ATOM   887  N N   . LYS B 1 28 ? -10.079 17.043  -8.572  1.00 26.34 ? 25  LYS B N   1 
ATOM   888  C CA  . LYS B 1 28 ? -11.431 16.515  -8.359  0.76 21.66 ? 25  LYS B CA  1 
ATOM   889  C C   . LYS B 1 28 ? -11.380 15.014  -8.099  1.00 22.47 ? 25  LYS B C   1 
ATOM   890  O O   . LYS B 1 28 ? -10.913 14.235  -8.932  1.00 27.00 ? 25  LYS B O   1 
ATOM   891  C CB  . LYS B 1 28 ? -12.373 16.834  -9.531  1.00 25.65 ? 25  LYS B CB  1 
ATOM   892  C CG  . LYS B 1 28 ? -13.637 15.942  -9.616  0.35 24.99 ? 25  LYS B CG  1 
ATOM   893  C CD  . LYS B 1 28 ? -14.785 16.369  -8.675  0.40 26.90 ? 25  LYS B CD  1 
ATOM   894  C CE  . LYS B 1 28 ? -16.055 15.526  -8.930  0.46 24.79 ? 25  LYS B CE  1 
ATOM   895  N NZ  . LYS B 1 28 ? -17.363 16.070  -8.384  1.00 8.88  ? 25  LYS B NZ  1 
ATOM   896  N N   . LEU B 1 29 ? -11.841 14.629  -6.915  1.00 21.04 ? 26  LEU B N   1 
ATOM   897  C CA  . LEU B 1 29 ? -11.880 13.232  -6.512  1.00 19.88 ? 26  LEU B CA  1 
ATOM   898  C C   . LEU B 1 29 ? -13.319 12.823  -6.287  1.00 18.54 ? 26  LEU B C   1 
ATOM   899  O O   . LEU B 1 29 ? -14.135 13.637  -5.864  1.00 20.00 ? 26  LEU B O   1 
ATOM   900  C CB  . LEU B 1 29 ? -11.119 13.048  -5.202  1.00 22.26 ? 26  LEU B CB  1 
ATOM   901  C CG  . LEU B 1 29 ? -9.668  13.522  -5.187  1.00 21.13 ? 26  LEU B CG  1 
ATOM   902  C CD1 . LEU B 1 29 ? -9.136  13.527  -3.765  1.00 23.22 ? 26  LEU B CD1 1 
ATOM   903  C CD2 . LEU B 1 29 ? -8.823  12.638  -6.083  1.00 22.19 ? 26  LEU B CD2 1 
ATOM   904  N N   . SER B 1 30 ? -13.619 11.557  -6.551  1.00 17.46 ? 27  SER B N   1 
ATOM   905  C CA  . SER B 1 30 ? -14.889 10.981  -6.140  1.00 17.04 ? 27  SER B CA  1 
ATOM   906  C C   . SER B 1 30 ? -14.922 10.842  -4.627  1.00 16.69 ? 27  SER B C   1 
ATOM   907  O O   . SER B 1 30 ? -13.887 10.911  -3.960  1.00 16.40 ? 27  SER B O   1 
ATOM   908  C CB  . SER B 1 30 ? -15.080 9.608   -6.777  1.00 17.75 ? 27  SER B CB  1 
ATOM   909  O OG  . SER B 1 30 ? -14.209 8.652   -6.200  1.00 17.17 ? 27  SER B OG  1 
ATOM   910  N N   . ASP B 1 31 ? -16.109 10.635  -4.076  1.00 17.14 ? 28  ASP B N   1 
ATOM   911  C CA  . ASP B 1 31 ? -16.238 10.451  -2.643  1.00 19.26 ? 28  ASP B CA  1 
ATOM   912  C C   . ASP B 1 31 ? -15.473 9.210   -2.177  1.00 15.16 ? 28  ASP B C   1 
ATOM   913  O O   . ASP B 1 31 ? -14.863 9.221   -1.102  1.00 16.65 ? 28  ASP B O   1 
ATOM   914  C CB  . ASP B 1 31 ? -17.717 10.385  -2.257  1.00 26.59 ? 28  ASP B CB  1 
ATOM   915  C CG  . ASP B 1 31 ? -18.449 11.681  -2.564  1.00 36.02 ? 28  ASP B CG  1 
ATOM   916  O OD1 . ASP B 1 31 ? -18.003 12.746  -2.076  1.00 33.46 ? 28  ASP B OD1 1 
ATOM   917  O OD2 . ASP B 1 31 ? -19.447 11.639  -3.317  1.00 44.33 ? 28  ASP B OD2 1 
ATOM   918  N N   . ASP B 1 32 ? -15.465 8.159   -3.001  1.00 14.73 ? 29  ASP B N   1 
ATOM   919  C CA  . ASP B 1 32 ? -14.721 6.951   -2.660  1.00 14.49 ? 29  ASP B CA  1 
ATOM   920  C C   . ASP B 1 32 ? -13.220 7.245   -2.642  1.00 11.98 ? 29  ASP B C   1 
ATOM   921  O O   . ASP B 1 32 ? -12.514 6.821   -1.736  1.00 13.08 ? 29  ASP B O   1 
ATOM   922  C CB  . ASP B 1 32 ? -15.023 5.808   -3.639  1.00 14.79 ? 29  ASP B CB  1 
ATOM   923  C CG  . ASP B 1 32 ? -16.460 5.317   -3.562  1.00 23.43 ? 29  ASP B CG  1 
ATOM   924  O OD1 . ASP B 1 32 ? -17.125 5.504   -2.523  1.00 20.62 ? 29  ASP B OD1 1 
ATOM   925  O OD2 . ASP B 1 32 ? -16.926 4.719   -4.558  1.00 31.82 ? 29  ASP B OD2 1 
ATOM   926  N N   . GLU B 1 33 ? -12.738 7.986   -3.635  1.00 11.75 ? 30  GLU B N   1 
ATOM   927  C CA  . GLU B 1 33 ? -11.322 8.357   -3.667  1.00 13.19 ? 30  GLU B CA  1 
ATOM   928  C C   . GLU B 1 33 ? -10.944 9.254   -2.490  1.00 12.27 ? 30  GLU B C   1 
ATOM   929  O O   . GLU B 1 33 ? -9.827  9.156   -1.978  1.00 12.40 ? 30  GLU B O   1 
ATOM   930  C CB  . GLU B 1 33 ? -10.969 9.040   -4.988  1.00 15.06 ? 30  GLU B CB  1 
ATOM   931  C CG  . GLU B 1 33 ? -10.982 8.097   -6.166  1.00 14.63 ? 30  GLU B CG  1 
ATOM   932  C CD  . GLU B 1 33 ? -10.841 8.811   -7.494  1.00 23.08 ? 30  GLU B CD  1 
ATOM   933  O OE1 . GLU B 1 33 ? -11.342 9.951   -7.617  1.00 19.86 ? 30  GLU B OE1 1 
ATOM   934  O OE2 . GLU B 1 33 ? -10.230 8.222   -8.415  1.00 27.47 ? 30  GLU B OE2 1 
ATOM   935  N N   . GLU B 1 34 ? -11.850 10.126  -2.053  1.00 13.00 ? 31  GLU B N   1 
ATOM   936  C CA  . GLU B 1 34 ? -11.593 10.940  -0.866  1.00 15.03 ? 31  GLU B CA  1 
ATOM   937  C C   . GLU B 1 34 ? -11.340 10.078  0.371   1.00 12.81 ? 31  GLU B C   1 
ATOM   938  O O   . GLU B 1 34 ? -10.509 10.424  1.221   1.00 12.43 ? 31  GLU B O   1 
ATOM   939  C CB  . GLU B 1 34 ? -12.754 11.905  -0.606  1.00 16.17 ? 31  GLU B CB  1 
ATOM   940  C CG  . GLU B 1 34 ? -12.823 13.059  -1.582  1.00 18.99 ? 31  GLU B CG  1 
ATOM   941  C CD  . GLU B 1 34 ? -14.054 13.916  -1.373  1.00 32.29 ? 31  GLU B CD  1 
ATOM   942  O OE1 . GLU B 1 34 ? -14.873 13.587  -0.488  1.00 39.16 ? 31  GLU B OE1 1 
ATOM   943  O OE2 . GLU B 1 34 ? -14.204 14.920  -2.100  1.00 41.54 ? 31  GLU B OE2 1 
ATOM   944  N N   . ALA B 1 35 ? -12.054 8.958   0.472   1.00 11.38 ? 32  ALA B N   1 
ATOM   945  C CA  . ALA B 1 35 ? -11.867 8.024   1.575   1.00 11.43 ? 32  ALA B CA  1 
ATOM   946  C C   . ALA B 1 35 ? -10.460 7.426   1.534   1.00 11.87 ? 32  ALA B C   1 
ATOM   947  O O   . ALA B 1 35 ? -9.815  7.276   2.572   1.00 10.22 ? 32  ALA B O   1 
ATOM   948  C CB  . ALA B 1 35 ? -12.935 6.910   1.544   1.00 12.87 ? 32  ALA B CB  1 
ATOM   949  N N   . VAL B 1 36 ? -9.980  7.103   0.332   1.00 9.98  ? 33  VAL B N   1 
ATOM   950  C CA  . VAL B 1 36 ? -8.648  6.518   0.148   1.00 9.77  ? 33  VAL B CA  1 
ATOM   951  C C   . VAL B 1 36 ? -7.567  7.546   0.508   1.00 9.34  ? 33  VAL B C   1 
ATOM   952  O O   . VAL B 1 36 ? -6.613  7.224   1.210   1.00 9.15  ? 33  VAL B O   1 
ATOM   953  C CB  . VAL B 1 36 ? -8.447  5.988   -1.301  1.00 9.81  ? 33  VAL B CB  1 
ATOM   954  C CG1 . VAL B 1 36 ? -7.024  5.481   -1.496  1.00 10.95 ? 33  VAL B CG1 1 
ATOM   955  C CG2 . VAL B 1 36 ? -9.452  4.868   -1.608  1.00 11.27 ? 33  VAL B CG2 1 
ATOM   956  N N   . VAL B 1 37 ? -7.729  8.777   0.043   1.00 10.46 ? 34  VAL B N   1 
ATOM   957  C CA  . VAL B 1 37 ? -6.767  9.835   0.360   1.00 10.02 ? 34  VAL B CA  1 
ATOM   958  C C   . VAL B 1 37 ? -6.719  10.089  1.864   1.00 9.70  ? 34  VAL B C   1 
ATOM   959  O O   . VAL B 1 37 ? -5.650  10.192  2.442   1.00 9.92  ? 34  VAL B O   1 
ATOM   960  C CB  . VAL B 1 37 ? -7.104  11.132  -0.394  1.00 9.74  ? 34  VAL B CB  1 
ATOM   961  C CG1 . VAL B 1 37 ? -6.279  12.303  0.154   1.00 14.62 ? 34  VAL B CG1 1 
ATOM   962  C CG2 . VAL B 1 37 ? -6.888  10.949  -1.889  1.00 14.00 ? 34  VAL B CG2 1 
ATOM   963  N N   . GLU B 1 38 ? -7.882  10.140  2.502   1.00 10.13 ? 35  GLU B N   1 
ATOM   964  C CA  . GLU B 1 38 ? -7.933  10.305  3.950   1.00 10.93 ? 35  GLU B CA  1 
ATOM   965  C C   . GLU B 1 38 ? -7.178  9.181   4.660   1.00 8.82  ? 35  GLU B C   1 
ATOM   966  O O   . GLU B 1 38 ? -6.413  9.429   5.586   1.00 9.86  ? 35  GLU B O   1 
ATOM   967  C CB  . GLU B 1 38 ? -9.380  10.359  4.443   1.00 12.79 ? 35  GLU B CB  1 
ATOM   968  C CG  . GLU B 1 38 ? -9.503  10.566  5.943   1.00 15.77 ? 35  GLU B CG  1 
ATOM   969  C CD  . GLU B 1 38 ? -10.941 10.587  6.419   1.00 26.31 ? 35  GLU B CD  1 
ATOM   970  O OE1 . GLU B 1 38 ? -11.847 10.370  5.590   1.00 27.78 ? 35  GLU B OE1 1 
ATOM   971  O OE2 . GLU B 1 38 ? -11.161 10.818  7.624   1.00 37.55 ? 35  GLU B OE2 1 
ATOM   972  N N   . ARG B 1 39 ? -7.400  7.946   4.222   1.00 9.05  ? 36  ARG B N   1 
ATOM   973  C CA  . ARG B 1 39 ? -6.743  6.801   4.828   1.00 8.91  ? 36  ARG B CA  1 
ATOM   974  C C   . ARG B 1 39 ? -5.228  6.891   4.632   1.00 8.65  ? 36  ARG B C   1 
ATOM   975  O O   . ARG B 1 39 ? -4.463  6.588   5.553   1.00 8.57  ? 36  ARG B O   1 
ATOM   976  C CB  . ARG B 1 39 ? -7.298  5.497   4.243   1.00 9.07  ? 36  ARG B CB  1 
ATOM   977  C CG  . ARG B 1 39 ? -6.769  4.258   4.930   1.00 9.04  ? 36  ARG B CG  1 
ATOM   978  C CD  . ARG B 1 39 ? -7.600  3.042   4.534   1.00 9.99  ? 36  ARG B CD  1 
ATOM   979  N NE  . ARG B 1 39 ? -7.092  1.788   5.088   1.00 10.39 ? 36  ARG B NE  1 
ATOM   980  C CZ  . ARG B 1 39 ? -7.262  1.394   6.345   1.00 9.88  ? 36  ARG B CZ  1 
ATOM   981  N NH1 . ARG B 1 39 ? -7.919  2.157   7.211   1.00 11.02 ? 36  ARG B NH1 1 
ATOM   982  N NH2 . ARG B 1 39 ? -6.776  0.221   6.747   1.00 12.02 ? 36  ARG B NH2 1 
ATOM   983  N N   . ALA B 1 40 ? -4.794  7.292   3.442   1.00 8.79  ? 37  ALA B N   1 
ATOM   984  C CA  . ALA B 1 40 ? -3.362  7.444   3.184   1.00 9.14  ? 37  ALA B CA  1 
ATOM   985  C C   . ALA B 1 40 ? -2.730  8.509   4.082   1.00 9.54  ? 37  ALA B C   1 
ATOM   986  O O   . ALA B 1 40 ? -1.635  8.320   4.614   1.00 8.91  ? 37  ALA B O   1 
ATOM   987  C CB  . ALA B 1 40 ? -3.104  7.749   1.711   1.00 10.45 ? 37  ALA B CB  1 
ATOM   988  N N   . LEU B 1 41 ? -3.422  9.630   4.259   1.00 9.77  ? 38  LEU B N   1 
ATOM   989  C CA  . LEU B 1 41 ? -2.942  10.685  5.150   1.00 8.57  ? 38  LEU B CA  1 
ATOM   990  C C   . LEU B 1 41 ? -2.897  10.193  6.584   1.00 9.58  ? 38  LEU B C   1 
ATOM   991  O O   . LEU B 1 41 ? -1.960  10.505  7.333   1.00 9.60  ? 38  LEU B O   1 
ATOM   992  C CB  . LEU B 1 41 ? -3.867  11.892  5.046   1.00 11.02 ? 38  LEU B CB  1 
ATOM   993  C CG  . LEU B 1 41 ? -3.698  12.694  3.757   1.00 12.97 ? 38  LEU B CG  1 
ATOM   994  C CD1 . LEU B 1 41 ? -4.852  13.666  3.550   1.00 15.60 ? 38  LEU B CD1 1 
ATOM   995  C CD2 . LEU B 1 41 ? -2.377  13.447  3.788   1.00 17.21 ? 38  LEU B CD2 1 
ATOM   996  N N   . ASN B 1 42 ? -3.893  9.409   6.984   1.00 8.93  ? 39  ASN B N   1 
ATOM   997  C CA  . ASN B 1 42 ? -3.909  8.862   8.332   1.00 9.95  ? 39  ASN B CA  1 
ATOM   998  C C   . ASN B 1 42 ? -2.755  7.899   8.569   1.00 8.98  ? 39  ASN B C   1 
ATOM   999  O O   . ASN B 1 42 ? -2.117  7.925   9.626   1.00 9.53  ? 39  ASN B O   1 
ATOM   1000 C CB  . ASN B 1 42 ? -5.251  8.184   8.638   1.00 11.21 ? 39  ASN B CB  1 
ATOM   1001 C CG  . ASN B 1 42 ? -6.359  9.184   8.870   1.00 12.83 ? 39  ASN B CG  1 
ATOM   1002 O OD1 . ASN B 1 42 ? -6.101  10.338  9.218   1.00 16.78 ? 39  ASN B OD1 1 
ATOM   1003 N ND2 . ASN B 1 42 ? -7.603  8.750   8.676   1.00 14.58 ? 39  ASN B ND2 1 
ATOM   1004 N N   . TYR B 1 43 ? -2.471  7.050   7.583   1.00 9.24  ? 40  TYR B N   1 
ATOM   1005 C CA  . TYR B 1 43 ? -1.355  6.128   7.704   1.00 7.93  ? 40  TYR B CA  1 
ATOM   1006 C C   . TYR B 1 43 ? -0.002  6.817   7.605   1.00 8.64  ? 40  TYR B C   1 
ATOM   1007 O O   . TYR B 1 43 ? 0.929   6.405   8.289   1.00 8.67  ? 40  TYR B O   1 
ATOM   1008 C CB  . TYR B 1 43 ? -1.506  4.919   6.754   1.00 8.29  ? 40  TYR B CB  1 
ATOM   1009 C CG  . TYR B 1 43 ? -2.332  3.860   7.440   1.00 8.22  ? 40  TYR B CG  1 
ATOM   1010 C CD1 . TYR B 1 43 ? -3.714  3.862   7.342   1.00 9.50  ? 40  TYR B CD1 1 
ATOM   1011 C CD2 . TYR B 1 43 ? -1.729  2.903   8.251   1.00 9.34  ? 40  TYR B CD2 1 
ATOM   1012 C CE1 . TYR B 1 43 ? -4.478  2.926   8.023   1.00 11.14 ? 40  TYR B CE1 1 
ATOM   1013 C CE2 . TYR B 1 43 ? -2.489  1.975   8.932   1.00 11.08 ? 40  TYR B CE2 1 
ATOM   1014 C CZ  . TYR B 1 43 ? -3.853  1.997   8.809   1.00 13.13 ? 40  TYR B CZ  1 
ATOM   1015 O OH  . TYR B 1 43 ? -4.621  1.069   9.474   1.00 16.05 ? 40  TYR B OH  1 
ATOM   1016 N N   . ARG B 1 44 ? 0.101   7.877   6.811   1.00 8.93  ? 41  ARG B N   1 
ATOM   1017 C CA  . ARG B 1 44 ? 1.313   8.686   6.878   1.00 8.82  ? 41  ARG B CA  1 
ATOM   1018 C C   . ARG B 1 44 ? 1.508   9.250   8.297   1.00 8.96  ? 41  ARG B C   1 
ATOM   1019 O O   . ARG B 1 44 ? 2.613   9.173   8.855   1.00 9.83  ? 41  ARG B O   1 
ATOM   1020 C CB  . ARG B 1 44 ? 1.289   9.800   5.846   1.00 9.78  ? 41  ARG B CB  1 
ATOM   1021 C CG  . ARG B 1 44 ? 2.542   10.674  5.956   1.00 10.10 ? 41  ARG B CG  1 
ATOM   1022 C CD  . ARG B 1 44 ? 2.621   11.811  4.955   1.00 12.76 ? 41  ARG B CD  1 
ATOM   1023 N NE  . ARG B 1 44 ? 3.811   12.633  5.206   1.00 11.82 ? 41  ARG B NE  1 
ATOM   1024 C CZ  . ARG B 1 44 ? 3.883   13.542  6.174   1.00 13.72 ? 41  ARG B CZ  1 
ATOM   1025 N NH1 . ARG B 1 44 ? 2.840   13.762  6.962   1.00 15.82 ? 41  ARG B NH1 1 
ATOM   1026 N NH2 . ARG B 1 44 ? 5.002   14.240  6.344   1.00 13.74 ? 41  ARG B NH2 1 
ATOM   1027 N N   . ASP B 1 45 ? 0.444   9.781   8.893   1.00 9.02  ? 42  ASP B N   1 
ATOM   1028 C CA  . ASP B 1 45 ? 0.539   10.282  10.264  1.00 10.13 ? 42  ASP B CA  1 
ATOM   1029 C C   . ASP B 1 45 ? 0.948   9.183   11.239  1.00 9.74  ? 42  ASP B C   1 
ATOM   1030 O O   . ASP B 1 45 ? 1.732   9.417   12.158  1.00 9.91  ? 42  ASP B O   1 
ATOM   1031 C CB  . ASP B 1 45 ? -0.781  10.913  10.719  1.00 11.22 ? 42  ASP B CB  1 
ATOM   1032 C CG  . ASP B 1 45 ? -1.008  12.300  10.148  1.00 16.15 ? 42  ASP B CG  1 
ATOM   1033 O OD1 . ASP B 1 45 ? -0.043  12.921  9.647   1.00 20.21 ? 42  ASP B OD1 1 
ATOM   1034 O OD2 . ASP B 1 45 ? -2.169  12.764  10.236  1.00 21.46 ? 42  ASP B OD2 1 
ATOM   1035 N N   . ASP B 1 46 ? 0.426   7.979   11.037  1.00 9.77  ? 43  ASP B N   1 
ATOM   1036 C CA  . ASP B 1 46 ? 0.806   6.859   11.896  1.00 10.19 ? 43  ASP B CA  1 
ATOM   1037 C C   . ASP B 1 46 ? 2.285   6.562   11.737  1.00 8.93  ? 43  ASP B C   1 
ATOM   1038 O O   . ASP B 1 46 ? 2.989   6.305   12.714  1.00 9.14  ? 43  ASP B O   1 
ATOM   1039 C CB  . ASP B 1 46 ? -0.005  5.599   11.561  1.00 10.82 ? 43  ASP B CB  1 
ATOM   1040 C CG  . ASP B 1 46 ? -1.485  5.746   11.857  1.00 12.33 ? 43  ASP B CG  1 
ATOM   1041 O OD1 . ASP B 1 46 ? -1.877  6.617   12.662  1.00 16.03 ? 43  ASP B OD1 1 
ATOM   1042 O OD2 . ASP B 1 46 ? -2.265  4.965   11.264  1.00 17.10 ? 43  ASP B OD2 1 
ATOM   1043 N N   . SER B 1 47 ? 2.770   6.587   10.499  1.00 7.82  ? 44  SER B N   1 
ATOM   1044 C CA  . SER B 1 47 ? 4.193   6.389   10.248  1.00 9.54  ? 44  SER B CA  1 
ATOM   1045 C C   . SER B 1 47 ? 5.056   7.431   10.977  1.00 7.93  ? 44  SER B C   1 
ATOM   1046 O O   . SER B 1 47 ? 6.070   7.094   11.585  1.00 8.46  ? 44  SER B O   1 
ATOM   1047 C CB  . SER B 1 47 ? 4.488   6.415   8.743   1.00 9.36  ? 44  SER B CB  1 
ATOM   1048 O OG  . SER B 1 47 ? 5.878   6.259   8.491   1.00 9.96  ? 44  SER B OG  1 
ATOM   1049 N N   . VAL B 1 48 ? 4.642   8.691   10.912  1.00 8.47  ? 45  VAL B N   1 
ATOM   1050 C CA  . VAL B 1 48 ? 5.353   9.768   11.599  1.00 8.51  ? 45  VAL B CA  1 
ATOM   1051 C C   . VAL B 1 48 ? 5.413   9.489   13.105  1.00 9.56  ? 45  VAL B C   1 
ATOM   1052 O O   . VAL B 1 48 ? 6.462   9.624   13.739  1.00 9.64  ? 45  VAL B O   1 
ATOM   1053 C CB  . VAL B 1 48 ? 4.640   11.113  11.324  1.00 9.62  ? 45  VAL B CB  1 
ATOM   1054 C CG1 . VAL B 1 48 ? 5.218   12.222  12.208  1.00 10.99 ? 45  VAL B CG1 1 
ATOM   1055 C CG2 . VAL B 1 48 ? 4.772   11.505  9.856   1.00 10.65 ? 45  VAL B CG2 1 
ATOM   1056 N N   . TYR B 1 49 ? 4.284   9.099   13.675  1.00 9.57  ? 46  TYR B N   1 
ATOM   1057 C CA  . TYR B 1 49 ? 4.204   8.771   15.093  1.00 9.27  ? 46  TYR B CA  1 
ATOM   1058 C C   . TYR B 1 49 ? 5.145   7.638   15.491  1.00 10.69 ? 46  TYR B C   1 
ATOM   1059 O O   . TYR B 1 49 ? 5.921   7.767   16.442  1.00 11.03 ? 46  TYR B O   1 
ATOM   1060 C CB  . TYR B 1 49 ? 2.761   8.417   15.458  1.00 12.47 ? 46  TYR B CB  1 
ATOM   1061 C CG  . TYR B 1 49 ? 2.556   7.939   16.877  1.00 14.88 ? 46  TYR B CG  1 
ATOM   1062 C CD1 . TYR B 1 49 ? 2.453   8.844   17.935  1.00 16.43 ? 46  TYR B CD1 1 
ATOM   1063 C CD2 . TYR B 1 49 ? 2.445   6.580   17.158  1.00 16.15 ? 46  TYR B CD2 1 
ATOM   1064 C CE1 . TYR B 1 49 ? 2.249   8.400   19.233  1.00 17.49 ? 46  TYR B CE1 1 
ATOM   1065 C CE2 . TYR B 1 49 ? 2.243   6.128   18.455  1.00 17.03 ? 46  TYR B CE2 1 
ATOM   1066 C CZ  . TYR B 1 49 ? 2.148   7.047   19.484  1.00 19.28 ? 46  TYR B CZ  1 
ATOM   1067 O OH  . TYR B 1 49 ? 1.943   6.599   20.771  1.00 23.90 ? 46  TYR B OH  1 
ATOM   1068 N N   . TYR B 1 50 ? 5.097   6.517   14.773  1.00 9.24  ? 47  TYR B N   1 
ATOM   1069 C CA  . TYR B 1 50 ? 5.915   5.372   15.153  1.00 10.06 ? 47  TYR B CA  1 
ATOM   1070 C C   . TYR B 1 50 ? 7.391   5.626   14.931  1.00 9.00  ? 47  TYR B C   1 
ATOM   1071 O O   . TYR B 1 50 ? 8.231   5.090   15.656  1.00 11.07 ? 47  TYR B O   1 
ATOM   1072 C CB  . TYR B 1 50 ? 5.436   4.083   14.467  1.00 10.48 ? 47  TYR B CB  1 
ATOM   1073 C CG  . TYR B 1 50 ? 4.122   3.598   15.045  1.00 10.72 ? 47  TYR B CG  1 
ATOM   1074 C CD1 . TYR B 1 50 ? 4.042   3.143   16.359  1.00 12.20 ? 47  TYR B CD1 1 
ATOM   1075 C CD2 . TYR B 1 50 ? 2.965   3.594   14.284  1.00 11.04 ? 47  TYR B CD2 1 
ATOM   1076 C CE1 . TYR B 1 50 ? 2.836   2.711   16.895  1.00 13.73 ? 47  TYR B CE1 1 
ATOM   1077 C CE2 . TYR B 1 50 ? 1.751   3.155   14.812  1.00 14.07 ? 47  TYR B CE2 1 
ATOM   1078 C CZ  . TYR B 1 50 ? 1.703   2.717   16.114  1.00 13.61 ? 47  TYR B CZ  1 
ATOM   1079 O OH  . TYR B 1 50 ? 0.499   2.292   16.633  1.00 16.54 ? 47  TYR B OH  1 
ATOM   1080 N N   . LEU B 1 51 ? 7.724   6.447   13.944  1.00 9.46  ? 48  LEU B N   1 
ATOM   1081 C CA  . LEU B 1 51 ? 9.113   6.836   13.750  1.00 9.86  ? 48  LEU B CA  1 
ATOM   1082 C C   . LEU B 1 51 ? 9.612   7.622   14.961  1.00 10.87 ? 48  LEU B C   1 
ATOM   1083 O O   . LEU B 1 51 ? 10.717  7.367   15.441  1.00 12.79 ? 48  LEU B O   1 
ATOM   1084 C CB  . LEU B 1 51 ? 9.306   7.656   12.472  1.00 10.40 ? 48  LEU B CB  1 
ATOM   1085 C CG  . LEU B 1 51 ? 10.735  8.151   12.205  1.00 10.62 ? 48  LEU B CG  1 
ATOM   1086 C CD1 . LEU B 1 51 ? 11.722  6.991   12.111  1.00 12.52 ? 48  LEU B CD1 1 
ATOM   1087 C CD2 . LEU B 1 51 ? 10.764  9.025   10.953  1.00 11.82 ? 48  LEU B CD2 1 
ATOM   1088 N N   . GLU B 1 52 ? 8.793   8.537   15.476  1.00 11.11 ? 49  GLU B N   1 
ATOM   1089 C CA  A GLU B 1 52 ? 9.190   9.317   16.644  0.47 12.20 ? 49  GLU B CA  1 
ATOM   1090 C CA  B GLU B 1 52 ? 9.178   9.322   16.652  0.53 12.20 ? 49  GLU B CA  1 
ATOM   1091 C C   . GLU B 1 52 ? 9.454   8.409   17.843  1.00 14.36 ? 49  GLU B C   1 
ATOM   1092 O O   . GLU B 1 52 ? 10.377  8.664   18.633  1.00 16.51 ? 49  GLU B O   1 
ATOM   1093 C CB  A GLU B 1 52 ? 8.121   10.346  17.002  0.47 10.98 ? 49  GLU B CB  1 
ATOM   1094 C CB  B GLU B 1 52 ? 8.093   10.346  17.009  0.53 10.98 ? 49  GLU B CB  1 
ATOM   1095 C CG  A GLU B 1 52 ? 8.557   11.312  18.095  0.47 13.17 ? 49  GLU B CG  1 
ATOM   1096 C CG  B GLU B 1 52 ? 8.467   11.316  18.142  0.53 13.14 ? 49  GLU B CG  1 
ATOM   1097 C CD  A GLU B 1 52 ? 7.403   12.093  18.671  0.47 14.07 ? 49  GLU B CD  1 
ATOM   1098 C CD  B GLU B 1 52 ? 8.166   10.764  19.526  0.53 19.34 ? 49  GLU B CD  1 
ATOM   1099 O OE1 A GLU B 1 52 ? 6.342   11.484  18.926  0.47 19.76 ? 49  GLU B OE1 1 
ATOM   1100 O OE1 B GLU B 1 52 ? 7.252   9.930   19.641  0.53 20.48 ? 49  GLU B OE1 1 
ATOM   1101 O OE2 A GLU B 1 52 ? 7.551   13.317  18.867  0.47 14.00 ? 49  GLU B OE2 1 
ATOM   1102 O OE2 B GLU B 1 52 ? 8.834   11.163  20.505  0.53 21.30 ? 49  GLU B OE2 1 
ATOM   1103 N N   . LYS B 1 53 ? 8.655   7.349   17.969  1.00 12.69 ? 50  LYS B N   1 
ATOM   1104 C CA  . LYS B 1 53 ? 8.812   6.340   19.024  1.00 16.06 ? 50  LYS B CA  1 
ATOM   1105 C C   . LYS B 1 53 ? 9.987   5.377   18.828  1.00 15.78 ? 50  LYS B C   1 
ATOM   1106 O O   . LYS B 1 53 ? 10.332  4.621   19.743  1.00 20.52 ? 50  LYS B O   1 
ATOM   1107 C CB  . LYS B 1 53 ? 7.530   5.518   19.161  1.00 17.92 ? 50  LYS B CB  1 
ATOM   1108 C CG  . LYS B 1 53 ? 6.320   6.322   19.557  1.00 21.90 ? 50  LYS B CG  1 
ATOM   1109 C CD  . LYS B 1 53 ? 6.672   7.234   20.713  1.00 29.59 ? 50  LYS B CD  1 
ATOM   1110 C CE  . LYS B 1 53 ? 5.445   7.671   21.480  1.00 37.01 ? 50  LYS B CE  1 
ATOM   1111 N NZ  . LYS B 1 53 ? 5.271   6.840   22.709  1.00 41.17 ? 50  LYS B NZ  1 
ATOM   1112 N N   . GLY B 1 54 ? 10.606  5.390   17.657  1.00 14.53 ? 51  GLY B N   1 
ATOM   1113 C CA  . GLY B 1 54 ? 11.695  4.467   17.368  1.00 14.95 ? 51  GLY B CA  1 
ATOM   1114 C C   . GLY B 1 54 ? 11.221  3.084   16.957  1.00 16.92 ? 51  GLY B C   1 
ATOM   1115 O O   . GLY B 1 54 ? 11.982  2.117   17.031  1.00 18.25 ? 51  GLY B O   1 
ATOM   1116 N N   . ASP B 1 55 ? 9.966   2.971   16.523  1.00 15.30 ? 52  ASP B N   1 
ATOM   1117 C CA  . ASP B 1 55 ? 9.444   1.693   16.050  1.00 15.04 ? 52  ASP B CA  1 
ATOM   1118 C C   . ASP B 1 55 ? 9.558   1.680   14.538  1.00 11.09 ? 52  ASP B C   1 
ATOM   1119 O O   . ASP B 1 55 ? 8.589   1.963   13.822  1.00 11.61 ? 52  ASP B O   1 
ATOM   1120 C CB  . ASP B 1 55 ? 7.996   1.524   16.487  1.00 15.22 ? 52  ASP B CB  1 
ATOM   1121 C CG  . ASP B 1 55 ? 7.838   1.528   17.993  1.00 19.46 ? 52  ASP B CG  1 
ATOM   1122 O OD1 . ASP B 1 55 ? 8.542   0.753   18.674  1.00 23.20 ? 52  ASP B OD1 1 
ATOM   1123 O OD2 . ASP B 1 55 ? 7.011   2.306   18.507  1.00 16.42 ? 52  ASP B OD2 1 
ATOM   1124 N N   . HIS B 1 56 ? 10.746  1.374   14.038  1.00 11.43 ? 53  HIS B N   1 
ATOM   1125 C CA  . HIS B 1 56 ? 11.017  1.542   12.615  1.00 11.94 ? 53  HIS B CA  1 
ATOM   1126 C C   . HIS B 1 56 ? 10.247  0.573   11.728  1.00 11.98 ? 53  HIS B C   1 
ATOM   1127 O O   . HIS B 1 56 ? 9.797   0.953   10.657  1.00 10.69 ? 53  HIS B O   1 
ATOM   1128 C CB  . HIS B 1 56 ? 12.514  1.459   12.318  1.00 15.97 ? 53  HIS B CB  1 
ATOM   1129 C CG  . HIS B 1 56 ? 13.311  2.586   12.902  1.00 18.05 ? 53  HIS B CG  1 
ATOM   1130 N ND1 . HIS B 1 56 ? 14.645  2.777   12.615  1.00 25.35 ? 53  HIS B ND1 1 
ATOM   1131 C CD2 . HIS B 1 56 ? 12.962  3.577   13.753  1.00 20.73 ? 53  HIS B CD2 1 
ATOM   1132 C CE1 . HIS B 1 56 ? 15.086  3.836   13.270  1.00 23.32 ? 53  HIS B CE1 1 
ATOM   1133 N NE2 . HIS B 1 56 ? 14.089  4.339   13.971  1.00 21.56 ? 53  HIS B NE2 1 
ATOM   1134 N N   . ILE B 1 57 ? 10.090  -0.675  12.157  1.00 10.67 ? 54  ILE B N   1 
ATOM   1135 C CA  . ILE B 1 57 ? 9.363   -1.638  11.339  1.00 10.98 ? 54  ILE B CA  1 
ATOM   1136 C C   . ILE B 1 57 ? 7.904   -1.220  11.223  1.00 11.24 ? 54  ILE B C   1 
ATOM   1137 O O   . ILE B 1 57 ? 7.313   -1.240  10.132  1.00 10.43 ? 54  ILE B O   1 
ATOM   1138 C CB  . ILE B 1 57 ? 9.481   -3.072  11.906  1.00 12.97 ? 54  ILE B CB  1 
ATOM   1139 C CG1 . ILE B 1 57 ? 10.939  -3.540  11.851  1.00 16.58 ? 54  ILE B CG1 1 
ATOM   1140 C CG2 . ILE B 1 57 ? 8.585   -4.026  11.128  1.00 15.01 ? 54  ILE B CG2 1 
ATOM   1141 C CD1 . ILE B 1 57 ? 11.246  -4.791  12.701  1.00 20.10 ? 54  ILE B CD1 1 
ATOM   1142 N N   . THR B 1 58 ? 7.323   -0.822  12.347  1.00 10.10 ? 55  THR B N   1 
ATOM   1143 C CA  . THR B 1 58 ? 5.940   -0.378  12.365  1.00 10.99 ? 55  THR B CA  1 
ATOM   1144 C C   . THR B 1 58 ? 5.732   0.875   11.514  1.00 10.18 ? 55  THR B C   1 
ATOM   1145 O O   . THR B 1 58 ? 4.786   0.957   10.733  1.00 10.80 ? 55  THR B O   1 
ATOM   1146 C CB  . THR B 1 58 ? 5.482   -0.133  13.797  1.00 12.17 ? 55  THR B CB  1 
ATOM   1147 O OG1 . THR B 1 58 ? 5.806   -1.289  14.582  1.00 14.68 ? 55  THR B OG1 1 
ATOM   1148 C CG2 . THR B 1 58 ? 4.002   0.138   13.860  1.00 13.03 ? 55  THR B CG2 1 
ATOM   1149 N N   . SER B 1 59 ? 6.634   1.839   11.663  1.00 8.71  ? 56  SER B N   1 
ATOM   1150 C CA  . SER B 1 59 ? 6.600   3.055   10.864  1.00 8.82  ? 56  SER B CA  1 
ATOM   1151 C C   . SER B 1 59 ? 6.712   2.736   9.381   1.00 8.45  ? 56  SER B C   1 
ATOM   1152 O O   . SER B 1 59 ? 5.977   3.303   8.579   1.00 8.66  ? 56  SER B O   1 
ATOM   1153 C CB  . SER B 1 59 ? 7.755   3.969   11.285  1.00 9.38  ? 56  SER B CB  1 
ATOM   1154 O OG  . SER B 1 59 ? 7.783   5.155   10.511  1.00 9.96  ? 56  SER B OG  1 
ATOM   1155 N N   . PHE B 1 60 ? 7.616   1.829   9.037   1.00 8.57  ? 57  PHE B N   1 
ATOM   1156 C CA  . PHE B 1 60 ? 7.847   1.428   7.663   1.00 8.86  ? 57  PHE B CA  1 
ATOM   1157 C C   . PHE B 1 60 ? 6.613   0.752   7.077   1.00 8.27  ? 57  PHE B C   1 
ATOM   1158 O O   . PHE B 1 60 ? 6.237   1.026   5.938   1.00 9.78  ? 57  PHE B O   1 
ATOM   1159 C CB  . PHE B 1 60 ? 9.073   0.504   7.629   1.00 10.12 ? 57  PHE B CB  1 
ATOM   1160 C CG  . PHE B 1 60 ? 9.398   -0.071  6.272   1.00 9.78  ? 57  PHE B CG  1 
ATOM   1161 C CD1 . PHE B 1 60 ? 9.766   0.738   5.207   1.00 11.77 ? 57  PHE B CD1 1 
ATOM   1162 C CD2 . PHE B 1 60 ? 9.374   -1.446  6.079   1.00 12.26 ? 57  PHE B CD2 1 
ATOM   1163 C CE1 . PHE B 1 60 ? 10.075  0.180   3.962   1.00 13.08 ? 57  PHE B CE1 1 
ATOM   1164 C CE2 . PHE B 1 60 ? 9.698   -2.001  4.851   1.00 12.07 ? 57  PHE B CE2 1 
ATOM   1165 C CZ  . PHE B 1 60 ? 10.030  -1.190  3.790   1.00 12.69 ? 57  PHE B CZ  1 
ATOM   1166 N N   . GLY B 1 61 ? 5.958   -0.105  7.851   1.00 8.61  ? 58  GLY B N   1 
ATOM   1167 C CA  . GLY B 1 61 ? 4.730   -0.720  7.380   1.00 10.40 ? 58  GLY B CA  1 
ATOM   1168 C C   . GLY B 1 61 ? 3.663   0.308   7.078   1.00 8.47  ? 58  GLY B C   1 
ATOM   1169 O O   . GLY B 1 61 ? 2.941   0.212   6.071   1.00 8.99  ? 58  GLY B O   1 
ATOM   1170 N N   . CYS B 1 62 ? 3.532   1.296   7.964   1.00 8.57  ? 59  CYS B N   1 
ATOM   1171 C CA  . CYS B 1 62 ? 2.511   2.320   7.783   1.00 8.32  ? 59  CYS B CA  1 
ATOM   1172 C C   . CYS B 1 62 ? 2.774   3.136   6.531   1.00 7.96  ? 59  CYS B C   1 
ATOM   1173 O O   . CYS B 1 62 ? 1.840   3.416   5.770   1.00 8.19  ? 59  CYS B O   1 
ATOM   1174 C CB  . CYS B 1 62 ? 2.431   3.248   9.001   1.00 9.04  ? 59  CYS B CB  1 
ATOM   1175 S SG  . CYS B 1 62 ? 1.677   2.461   10.436  1.00 10.60 ? 59  CYS B SG  1 
ATOM   1176 N N   . ILE B 1 63 ? 4.023   3.520   6.292   1.00 7.71  ? 60  ILE B N   1 
ATOM   1177 C CA  A ILE B 1 63 ? 4.326   4.362   5.139   0.53 9.77  ? 60  ILE B CA  1 
ATOM   1178 C CA  B ILE B 1 63 ? 4.270   4.359   5.136   0.47 9.78  ? 60  ILE B CA  1 
ATOM   1179 C C   . ILE B 1 63 ? 4.190   3.592   3.819   1.00 8.27  ? 60  ILE B C   1 
ATOM   1180 O O   . ILE B 1 63 ? 3.696   4.119   2.832   1.00 9.02  ? 60  ILE B O   1 
ATOM   1181 C CB  A ILE B 1 63 ? 5.711   5.071   5.262   0.53 10.74 ? 60  ILE B CB  1 
ATOM   1182 C CB  B ILE B 1 63 ? 5.566   5.169   5.230   0.47 10.94 ? 60  ILE B CB  1 
ATOM   1183 C CG1 A ILE B 1 63 ? 5.794   6.240   4.277   0.53 12.59 ? 60  ILE B CG1 1 
ATOM   1184 C CG1 B ILE B 1 63 ? 5.504   6.274   4.192   0.47 12.40 ? 60  ILE B CG1 1 
ATOM   1185 C CG2 A ILE B 1 63 ? 6.863   4.097   5.071   0.53 13.20 ? 60  ILE B CG2 1 
ATOM   1186 C CG2 B ILE B 1 63 ? 6.791   4.299   5.007   0.47 13.10 ? 60  ILE B CG2 1 
ATOM   1187 C CD1 A ILE B 1 63 ? 4.607   7.167   4.349   0.53 14.93 ? 60  ILE B CD1 1 
ATOM   1188 C CD1 B ILE B 1 63 ? 6.509   7.247   4.382   0.47 20.70 ? 60  ILE B CD1 1 
ATOM   1189 N N   . THR B 1 64 ? 4.615   2.338   3.799   1.00 8.51  ? 61  THR B N   1 
ATOM   1190 C CA  A THR B 1 64 ? 4.506   1.547   2.566   0.61 8.53  ? 61  THR B CA  1 
ATOM   1191 C CA  B THR B 1 64 ? 4.523   1.561   2.589   0.39 8.54  ? 61  THR B CA  1 
ATOM   1192 C C   . THR B 1 64 ? 3.052   1.247   2.242   1.00 8.92  ? 61  THR B C   1 
ATOM   1193 O O   . THR B 1 64 ? 2.659   1.244   1.076   1.00 8.89  ? 61  THR B O   1 
ATOM   1194 C CB  A THR B 1 64 ? 5.325   0.219   2.577   0.61 9.62  ? 61  THR B CB  1 
ATOM   1195 C CB  B THR B 1 64 ? 5.381   0.315   2.734   0.39 9.57  ? 61  THR B CB  1 
ATOM   1196 O OG1 A THR B 1 64 ? 4.997   -0.567  3.730   0.61 8.86  ? 61  THR B OG1 1 
ATOM   1197 O OG1 B THR B 1 64 ? 6.713   0.709   3.104   0.39 12.81 ? 61  THR B OG1 1 
ATOM   1198 C CG2 A THR B 1 64 ? 6.830   0.486   2.530   0.61 9.96  ? 61  THR B CG2 1 
ATOM   1199 C CG2 B THR B 1 64 ? 5.444   -0.387  1.444   0.39 9.93  ? 61  THR B CG2 1 
ATOM   1200 N N   . TYR B 1 65 ? 2.237   1.015   3.265   1.00 8.20  ? 62  TYR B N   1 
ATOM   1201 C CA  . TYR B 1 65 ? 0.799   0.863   3.061   1.00 7.73  ? 62  TYR B CA  1 
ATOM   1202 C C   . TYR B 1 65 ? 0.222   2.135   2.447   1.00 7.53  ? 62  TYR B C   1 
ATOM   1203 O O   . TYR B 1 65 ? -0.526  2.096   1.459   1.00 8.75  ? 62  TYR B O   1 
ATOM   1204 C CB  . TYR B 1 65 ? 0.112   0.568   4.389   1.00 8.58  ? 62  TYR B CB  1 
ATOM   1205 C CG  . TYR B 1 65 ? -1.358  0.312   4.278   1.00 7.16  ? 62  TYR B CG  1 
ATOM   1206 C CD1 . TYR B 1 65 ? -1.839  -0.779  3.558   1.00 7.73  ? 62  TYR B CD1 1 
ATOM   1207 C CD2 . TYR B 1 65 ? -2.275  1.154   4.904   1.00 9.08  ? 62  TYR B CD2 1 
ATOM   1208 C CE1 . TYR B 1 65 ? -3.207  -1.014  3.463   1.00 8.99  ? 62  TYR B CE1 1 
ATOM   1209 C CE2 . TYR B 1 65 ? -3.643  0.926   4.808   1.00 8.96  ? 62  TYR B CE2 1 
ATOM   1210 C CZ  . TYR B 1 65 ? -4.096  -0.165  4.091   1.00 8.21  ? 62  TYR B CZ  1 
ATOM   1211 O OH  . TYR B 1 65 ? -5.456  -0.373  4.018   1.00 9.62  ? 62  TYR B OH  1 
ATOM   1212 N N   . ALA B 1 66 ? 0.568   3.280   3.036   1.00 7.97  ? 63  ALA B N   1 
ATOM   1213 C CA  . ALA B 1 66 ? 0.077   4.566   2.530   1.00 8.40  ? 63  ALA B CA  1 
ATOM   1214 C C   . ALA B 1 66 ? 0.532   4.840   1.101   1.00 6.73  ? 63  ALA B C   1 
ATOM   1215 O O   . ALA B 1 66 ? -0.217  5.383   0.296   1.00 8.71  ? 63  ALA B O   1 
ATOM   1216 C CB  . ALA B 1 66 ? 0.491   5.704   3.462   1.00 8.80  ? 63  ALA B CB  1 
ATOM   1217 N N   . GLU B 1 67 ? 1.763   4.453   0.792   1.00 8.01  ? 64  GLU B N   1 
ATOM   1218 C CA  . GLU B 1 67 ? 2.271   4.558   -0.575  1.00 8.68  ? 64  GLU B CA  1 
ATOM   1219 C C   . GLU B 1 67 ? 1.450   3.716   -1.548  1.00 8.22  ? 64  GLU B C   1 
ATOM   1220 O O   . GLU B 1 67 ? 1.164   4.157   -2.650  1.00 9.77  ? 64  GLU B O   1 
ATOM   1221 C CB  . GLU B 1 67 ? 3.747   4.160   -0.640  1.00 9.45  ? 64  GLU B CB  1 
ATOM   1222 C CG  . GLU B 1 67 ? 4.653   5.181   0.004   1.00 11.36 ? 64  GLU B CG  1 
ATOM   1223 C CD  . GLU B 1 67 ? 6.067   4.669   0.218   1.00 14.66 ? 64  GLU B CD  1 
ATOM   1224 O OE1 . GLU B 1 67 ? 6.967   5.510   0.447   1.00 16.17 ? 64  GLU B OE1 1 
ATOM   1225 O OE2 . GLU B 1 67 ? 6.287   3.434   0.178   1.00 15.15 ? 64  GLU B OE2 1 
ATOM   1226 N N   . GLY B 1 68 ? 1.068   2.511   -1.145  1.00 7.89  ? 65  GLY B N   1 
ATOM   1227 C CA  . GLY B 1 68 ? 0.253   1.659   -1.999  1.00 8.58  ? 65  GLY B CA  1 
ATOM   1228 C C   . GLY B 1 68 ? -1.121  2.259   -2.233  1.00 8.50  ? 65  GLY B C   1 
ATOM   1229 O O   . GLY B 1 68 ? -1.614  2.278   -3.358  1.00 8.91  ? 65  GLY B O   1 
ATOM   1230 N N   . LEU B 1 69 ? -1.746  2.772   -1.181  1.00 8.20  ? 66  LEU B N   1 
ATOM   1231 C CA  . LEU B 1 69 ? -3.034  3.439   -1.341  1.00 8.40  ? 66  LEU B CA  1 
ATOM   1232 C C   . LEU B 1 69 ? -2.927  4.596   -2.334  1.00 9.05  ? 66  LEU B C   1 
ATOM   1233 O O   . LEU B 1 69 ? -3.758  4.756   -3.226  1.00 9.96  ? 66  LEU B O   1 
ATOM   1234 C CB  . LEU B 1 69 ? -3.509  3.992   0.002   1.00 9.30  ? 66  LEU B CB  1 
ATOM   1235 C CG  . LEU B 1 69 ? -3.895  2.988   1.086   1.00 8.52  ? 66  LEU B CG  1 
ATOM   1236 C CD1 . LEU B 1 69 ? -4.071  3.726   2.409   1.00 9.62  ? 66  LEU B CD1 1 
ATOM   1237 C CD2 . LEU B 1 69 ? -5.161  2.241   0.718   1.00 9.35  ? 66  LEU B CD2 1 
ATOM   1238 N N   . THR B 1 70 ? -1.884  5.399   -2.171  1.00 9.67  ? 67  THR B N   1 
ATOM   1239 C CA  . THR B 1 70 ? -1.687  6.595   -2.986  1.00 10.47 ? 67  THR B CA  1 
ATOM   1240 C C   . THR B 1 70 ? -1.356  6.257   -4.437  1.00 11.51 ? 67  THR B C   1 
ATOM   1241 O O   . THR B 1 70 ? -1.920  6.848   -5.376  1.00 11.43 ? 67  THR B O   1 
ATOM   1242 C CB  . THR B 1 70 ? -0.580  7.477   -2.374  1.00 10.88 ? 67  THR B CB  1 
ATOM   1243 O OG1 . THR B 1 70 ? -0.933  7.808   -1.023  1.00 11.68 ? 67  THR B OG1 1 
ATOM   1244 C CG2 . THR B 1 70 ? -0.419  8.746   -3.177  1.00 12.42 ? 67  THR B CG2 1 
ATOM   1245 N N   . ASP B 1 71 ? -0.454  5.304   -4.633  1.00 11.13 ? 68  ASP B N   1 
ATOM   1246 C CA  . ASP B 1 71 ? -0.029  4.929   -5.978  1.00 11.56 ? 68  ASP B CA  1 
ATOM   1247 C C   . ASP B 1 71 ? -1.153  4.294   -6.792  1.00 11.43 ? 68  ASP B C   1 
ATOM   1248 O O   . ASP B 1 71 ? -1.216  4.456   -8.009  1.00 12.65 ? 68  ASP B O   1 
ATOM   1249 C CB  . ASP B 1 71 ? 1.176   3.991   -5.918  1.00 12.15 ? 68  ASP B CB  1 
ATOM   1250 C CG  . ASP B 1 71 ? 2.449   4.711   -5.538  1.00 13.23 ? 68  ASP B CG  1 
ATOM   1251 O OD1 . ASP B 1 71 ? 2.429   5.955   -5.479  1.00 16.63 ? 68  ASP B OD1 1 
ATOM   1252 O OD2 . ASP B 1 71 ? 3.465   4.034   -5.299  1.00 15.00 ? 68  ASP B OD2 1 
ATOM   1253 N N   . SER B 1 72 ? -2.038  3.575   -6.113  1.00 9.92  ? 69  SER B N   1 
ATOM   1254 C CA  A SER B 1 72 ? -3.196  3.027   -6.803  0.49 11.87 ? 69  SER B CA  1 
ATOM   1255 C CA  B SER B 1 72 ? -3.201  3.028   -6.791  0.51 11.88 ? 69  SER B CA  1 
ATOM   1256 C C   . SER B 1 72 ? -3.999  4.165   -7.428  1.00 11.37 ? 69  SER B C   1 
ATOM   1257 O O   . SER B 1 72 ? -4.387  4.091   -8.599  1.00 12.84 ? 69  SER B O   1 
ATOM   1258 C CB  A SER B 1 72 ? -4.079  2.255   -5.835  0.49 12.69 ? 69  SER B CB  1 
ATOM   1259 C CB  B SER B 1 72 ? -4.070  2.255   -5.803  0.51 12.70 ? 69  SER B CB  1 
ATOM   1260 O OG  A SER B 1 72 ? -4.791  3.168   -5.029  0.49 9.80  ? 69  SER B OG  1 
ATOM   1261 O OG  B SER B 1 72 ? -5.238  1.772   -6.434  0.51 13.73 ? 69  SER B OG  1 
ATOM   1262 N N   . LEU B 1 73 ? -4.237  5.231   -6.660  1.00 11.17 ? 70  LEU B N   1 
ATOM   1263 C CA  . LEU B 1 73 ? -4.968  6.379   -7.196  1.00 13.03 ? 70  LEU B CA  1 
ATOM   1264 C C   . LEU B 1 73 ? -4.229  7.026   -8.356  1.00 12.13 ? 70  LEU B C   1 
ATOM   1265 O O   . LEU B 1 73 ? -4.845  7.400   -9.367  1.00 14.95 ? 70  LEU B O   1 
ATOM   1266 C CB  . LEU B 1 73 ? -5.258  7.416   -6.109  1.00 13.09 ? 70  LEU B CB  1 
ATOM   1267 C CG  . LEU B 1 73 ? -6.180  6.911   -5.003  1.00 12.61 ? 70  LEU B CG  1 
ATOM   1268 C CD1 . LEU B 1 73 ? -6.500  8.050   -4.064  1.00 17.86 ? 70  LEU B CD1 1 
ATOM   1269 C CD2 . LEU B 1 73 ? -7.453  6.317   -5.580  1.00 16.96 ? 70  LEU B CD2 1 
ATOM   1270 N N   . ARG B 1 74 ? -2.918  7.174   -8.220  1.00 12.88 ? 71  ARG B N   1 
ATOM   1271 C CA  . ARG B 1 74 ? -2.112  7.730   -9.295  1.00 13.61 ? 71  ARG B CA  1 
ATOM   1272 C C   . ARG B 1 74 ? -2.243  6.907   -10.576 1.00 14.25 ? 71  ARG B C   1 
ATOM   1273 O O   . ARG B 1 74 ? -2.332  7.475   -11.669 1.00 15.51 ? 71  ARG B O   1 
ATOM   1274 C CB  . ARG B 1 74 ? -0.652  7.845   -8.852  1.00 14.94 ? 71  ARG B CB  1 
ATOM   1275 C CG  . ARG B 1 74 ? -0.456  8.860   -7.730  1.00 14.84 ? 71  ARG B CG  1 
ATOM   1276 C CD  . ARG B 1 74 ? 1.007   8.988   -7.319  1.00 20.62 ? 71  ARG B CD  1 
ATOM   1277 N NE  . ARG B 1 74 ? 1.818   9.515   -8.414  1.00 31.81 ? 71  ARG B NE  1 
ATOM   1278 C CZ  . ARG B 1 74 ? 3.143   9.613   -8.389  1.00 35.30 ? 71  ARG B CZ  1 
ATOM   1279 N NH1 . ARG B 1 74 ? 3.821   9.211   -7.325  1.00 36.48 ? 71  ARG B NH1 1 
ATOM   1280 N NH2 . ARG B 1 74 ? 3.791   10.106  -9.435  1.00 41.32 ? 71  ARG B NH2 1 
ATOM   1281 N N   . MET B 1 75 ? -2.296  5.583   -10.448 1.00 12.57 ? 72  MET B N   1 
ATOM   1282 C CA  . MET B 1 75 ? -2.427  4.694   -11.609 1.00 13.68 ? 72  MET B CA  1 
ATOM   1283 C C   . MET B 1 75 ? -3.791  4.799   -12.280 1.00 12.98 ? 72  MET B C   1 
ATOM   1284 O O   . MET B 1 75 ? -3.953  4.405   -13.437 1.00 17.26 ? 72  MET B O   1 
ATOM   1285 C CB  . MET B 1 75 ? -2.151  3.240   -11.205 1.00 14.56 ? 72  MET B CB  1 
ATOM   1286 C CG  . MET B 1 75 ? -0.708  3.001   -10.787 1.00 15.21 ? 72  MET B CG  1 
ATOM   1287 S SD  . MET B 1 75 ? -0.407  1.327   -10.195 1.00 15.40 ? 72  MET B SD  1 
ATOM   1288 C CE  . MET B 1 75 ? -0.617  0.390   -11.705 1.00 16.78 ? 72  MET B CE  1 
ATOM   1289 N N   . LEU B 1 76 ? -4.774  5.313   -11.556 1.00 12.63 ? 73  LEU B N   1 
ATOM   1290 C CA  . LEU B 1 76 ? -6.096  5.497   -12.134 1.00 12.87 ? 73  LEU B CA  1 
ATOM   1291 C C   . LEU B 1 76 ? -6.269  6.903   -12.707 1.00 13.90 ? 73  LEU B C   1 
ATOM   1292 O O   . LEU B 1 76 ? -7.320  7.224   -13.259 1.00 16.78 ? 73  LEU B O   1 
ATOM   1293 C CB  . LEU B 1 76 ? -7.174  5.217   -11.087 1.00 14.82 ? 73  LEU B CB  1 
ATOM   1294 C CG  . LEU B 1 76 ? -7.107  3.841   -10.423 1.00 16.93 ? 73  LEU B CG  1 
ATOM   1295 C CD1 . LEU B 1 76 ? -8.286  3.685   -9.464  1.00 16.40 ? 73  LEU B CD1 1 
ATOM   1296 C CD2 . LEU B 1 76 ? -7.072  2.694   -11.432 1.00 16.13 ? 73  LEU B CD2 1 
ATOM   1297 N N   . HIS B 1 77 ? -5.235  7.728   -12.571 1.00 13.18 ? 74  HIS B N   1 
ATOM   1298 C CA  . HIS B 1 77 ? -5.277  9.112   -13.042 1.00 14.34 ? 74  HIS B CA  1 
ATOM   1299 C C   . HIS B 1 77 ? -4.042  9.439   -13.873 1.00 14.02 ? 74  HIS B C   1 
ATOM   1300 O O   . HIS B 1 77 ? -3.382  10.451  -13.656 1.00 17.75 ? 74  HIS B O   1 
ATOM   1301 C CB  . HIS B 1 77 ? -5.399  10.071  -11.853 1.00 17.23 ? 74  HIS B CB  1 
ATOM   1302 C CG  . HIS B 1 77 ? -6.734  10.021  -11.178 1.00 19.52 ? 74  HIS B CG  1 
ATOM   1303 N ND1 . HIS B 1 77 ? -7.811  10.774  -11.603 1.00 22.55 ? 74  HIS B ND1 1 
ATOM   1304 C CD2 . HIS B 1 77 ? -7.177  9.302   -10.119 1.00 19.02 ? 74  HIS B CD2 1 
ATOM   1305 C CE1 . HIS B 1 77 ? -8.854  10.525  -10.831 1.00 27.99 ? 74  HIS B CE1 1 
ATOM   1306 N NE2 . HIS B 1 77 ? -8.495  9.636   -9.920  1.00 27.05 ? 74  HIS B NE2 1 
ATOM   1307 N N   . ARG B 1 78 ? -3.730  8.563   -14.821 1.00 19.15 ? 75  ARG B N   1 
ATOM   1308 C CA  . ARG B 1 78 ? -2.633  8.796   -15.751 1.00 20.76 ? 75  ARG B CA  1 
ATOM   1309 C C   . ARG B 1 78 ? -2.897  10.083  -16.539 1.00 17.04 ? 75  ARG B C   1 
ATOM   1310 O O   . ARG B 1 78 ? -4.020  10.317  -16.990 1.00 19.47 ? 75  ARG B O   1 
ATOM   1311 C CB  . ARG B 1 78 ? -2.521  7.600   -16.702 1.00 30.30 ? 75  ARG B CB  1 
ATOM   1312 C CG  . ARG B 1 78 ? -1.137  7.350   -17.284 1.00 33.80 ? 75  ARG B CG  1 
ATOM   1313 C CD  . ARG B 1 78 ? -0.985  5.890   -17.755 1.00 27.00 ? 75  ARG B CD  1 
ATOM   1314 N NE  . ARG B 1 78 ? -2.177  5.399   -18.447 1.00 32.53 ? 75  ARG B NE  1 
ATOM   1315 C CZ  . ARG B 1 78 ? -2.974  4.437   -17.984 1.00 22.72 ? 75  ARG B CZ  1 
ATOM   1316 N NH1 . ARG B 1 78 ? -2.701  3.831   -16.833 1.00 28.28 ? 75  ARG B NH1 1 
ATOM   1317 N NH2 . ARG B 1 78 ? -4.037  4.067   -18.682 1.00 23.12 ? 75  ARG B NH2 1 
ATOM   1318 N N   . ILE B 1 79 ? -1.867  10.909  -16.690 1.00 17.95 ? 76  ILE B N   1 
ATOM   1319 C CA  . ILE B 1 79 ? -1.992  12.169  -17.425 1.00 18.32 ? 76  ILE B CA  1 
ATOM   1320 C C   . ILE B 1 79 ? -2.383  11.921  -18.877 1.00 18.15 ? 76  ILE B C   1 
ATOM   1321 O O   . ILE B 1 79 ? -3.224  12.626  -19.435 1.00 24.39 ? 76  ILE B O   1 
ATOM   1322 C CB  . ILE B 1 79 ? -0.694  13.018  -17.335 1.00 25.96 ? 76  ILE B CB  1 
ATOM   1323 C CG1 . ILE B 1 79 ? -0.866  14.350  -18.070 1.00 26.75 ? 76  ILE B CG1 1 
ATOM   1324 C CG2 . ILE B 1 79 ? 0.511   12.249  -17.857 1.00 26.10 ? 76  ILE B CG2 1 
ATOM   1325 C CD1 . ILE B 1 79 ? -1.822  15.294  -17.378 1.00 28.70 ? 76  ILE B CD1 1 
ATOM   1326 N N   . ILE B 1 80 ? -1.774  10.900  -19.469 1.00 18.89 ? 77  ILE B N   1 
ATOM   1327 C CA  . ILE B 1 80 ? -2.121  10.451  -20.803 1.00 23.79 ? 77  ILE B CA  1 
ATOM   1328 C C   . ILE B 1 80 ? -2.732  9.065   -20.633 1.00 23.71 ? 77  ILE B C   1 
ATOM   1329 O O   . ILE B 1 80 ? -2.021  8.088   -20.376 1.00 24.63 ? 77  ILE B O   1 
ATOM   1330 C CB  . ILE B 1 80 ? -0.876  10.385  -21.710 1.00 24.62 ? 77  ILE B CB  1 
ATOM   1331 C CG1 . ILE B 1 80 ? -0.325  11.795  -21.965 1.00 27.75 ? 77  ILE B CG1 1 
ATOM   1332 C CG2 . ILE B 1 80 ? -1.202  9.682   -23.024 1.00 31.77 ? 77  ILE B CG2 1 
ATOM   1333 C CD1 . ILE B 1 80 ? -1.168  12.619  -22.906 1.00 30.20 ? 77  ILE B CD1 1 
ATOM   1334 N N   . GLU B 1 81 ? -4.052  8.990   -20.757 1.00 19.66 ? 78  GLU B N   1 
ATOM   1335 C CA  . GLU B 1 81 ? -4.781  7.765   -20.427 1.00 25.69 ? 78  GLU B CA  1 
ATOM   1336 C C   . GLU B 1 81 ? -4.488  6.623   -21.399 1.00 27.85 ? 78  GLU B C   1 
ATOM   1337 O O   . GLU B 1 81 ? -4.183  5.497   -20.987 1.00 26.61 ? 78  GLU B O   1 
ATOM   1338 C CB  . GLU B 1 81 ? -6.287  8.040   -20.362 1.00 24.03 ? 78  GLU B CB  1 
ATOM   1339 C CG  . GLU B 1 81 ? -7.148  6.794   -20.247 1.00 26.15 ? 78  GLU B CG  1 
ATOM   1340 C CD  . GLU B 1 81 ? -6.931  6.037   -18.951 1.00 28.07 ? 78  GLU B CD  1 
ATOM   1341 O OE1 . GLU B 1 81 ? -6.428  6.628   -17.969 1.00 23.75 ? 78  GLU B OE1 1 
ATOM   1342 O OE2 . GLU B 1 81 ? -7.273  4.838   -18.917 1.00 26.98 ? 78  GLU B OE2 1 
ATOM   1343 N N   . GLY B 1 82 ? -4.575  6.915   -22.691 1.00 26.17 ? 79  GLY B N   1 
ATOM   1344 C CA  . GLY B 1 82 ? -4.337  5.909   -23.706 1.00 28.60 ? 79  GLY B CA  1 
ATOM   1345 C C   . GLY B 1 82 ? -5.413  4.844   -23.740 1.00 32.34 ? 79  GLY B C   1 
ATOM   1346 O O   . GLY B 1 82 ? -5.129  3.677   -24.012 1.00 26.36 ? 79  GLY B O   1 
HETATM 1347 U U   . IUM C 2 .  ? 5.242   -21.522 7.901   0.33 14.46 ? 101 IUM A U   1 
HETATM 1348 O O1  . IUM C 2 .  ? 6.240   -20.823 9.221   0.33 18.36 ? 101 IUM A O1  1 
HETATM 1349 O O2  . IUM C 2 .  ? 4.226   -22.238 6.602   0.33 20.29 ? 101 IUM A O2  1 
HETATM 1350 U U   . IUM D 2 .  ? 4.375   6.830   -4.409  0.33 16.59 ? 101 IUM B U   1 
HETATM 1351 O O1  . IUM D 2 .  ? 5.121   7.012   -6.032  0.33 14.65 ? 101 IUM B O1  1 
HETATM 1352 O O2  . IUM D 2 .  ? 3.560   6.685   -2.811  0.33 12.32 ? 101 IUM B O2  1 
HETATM 1353 O O   . HOH E 3 .  ? -6.564  -5.440  3.153   1.00 2.29  ? 201 HOH A O   1 
HETATM 1354 O O   . HOH E 3 .  ? 10.148  -16.446 -4.858  1.00 10.92 ? 202 HOH A O   1 
HETATM 1355 O O   . HOH E 3 .  ? 2.169   -8.165  9.259   1.00 12.51 ? 203 HOH A O   1 
HETATM 1356 O O   . HOH E 3 .  ? 8.487   -20.490 0.786   1.00 15.93 ? 204 HOH A O   1 
HETATM 1357 O O   . HOH E 3 .  ? 0.791   -3.056  -13.620 1.00 21.70 ? 205 HOH A O   1 
HETATM 1358 O O   . HOH E 3 .  ? 17.491  -8.365  0.401   1.00 21.21 ? 206 HOH A O   1 
HETATM 1359 O O   . HOH E 3 .  ? -9.190  1.772   -17.723 1.00 19.46 ? 207 HOH A O   1 
HETATM 1360 O O   . HOH E 3 .  ? 3.589   -13.204 -11.204 1.00 18.46 ? 208 HOH A O   1 
HETATM 1361 O O   . HOH E 3 .  ? -8.721  5.164   -14.680 1.00 22.24 ? 209 HOH A O   1 
HETATM 1362 O O   . HOH E 3 .  ? 1.591   -17.676 2.517   1.00 22.61 ? 210 HOH A O   1 
HETATM 1363 O O   . HOH E 3 .  ? -18.298 2.177   -4.755  1.00 21.44 ? 211 HOH A O   1 
HETATM 1364 O O   . HOH E 3 .  ? 12.901  -7.501  11.205  1.00 22.78 ? 212 HOH A O   1 
HETATM 1365 O O   . HOH E 3 .  ? 15.191  -8.100  7.233   1.00 22.59 ? 213 HOH A O   1 
HETATM 1366 O O   . HOH E 3 .  ? -10.441 3.227   -13.596 1.00 23.52 ? 214 HOH A O   1 
HETATM 1367 O O   . HOH E 3 .  ? 15.181  -10.565 8.289   1.00 26.29 ? 215 HOH A O   1 
HETATM 1368 O O   . HOH E 3 .  ? -11.554 -0.349  -19.098 1.00 25.86 ? 216 HOH A O   1 
HETATM 1369 O O   . HOH E 3 .  ? -15.613 4.472   -7.145  1.00 26.11 ? 217 HOH A O   1 
HETATM 1370 O O   . HOH E 3 .  ? 11.452  -11.457 11.618  1.00 27.91 ? 218 HOH A O   1 
HETATM 1371 O O   . HOH E 3 .  ? -21.728 5.076   -1.600  1.00 39.44 ? 219 HOH A O   1 
HETATM 1372 O O   . HOH E 3 .  ? 2.957   -11.219 -10.815 1.00 29.83 ? 220 HOH A O   1 
HETATM 1373 O O   . HOH E 3 .  ? -12.521 -6.768  -14.999 1.00 28.86 ? 221 HOH A O   1 
HETATM 1374 O O   . HOH E 3 .  ? -19.019 -7.132  -11.384 1.00 25.33 ? 222 HOH A O   1 
HETATM 1375 O O   . HOH E 3 .  ? -17.722 -3.623  -11.013 1.00 29.65 ? 223 HOH A O   1 
HETATM 1376 O O   . HOH E 3 .  ? 1.177   -20.711 6.864   1.00 34.28 ? 224 HOH A O   1 
HETATM 1377 O O   . HOH E 3 .  ? 9.438   -19.025 12.861  1.00 26.25 ? 225 HOH A O   1 
HETATM 1378 O O   . HOH E 3 .  ? 16.022  -4.166  0.277   1.00 27.99 ? 226 HOH A O   1 
HETATM 1379 O O   . HOH E 3 .  ? 18.287  -10.591 -3.750  1.00 34.31 ? 227 HOH A O   1 
HETATM 1380 O O   . HOH E 3 .  ? 16.680  -5.385  4.581   1.00 31.74 ? 228 HOH A O   1 
HETATM 1381 O O   . HOH E 3 .  ? 3.155   -1.695  -12.247 1.00 28.25 ? 229 HOH A O   1 
HETATM 1382 O O   . HOH E 3 .  ? -14.427 0.617   -12.203 1.00 31.66 ? 230 HOH A O   1 
HETATM 1383 O O   . HOH E 3 .  ? -15.500 -1.347  -13.686 1.00 35.21 ? 231 HOH A O   1 
HETATM 1384 O O   . HOH E 3 .  ? 2.609   -20.272 4.352   1.00 37.13 ? 232 HOH A O   1 
HETATM 1385 O O   . HOH E 3 .  ? -5.100  -7.893  -13.772 1.00 29.74 ? 233 HOH A O   1 
HETATM 1386 O O   . HOH E 3 .  ? -21.801 -7.669  -4.308  1.00 26.79 ? 234 HOH A O   1 
HETATM 1387 O O   . HOH E 3 .  ? 17.902  -14.024 7.714   1.00 36.50 ? 235 HOH A O   1 
HETATM 1388 O O   . HOH E 3 .  ? -19.475 -9.561  -10.117 1.00 25.57 ? 236 HOH A O   1 
HETATM 1389 O O   . HOH E 3 .  ? 17.323  -10.892 -0.470  1.00 29.10 ? 237 HOH A O   1 
HETATM 1390 O O   . HOH E 3 .  ? 16.976  -7.148  -4.224  1.00 37.89 ? 238 HOH A O   1 
HETATM 1391 O O   . HOH E 3 .  ? 0.953   -0.748  -14.961 1.00 31.74 ? 239 HOH A O   1 
HETATM 1392 O O   . HOH E 3 .  ? 15.283  -3.675  3.926   1.00 32.41 ? 240 HOH A O   1 
HETATM 1393 O O   . HOH E 3 .  ? 0.590   -5.569  9.416   1.00 11.63 ? 241 HOH A O   1 
HETATM 1394 O O   . HOH E 3 .  ? -9.773  -5.077  1.227   1.00 26.38 ? 242 HOH A O   1 
HETATM 1395 O O   . HOH E 3 .  ? 13.369  -8.593  -6.336  1.00 31.61 ? 243 HOH A O   1 
HETATM 1396 O O   . HOH E 3 .  ? -1.537  -15.892 -7.997  1.00 37.59 ? 244 HOH A O   1 
HETATM 1397 O O   . HOH E 3 .  ? -4.561  -12.395 8.979   1.00 31.76 ? 245 HOH A O   1 
HETATM 1398 O O   . HOH E 3 .  ? 0.330   -17.857 0.235   1.00 35.22 ? 246 HOH A O   1 
HETATM 1399 O O   . HOH E 3 .  ? 4.922   -3.874  -11.066 1.00 30.39 ? 247 HOH A O   1 
HETATM 1400 O O   . HOH E 3 .  ? 7.642   -9.012  -9.521  1.00 31.39 ? 248 HOH A O   1 
HETATM 1401 O O   . HOH E 3 .  ? 18.628  -12.337 3.462   1.00 33.45 ? 249 HOH A O   1 
HETATM 1402 O O   . HOH E 3 .  ? 19.503  -11.890 9.128   1.00 44.03 ? 250 HOH A O   1 
HETATM 1403 O O   . HOH E 3 .  ? 6.010   -19.665 2.283   1.00 32.77 ? 251 HOH A O   1 
HETATM 1404 O O   . HOH E 3 .  ? -18.264 -3.969  -5.659  1.00 25.31 ? 252 HOH A O   1 
HETATM 1405 O O   . HOH E 3 .  ? 4.934   -21.940 2.589   1.00 34.51 ? 253 HOH A O   1 
HETATM 1406 O O   . HOH E 3 .  ? -0.983  -18.427 -6.753  1.00 38.30 ? 254 HOH A O   1 
HETATM 1407 O O   . HOH E 3 .  ? -10.957 3.867   -16.936 1.00 36.50 ? 255 HOH A O   1 
HETATM 1408 O O   . HOH E 3 .  ? 11.856  -6.936  -8.414  1.00 35.83 ? 256 HOH A O   1 
HETATM 1409 O O   . HOH E 3 .  ? -0.263  -18.201 -9.106  1.00 38.02 ? 257 HOH A O   1 
HETATM 1410 O O   . HOH E 3 .  ? 17.390  -6.123  -1.482  1.00 34.50 ? 258 HOH A O   1 
HETATM 1411 O O   . HOH E 3 .  ? 18.055  -13.820 -6.611  1.00 29.66 ? 259 HOH A O   1 
HETATM 1412 O O   . HOH E 3 .  ? 7.232   -25.170 9.795   1.00 36.34 ? 260 HOH A O   1 
HETATM 1413 O O   . HOH E 3 .  ? 3.072   5.221   -9.413  1.00 37.57 ? 261 HOH A O   1 
HETATM 1414 O O   . HOH E 3 .  ? 9.094   -1.545  15.160  1.00 16.00 ? 262 HOH A O   1 
HETATM 1415 O O   . HOH E 3 .  ? -5.358  1.294   -20.763 1.00 36.74 ? 263 HOH A O   1 
HETATM 1416 O O   . HOH E 3 .  ? 5.670   -24.068 9.471   1.00 39.67 ? 264 HOH A O   1 
HETATM 1417 O O   . HOH E 3 .  ? 8.373   -2.018  18.463  1.00 32.90 ? 265 HOH A O   1 
HETATM 1418 O O   . HOH F 3 .  ? 11.139  11.079  14.449  1.00 10.61 ? 201 HOH B O   1 
HETATM 1419 O O   . HOH F 3 .  ? 7.772   14.993  5.758   1.00 17.38 ? 202 HOH B O   1 
HETATM 1420 O O   . HOH F 3 .  ? -0.068  12.838  6.821   1.00 18.44 ? 203 HOH B O   1 
HETATM 1421 O O   . HOH F 3 .  ? 6.617   7.814   -0.228  1.00 18.84 ? 204 HOH B O   1 
HETATM 1422 O O   . HOH F 3 .  ? -3.382  1.728   -14.277 1.00 21.52 ? 205 HOH B O   1 
HETATM 1423 O O   . HOH F 3 .  ? 11.606  2.813   2.502   1.00 20.67 ? 206 HOH B O   1 
HETATM 1424 O O   . HOH F 3 .  ? -18.868 16.780  -9.435  1.00 23.29 ? 207 HOH B O   1 
HETATM 1425 O O   . HOH F 3 .  ? 0.521   -0.315  17.624  1.00 18.29 ? 208 HOH B O   1 
HETATM 1426 O O   . HOH F 3 .  ? 19.139  6.345   9.023   1.00 22.73 ? 209 HOH B O   1 
HETATM 1427 O O   . HOH F 3 .  ? 6.913   2.243   21.164  1.00 18.33 ? 210 HOH B O   1 
HETATM 1428 O O   . HOH F 3 .  ? -4.915  5.997   -15.428 1.00 23.23 ? 211 HOH B O   1 
HETATM 1429 O O   . HOH F 3 .  ? -4.723  5.243   11.251  1.00 26.50 ? 212 HOH B O   1 
HETATM 1430 O O   . HOH F 3 .  ? 2.604   8.412   22.746  1.00 26.08 ? 213 HOH B O   1 
HETATM 1431 O O   . HOH F 3 .  ? -14.095 6.526   -7.684  1.00 23.13 ? 214 HOH B O   1 
HETATM 1432 O O   . HOH F 3 .  ? -0.409  15.365  6.214   1.00 24.88 ? 215 HOH B O   1 
HETATM 1433 O O   . HOH F 3 .  ? 14.532  6.400   16.016  1.00 28.99 ? 216 HOH B O   1 
HETATM 1434 O O   . HOH F 3 .  ? -17.473 7.600   -5.463  1.00 28.76 ? 217 HOH B O   1 
HETATM 1435 O O   . HOH F 3 .  ? -13.696 9.052   4.853   1.00 24.33 ? 218 HOH B O   1 
HETATM 1436 O O   . HOH F 3 .  ? -3.607  8.880   12.284  1.00 27.03 ? 219 HOH B O   1 
HETATM 1437 O O   . HOH F 3 .  ? 3.748   12.133  20.041  1.00 34.56 ? 220 HOH B O   1 
HETATM 1438 O O   . HOH F 3 .  ? -4.278  11.116  11.293  1.00 23.78 ? 221 HOH B O   1 
HETATM 1439 O O   . HOH F 3 .  ? 2.921   19.736  3.314   1.00 29.27 ? 222 HOH B O   1 
HETATM 1440 O O   . HOH F 3 .  ? 14.423  -2.801  11.534  1.00 26.30 ? 223 HOH B O   1 
HETATM 1441 O O   . HOH F 3 .  ? 16.376  11.573  4.917   1.00 29.29 ? 224 HOH B O   1 
HETATM 1442 O O   . HOH F 3 .  ? -4.496  13.099  8.543   1.00 31.76 ? 225 HOH B O   1 
HETATM 1443 O O   . HOH F 3 .  ? 0.331   10.473  -14.846 1.00 31.67 ? 226 HOH B O   1 
HETATM 1444 O O   . HOH F 3 .  ? 5.741   8.548   -2.170  1.00 30.99 ? 227 HOH B O   1 
HETATM 1445 O O   . HOH F 3 .  ? -10.133 13.113  1.765   1.00 26.92 ? 228 HOH B O   1 
HETATM 1446 O O   . HOH F 3 .  ? 16.414  6.401   14.715  1.00 31.94 ? 229 HOH B O   1 
HETATM 1447 O O   . HOH F 3 .  ? -11.761 11.079  -9.875  1.00 36.62 ? 230 HOH B O   1 
HETATM 1448 O O   . HOH F 3 .  ? -4.176  5.796   14.514  1.00 40.19 ? 231 HOH B O   1 
HETATM 1449 O O   . HOH F 3 .  ? 6.880   13.163  -4.133  1.00 26.76 ? 232 HOH B O   1 
HETATM 1450 O O   . HOH F 3 .  ? -18.420 10.974  -6.037  1.00 32.26 ? 233 HOH B O   1 
HETATM 1451 O O   . HOH F 3 .  ? 11.004  14.687  -1.013  1.00 35.25 ? 234 HOH B O   1 
HETATM 1452 O O   . HOH F 3 .  ? -4.877  9.496   -24.013 1.00 30.12 ? 235 HOH B O   1 
HETATM 1453 O O   . HOH F 3 .  ? -6.865  12.533  7.506   1.00 33.58 ? 236 HOH B O   1 
HETATM 1454 O O   . HOH F 3 .  ? -12.586 12.250  3.438   1.00 35.72 ? 237 HOH B O   1 
HETATM 1455 O O   . HOH F 3 .  ? 3.416   10.516  22.505  1.00 36.31 ? 238 HOH B O   1 
HETATM 1456 O O   . HOH F 3 .  ? -21.291 9.996   -2.187  1.00 40.30 ? 239 HOH B O   1 
HETATM 1457 O O   . HOH F 3 .  ? -5.766  11.113  -21.401 1.00 31.91 ? 240 HOH B O   1 
HETATM 1458 O O   . HOH F 3 .  ? 13.281  0.094   15.189  1.00 27.07 ? 241 HOH B O   1 
HETATM 1459 O O   . HOH F 3 .  ? 5.474   14.518  -6.285  1.00 39.58 ? 242 HOH B O   1 
HETATM 1460 O O   . HOH F 3 .  ? -0.240  8.638   -12.909 1.00 32.53 ? 243 HOH B O   1 
HETATM 1461 O O   . HOH F 3 .  ? 6.865   17.274  2.032   1.00 32.25 ? 244 HOH B O   1 
HETATM 1462 O O   . HOH F 3 .  ? -1.089  1.376   -15.458 1.00 34.78 ? 245 HOH B O   1 
HETATM 1463 O O   . HOH F 3 .  ? 7.166   17.440  4.634   1.00 39.02 ? 246 HOH B O   1 
HETATM 1464 O O   . HOH F 3 .  ? -0.724  3.733   -14.892 1.00 36.83 ? 247 HOH B O   1 
HETATM 1465 O O   . HOH F 3 .  ? -0.797  5.800   -21.394 1.00 28.82 ? 248 HOH B O   1 
HETATM 1466 O O   . HOH F 3 .  ? -0.190  12.534  -6.452  1.00 26.27 ? 249 HOH B O   1 
HETATM 1467 O O   . HOH F 3 .  ? -6.511  9.309   -16.584 1.00 28.21 ? 250 HOH B O   1 
HETATM 1468 O O   . HOH F 3 .  ? 16.920  13.057  11.148  1.00 33.03 ? 251 HOH B O   1 
HETATM 1469 O O   . HOH F 3 .  ? -1.626  2.514   15.048  1.00 32.48 ? 252 HOH B O   1 
HETATM 1470 O O   . HOH F 3 .  ? 5.872   4.592   -3.956  1.00 30.48 ? 253 HOH B O   1 
HETATM 1471 O O   . HOH F 3 .  ? 2.228   14.158  -7.657  1.00 43.03 ? 254 HOH B O   1 
# 
